data_1DR2
# 
_entry.id   1DR2 
# 
_audit_conform.dict_name       mmcif_pdbx.dic 
_audit_conform.dict_version    5.385 
_audit_conform.dict_location   http://mmcif.pdb.org/dictionaries/ascii/mmcif_pdbx.dic 
# 
loop_
_database_2.database_id 
_database_2.database_code 
_database_2.pdbx_database_accession 
_database_2.pdbx_DOI 
PDB   1DR2         pdb_00001dr2 10.2210/pdb1dr2/pdb 
WWPDB D_1000172896 ?            ?                   
# 
loop_
_pdbx_audit_revision_history.ordinal 
_pdbx_audit_revision_history.data_content_type 
_pdbx_audit_revision_history.major_revision 
_pdbx_audit_revision_history.minor_revision 
_pdbx_audit_revision_history.revision_date 
1 'Structure model' 1 0 1993-10-31 
2 'Structure model' 1 1 2008-03-24 
3 'Structure model' 1 2 2011-07-13 
4 'Structure model' 1 3 2017-11-29 
5 'Structure model' 1 4 2024-02-07 
# 
_pdbx_audit_revision_details.ordinal             1 
_pdbx_audit_revision_details.revision_ordinal    1 
_pdbx_audit_revision_details.data_content_type   'Structure model' 
_pdbx_audit_revision_details.provider            repository 
_pdbx_audit_revision_details.type                'Initial release' 
_pdbx_audit_revision_details.description         ? 
_pdbx_audit_revision_details.details             ? 
# 
loop_
_pdbx_audit_revision_group.ordinal 
_pdbx_audit_revision_group.revision_ordinal 
_pdbx_audit_revision_group.data_content_type 
_pdbx_audit_revision_group.group 
1 2 'Structure model' 'Version format compliance' 
2 3 'Structure model' 'Derived calculations'      
3 3 'Structure model' 'Version format compliance' 
4 4 'Structure model' 'Derived calculations'      
5 4 'Structure model' Other                       
6 5 'Structure model' 'Data collection'           
7 5 'Structure model' 'Database references'       
8 5 'Structure model' 'Derived calculations'      
# 
loop_
_pdbx_audit_revision_category.ordinal 
_pdbx_audit_revision_category.revision_ordinal 
_pdbx_audit_revision_category.data_content_type 
_pdbx_audit_revision_category.category 
1 4 'Structure model' pdbx_database_status   
2 4 'Structure model' struct_conf            
3 4 'Structure model' struct_conf_type       
4 5 'Structure model' chem_comp_atom         
5 5 'Structure model' chem_comp_bond         
6 5 'Structure model' database_2             
7 5 'Structure model' pdbx_struct_conn_angle 
8 5 'Structure model' struct_conn            
9 5 'Structure model' struct_site            
# 
loop_
_pdbx_audit_revision_item.ordinal 
_pdbx_audit_revision_item.revision_ordinal 
_pdbx_audit_revision_item.data_content_type 
_pdbx_audit_revision_item.item 
1  4 'Structure model' '_pdbx_database_status.process_site'          
2  5 'Structure model' '_database_2.pdbx_DOI'                        
3  5 'Structure model' '_database_2.pdbx_database_accession'         
4  5 'Structure model' '_pdbx_struct_conn_angle.ptnr1_auth_comp_id'  
5  5 'Structure model' '_pdbx_struct_conn_angle.ptnr1_auth_seq_id'   
6  5 'Structure model' '_pdbx_struct_conn_angle.ptnr1_label_asym_id' 
7  5 'Structure model' '_pdbx_struct_conn_angle.ptnr1_label_atom_id' 
8  5 'Structure model' '_pdbx_struct_conn_angle.ptnr1_label_comp_id' 
9  5 'Structure model' '_pdbx_struct_conn_angle.ptnr1_label_seq_id'  
10 5 'Structure model' '_pdbx_struct_conn_angle.ptnr1_symmetry'      
11 5 'Structure model' '_pdbx_struct_conn_angle.ptnr3_auth_comp_id'  
12 5 'Structure model' '_pdbx_struct_conn_angle.ptnr3_auth_seq_id'   
13 5 'Structure model' '_pdbx_struct_conn_angle.ptnr3_label_asym_id' 
14 5 'Structure model' '_pdbx_struct_conn_angle.ptnr3_label_atom_id' 
15 5 'Structure model' '_pdbx_struct_conn_angle.ptnr3_label_comp_id' 
16 5 'Structure model' '_pdbx_struct_conn_angle.ptnr3_label_seq_id'  
17 5 'Structure model' '_pdbx_struct_conn_angle.ptnr3_symmetry'      
18 5 'Structure model' '_pdbx_struct_conn_angle.value'               
19 5 'Structure model' '_struct_conn.pdbx_dist_value'                
20 5 'Structure model' '_struct_conn.ptnr1_auth_comp_id'             
21 5 'Structure model' '_struct_conn.ptnr1_auth_seq_id'              
22 5 'Structure model' '_struct_conn.ptnr1_label_asym_id'            
23 5 'Structure model' '_struct_conn.ptnr1_label_atom_id'            
24 5 'Structure model' '_struct_conn.ptnr1_label_comp_id'            
25 5 'Structure model' '_struct_conn.ptnr1_label_seq_id'             
26 5 'Structure model' '_struct_conn.ptnr1_symmetry'                 
27 5 'Structure model' '_struct_conn.ptnr2_auth_comp_id'             
28 5 'Structure model' '_struct_conn.ptnr2_auth_seq_id'              
29 5 'Structure model' '_struct_conn.ptnr2_label_asym_id'            
30 5 'Structure model' '_struct_conn.ptnr2_label_atom_id'            
31 5 'Structure model' '_struct_conn.ptnr2_label_comp_id'            
32 5 'Structure model' '_struct_conn.ptnr2_label_seq_id'             
33 5 'Structure model' '_struct_conn.ptnr2_symmetry'                 
34 5 'Structure model' '_struct_site.pdbx_auth_asym_id'              
35 5 'Structure model' '_struct_site.pdbx_auth_comp_id'              
36 5 'Structure model' '_struct_site.pdbx_auth_seq_id'               
# 
_pdbx_database_status.status_code                     REL 
_pdbx_database_status.entry_id                        1DR2 
_pdbx_database_status.recvd_initial_deposition_date   1992-03-14 
_pdbx_database_status.deposit_site                    ? 
_pdbx_database_status.process_site                    BNL 
_pdbx_database_status.SG_entry                        . 
_pdbx_database_status.pdb_format_compatible           Y 
_pdbx_database_status.status_code_mr                  ? 
_pdbx_database_status.status_code_sf                  ? 
_pdbx_database_status.status_code_cs                  ? 
_pdbx_database_status.methods_development_category    ? 
_pdbx_database_status.status_code_nmr_data            ? 
# 
loop_
_audit_author.name 
_audit_author.pdbx_ordinal 
'Mctigue, M.A.'    1 
'Davies /II, J.F.' 2 
'Kaufman, B.T.'    3 
'Xuong, N.-H.'     4 
'Kraut, J.'        5 
# 
loop_
_citation.id 
_citation.title 
_citation.journal_abbrev 
_citation.journal_volume 
_citation.page_first 
_citation.page_last 
_citation.year 
_citation.journal_id_ASTM 
_citation.country 
_citation.journal_id_ISSN 
_citation.journal_id_CSD 
_citation.book_publisher 
_citation.pdbx_database_id_PubMed 
_citation.pdbx_database_id_DOI 
primary 'Crystal structures of chicken liver dihydrofolate reductase: binary thioNADP+ and ternary thioNADP+.biopterin complexes.' 
Biochemistry 32  6855 6862 1993 BICHAW US 0006-2960 0033 ? 8334118 10.1021/bi00078a008 
1       'Crystal Structures of Recombinant Human Dihydrofolate Reductase Complexed with Folate and 5-Deazafolate'                  
Biochemistry 29  9467 ?    1990 BICHAW US 0006-2960 0033 ? ?       ?                   
2       'Refined Crystal Structure of Escherichia Coli and Chicken Liver Dihydrofolate Reductase Containing Bound Trimethoprim'    
J.Biol.Chem. 260 381  ?    1985 JBCHA3 US 0021-9258 0071 ? ?       ?                   
3       'Dihydrofolate Reductase, the Stereochemistry of Inhibitor Selectivity'                                                    
J.Biol.Chem. 260 392  ?    1985 JBCHA3 US 0021-9258 0071 ? ?       ?                   
4       'Crystal Structure of Avian Dihydrofolate Reductase Containing Phenyltriazine and Nadph'                                   
J.Biol.Chem. 257 2528 ?    1982 JBCHA3 US 0021-9258 0071 ? ?       ?                   
5       'Primary Structure of Chicken Liver Dihydrofolate Reductase'                                                               
Biochemistry 19  667  ?    1980 BICHAW US 0006-2960 0033 ? ?       ?                   
# 
loop_
_citation_author.citation_id 
_citation_author.name 
_citation_author.ordinal 
_citation_author.identifier_ORCID 
primary 'McTigue, M.A.'     1  ? 
primary 'Davies 2nd., J.F.' 2  ? 
primary 'Kaufman, B.T.'     3  ? 
primary 'Kraut, J.'         4  ? 
1       'Davies II, J.F.'   5  ? 
1       'Delcamp, T.J.'     6  ? 
1       'Prendergast, N.J.' 7  ? 
1       'Ashford, V.A.'     8  ? 
1       'Freisheim, J.H.'   9  ? 
1       'Kraut, J.'         10 ? 
2       'Matthews, D.A.'    11 ? 
2       'Bolin, J.T.'       12 ? 
2       'Burridge, J.M.'    13 ? 
2       'Filman, D.J.'      14 ? 
2       'Volz, K.W.'        15 ? 
2       'Kaufman, B.T.'     16 ? 
2       'Beddell, C.R.'     17 ? 
2       'Champness, J.N.'   18 ? 
2       'Stammers, D.K.'    19 ? 
2       'Kraut, J.'         20 ? 
3       'Matthews, D.A.'    21 ? 
3       'Bolin, J.T.'       22 ? 
3       'Burridge, J.M.'    23 ? 
3       'Filman, D.J.'      24 ? 
3       'Volz, K.W.'        25 ? 
3       'Kraut, J.'         26 ? 
4       'Volz, K.W.'        27 ? 
4       'Matthews, D.A.'    28 ? 
4       'Alden, R.A.'       29 ? 
4       'Freer, S.T.'       30 ? 
4       'Hansch, C.'        31 ? 
4       'Kaufman, B.T.'     32 ? 
4       'Kraut, J.'         33 ? 
5       'Kumar, A.A.'       34 ? 
5       'Blankenship, D.T.' 35 ? 
5       'Kaufman, B.T.'     36 ? 
5       'Freisheim, J.H.'   37 ? 
# 
loop_
_entity.id 
_entity.type 
_entity.src_method 
_entity.pdbx_description 
_entity.formula_weight 
_entity.pdbx_number_of_molecules 
_entity.pdbx_ec 
_entity.pdbx_mutation 
_entity.pdbx_fragment 
_entity.details 
1 polymer     man 'DIHYDROFOLATE REDUCTASE'                           21679.932 1  1.5.1.3 ? ? ? 
2 non-polymer syn 'CALCIUM ION'                                       40.078    1  ?       ? ? ? 
3 non-polymer syn '7-THIONICOTINAMIDE-ADENINE-DINUCLEOTIDE PHOSPHATE' 759.471   1  ?       ? ? ? 
4 water       nat water                                               18.015    73 ?       ? ? ? 
# 
_entity_poly.entity_id                      1 
_entity_poly.type                           'polypeptide(L)' 
_entity_poly.nstd_linkage                   no 
_entity_poly.nstd_monomer                   no 
_entity_poly.pdbx_seq_one_letter_code       
;VRSLNSIVAVCQNMGIGKDGNLPWPPLRNEYKYFQRMTSTSHVEGKQNAVIMGKKTWFSIPEKNRPLKDRINIVLSRELK
EAPKGAHYLSKSLDDALALLDSPELKSKVDMVWIVGGTAVYKAAMEKPINHRLFVTRILHEFESDTFFPEIDYKDFKLLT
EYPGVPADIQEEDGIQYKFEVYQKSVLAQ
;
_entity_poly.pdbx_seq_one_letter_code_can   
;VRSLNSIVAVCQNMGIGKDGNLPWPPLRNEYKYFQRMTSTSHVEGKQNAVIMGKKTWFSIPEKNRPLKDRINIVLSRELK
EAPKGAHYLSKSLDDALALLDSPELKSKVDMVWIVGGTAVYKAAMEKPINHRLFVTRILHEFESDTFFPEIDYKDFKLLT
EYPGVPADIQEEDGIQYKFEVYQKSVLAQ
;
_entity_poly.pdbx_strand_id                 A 
_entity_poly.pdbx_target_identifier         ? 
# 
loop_
_pdbx_entity_nonpoly.entity_id 
_pdbx_entity_nonpoly.name 
_pdbx_entity_nonpoly.comp_id 
2 'CALCIUM ION'                                       CA  
3 '7-THIONICOTINAMIDE-ADENINE-DINUCLEOTIDE PHOSPHATE' TAP 
4 water                                               HOH 
# 
loop_
_entity_poly_seq.entity_id 
_entity_poly_seq.num 
_entity_poly_seq.mon_id 
_entity_poly_seq.hetero 
1 1   VAL n 
1 2   ARG n 
1 3   SER n 
1 4   LEU n 
1 5   ASN n 
1 6   SER n 
1 7   ILE n 
1 8   VAL n 
1 9   ALA n 
1 10  VAL n 
1 11  CYS n 
1 12  GLN n 
1 13  ASN n 
1 14  MET n 
1 15  GLY n 
1 16  ILE n 
1 17  GLY n 
1 18  LYS n 
1 19  ASP n 
1 20  GLY n 
1 21  ASN n 
1 22  LEU n 
1 23  PRO n 
1 24  TRP n 
1 25  PRO n 
1 26  PRO n 
1 27  LEU n 
1 28  ARG n 
1 29  ASN n 
1 30  GLU n 
1 31  TYR n 
1 32  LYS n 
1 33  TYR n 
1 34  PHE n 
1 35  GLN n 
1 36  ARG n 
1 37  MET n 
1 38  THR n 
1 39  SER n 
1 40  THR n 
1 41  SER n 
1 42  HIS n 
1 43  VAL n 
1 44  GLU n 
1 45  GLY n 
1 46  LYS n 
1 47  GLN n 
1 48  ASN n 
1 49  ALA n 
1 50  VAL n 
1 51  ILE n 
1 52  MET n 
1 53  GLY n 
1 54  LYS n 
1 55  LYS n 
1 56  THR n 
1 57  TRP n 
1 58  PHE n 
1 59  SER n 
1 60  ILE n 
1 61  PRO n 
1 62  GLU n 
1 63  LYS n 
1 64  ASN n 
1 65  ARG n 
1 66  PRO n 
1 67  LEU n 
1 68  LYS n 
1 69  ASP n 
1 70  ARG n 
1 71  ILE n 
1 72  ASN n 
1 73  ILE n 
1 74  VAL n 
1 75  LEU n 
1 76  SER n 
1 77  ARG n 
1 78  GLU n 
1 79  LEU n 
1 80  LYS n 
1 81  GLU n 
1 82  ALA n 
1 83  PRO n 
1 84  LYS n 
1 85  GLY n 
1 86  ALA n 
1 87  HIS n 
1 88  TYR n 
1 89  LEU n 
1 90  SER n 
1 91  LYS n 
1 92  SER n 
1 93  LEU n 
1 94  ASP n 
1 95  ASP n 
1 96  ALA n 
1 97  LEU n 
1 98  ALA n 
1 99  LEU n 
1 100 LEU n 
1 101 ASP n 
1 102 SER n 
1 103 PRO n 
1 104 GLU n 
1 105 LEU n 
1 106 LYS n 
1 107 SER n 
1 108 LYS n 
1 109 VAL n 
1 110 ASP n 
1 111 MET n 
1 112 VAL n 
1 113 TRP n 
1 114 ILE n 
1 115 VAL n 
1 116 GLY n 
1 117 GLY n 
1 118 THR n 
1 119 ALA n 
1 120 VAL n 
1 121 TYR n 
1 122 LYS n 
1 123 ALA n 
1 124 ALA n 
1 125 MET n 
1 126 GLU n 
1 127 LYS n 
1 128 PRO n 
1 129 ILE n 
1 130 ASN n 
1 131 HIS n 
1 132 ARG n 
1 133 LEU n 
1 134 PHE n 
1 135 VAL n 
1 136 THR n 
1 137 ARG n 
1 138 ILE n 
1 139 LEU n 
1 140 HIS n 
1 141 GLU n 
1 142 PHE n 
1 143 GLU n 
1 144 SER n 
1 145 ASP n 
1 146 THR n 
1 147 PHE n 
1 148 PHE n 
1 149 PRO n 
1 150 GLU n 
1 151 ILE n 
1 152 ASP n 
1 153 TYR n 
1 154 LYS n 
1 155 ASP n 
1 156 PHE n 
1 157 LYS n 
1 158 LEU n 
1 159 LEU n 
1 160 THR n 
1 161 GLU n 
1 162 TYR n 
1 163 PRO n 
1 164 GLY n 
1 165 VAL n 
1 166 PRO n 
1 167 ALA n 
1 168 ASP n 
1 169 ILE n 
1 170 GLN n 
1 171 GLU n 
1 172 GLU n 
1 173 ASP n 
1 174 GLY n 
1 175 ILE n 
1 176 GLN n 
1 177 TYR n 
1 178 LYS n 
1 179 PHE n 
1 180 GLU n 
1 181 VAL n 
1 182 TYR n 
1 183 GLN n 
1 184 LYS n 
1 185 SER n 
1 186 VAL n 
1 187 LEU n 
1 188 ALA n 
1 189 GLN n 
# 
_entity_src_gen.entity_id                          1 
_entity_src_gen.pdbx_src_id                        1 
_entity_src_gen.pdbx_alt_source_flag               sample 
_entity_src_gen.pdbx_seq_type                      ? 
_entity_src_gen.pdbx_beg_seq_num                   ? 
_entity_src_gen.pdbx_end_seq_num                   ? 
_entity_src_gen.gene_src_common_name               chicken 
_entity_src_gen.gene_src_genus                     Gallus 
_entity_src_gen.pdbx_gene_src_gene                 ? 
_entity_src_gen.gene_src_species                   ? 
_entity_src_gen.gene_src_strain                    ? 
_entity_src_gen.gene_src_tissue                    ? 
_entity_src_gen.gene_src_tissue_fraction           ? 
_entity_src_gen.gene_src_details                   ? 
_entity_src_gen.pdbx_gene_src_fragment             ? 
_entity_src_gen.pdbx_gene_src_scientific_name      'Gallus gallus' 
_entity_src_gen.pdbx_gene_src_ncbi_taxonomy_id     9031 
_entity_src_gen.pdbx_gene_src_variant              ? 
_entity_src_gen.pdbx_gene_src_cell_line            ? 
_entity_src_gen.pdbx_gene_src_atcc                 ? 
_entity_src_gen.pdbx_gene_src_organ                LIVER 
_entity_src_gen.pdbx_gene_src_organelle            ? 
_entity_src_gen.pdbx_gene_src_cell                 ? 
_entity_src_gen.pdbx_gene_src_cellular_location    ? 
_entity_src_gen.host_org_common_name               ? 
_entity_src_gen.pdbx_host_org_scientific_name      ? 
_entity_src_gen.pdbx_host_org_ncbi_taxonomy_id     ? 
_entity_src_gen.host_org_genus                     ? 
_entity_src_gen.pdbx_host_org_gene                 ? 
_entity_src_gen.pdbx_host_org_organ                ? 
_entity_src_gen.host_org_species                   ? 
_entity_src_gen.pdbx_host_org_tissue               ? 
_entity_src_gen.pdbx_host_org_tissue_fraction      ? 
_entity_src_gen.pdbx_host_org_strain               ? 
_entity_src_gen.pdbx_host_org_variant              ? 
_entity_src_gen.pdbx_host_org_cell_line            ? 
_entity_src_gen.pdbx_host_org_atcc                 ? 
_entity_src_gen.pdbx_host_org_culture_collection   ? 
_entity_src_gen.pdbx_host_org_cell                 ? 
_entity_src_gen.pdbx_host_org_organelle            ? 
_entity_src_gen.pdbx_host_org_cellular_location    ? 
_entity_src_gen.pdbx_host_org_vector_type          ? 
_entity_src_gen.pdbx_host_org_vector               ? 
_entity_src_gen.host_org_details                   ? 
_entity_src_gen.expression_system_id               ? 
_entity_src_gen.plasmid_name                       ? 
_entity_src_gen.plasmid_details                    ? 
_entity_src_gen.pdbx_description                   ? 
# 
loop_
_chem_comp.id 
_chem_comp.type 
_chem_comp.mon_nstd_flag 
_chem_comp.name 
_chem_comp.pdbx_synonyms 
_chem_comp.formula 
_chem_comp.formula_weight 
ALA 'L-peptide linking' y ALANINE                                             ?    'C3 H7 N O2'          89.093  
ARG 'L-peptide linking' y ARGININE                                            ?    'C6 H15 N4 O2 1'      175.209 
ASN 'L-peptide linking' y ASPARAGINE                                          ?    'C4 H8 N2 O3'         132.118 
ASP 'L-peptide linking' y 'ASPARTIC ACID'                                     ?    'C4 H7 N O4'          133.103 
CA  non-polymer         . 'CALCIUM ION'                                       ?    'Ca 2'                40.078  
CYS 'L-peptide linking' y CYSTEINE                                            ?    'C3 H7 N O2 S'        121.158 
GLN 'L-peptide linking' y GLUTAMINE                                           ?    'C5 H10 N2 O3'        146.144 
GLU 'L-peptide linking' y 'GLUTAMIC ACID'                                     ?    'C5 H9 N O4'          147.129 
GLY 'peptide linking'   y GLYCINE                                             ?    'C2 H5 N O2'          75.067  
HIS 'L-peptide linking' y HISTIDINE                                           ?    'C6 H10 N3 O2 1'      156.162 
HOH non-polymer         . WATER                                               ?    'H2 O'                18.015  
ILE 'L-peptide linking' y ISOLEUCINE                                          ?    'C6 H13 N O2'         131.173 
LEU 'L-peptide linking' y LEUCINE                                             ?    'C6 H13 N O2'         131.173 
LYS 'L-peptide linking' y LYSINE                                              ?    'C6 H15 N2 O2 1'      147.195 
MET 'L-peptide linking' y METHIONINE                                          ?    'C5 H11 N O2 S'       149.211 
PHE 'L-peptide linking' y PHENYLALANINE                                       ?    'C9 H11 N O2'         165.189 
PRO 'L-peptide linking' y PROLINE                                             ?    'C5 H9 N O2'          115.130 
SER 'L-peptide linking' y SERINE                                              ?    'C3 H7 N O3'          105.093 
TAP non-polymer         . '7-THIONICOTINAMIDE-ADENINE-DINUCLEOTIDE PHOSPHATE' TATP 'C21 H28 N7 O16 P3 S' 759.471 
THR 'L-peptide linking' y THREONINE                                           ?    'C4 H9 N O3'          119.119 
TRP 'L-peptide linking' y TRYPTOPHAN                                          ?    'C11 H12 N2 O2'       204.225 
TYR 'L-peptide linking' y TYROSINE                                            ?    'C9 H11 N O3'         181.189 
VAL 'L-peptide linking' y VALINE                                              ?    'C5 H11 N O2'         117.146 
# 
loop_
_pdbx_poly_seq_scheme.asym_id 
_pdbx_poly_seq_scheme.entity_id 
_pdbx_poly_seq_scheme.seq_id 
_pdbx_poly_seq_scheme.mon_id 
_pdbx_poly_seq_scheme.ndb_seq_num 
_pdbx_poly_seq_scheme.pdb_seq_num 
_pdbx_poly_seq_scheme.auth_seq_num 
_pdbx_poly_seq_scheme.pdb_mon_id 
_pdbx_poly_seq_scheme.auth_mon_id 
_pdbx_poly_seq_scheme.pdb_strand_id 
_pdbx_poly_seq_scheme.pdb_ins_code 
_pdbx_poly_seq_scheme.hetero 
A 1 1   VAL 1   1   1   VAL VAL A . n 
A 1 2   ARG 2   2   2   ARG ARG A . n 
A 1 3   SER 3   3   3   SER SER A . n 
A 1 4   LEU 4   4   4   LEU LEU A . n 
A 1 5   ASN 5   5   5   ASN ASN A . n 
A 1 6   SER 6   6   6   SER SER A . n 
A 1 7   ILE 7   7   7   ILE ILE A . n 
A 1 8   VAL 8   8   8   VAL VAL A . n 
A 1 9   ALA 9   9   9   ALA ALA A . n 
A 1 10  VAL 10  10  10  VAL VAL A . n 
A 1 11  CYS 11  11  11  CYS CYS A . n 
A 1 12  GLN 12  12  12  GLN GLN A . n 
A 1 13  ASN 13  13  13  ASN ASN A . n 
A 1 14  MET 14  14  14  MET MET A . n 
A 1 15  GLY 15  15  15  GLY GLY A . n 
A 1 16  ILE 16  16  16  ILE ILE A . n 
A 1 17  GLY 17  17  17  GLY GLY A . n 
A 1 18  LYS 18  18  18  LYS LYS A . n 
A 1 19  ASP 19  19  19  ASP ASP A . n 
A 1 20  GLY 20  20  20  GLY GLY A . n 
A 1 21  ASN 21  21  21  ASN ASN A . n 
A 1 22  LEU 22  22  22  LEU LEU A . n 
A 1 23  PRO 23  23  23  PRO PRO A . n 
A 1 24  TRP 24  24  24  TRP TRP A . n 
A 1 25  PRO 25  25  25  PRO PRO A . n 
A 1 26  PRO 26  26  26  PRO PRO A . n 
A 1 27  LEU 27  27  27  LEU LEU A . n 
A 1 28  ARG 28  28  28  ARG ARG A . n 
A 1 29  ASN 29  29  29  ASN ASN A . n 
A 1 30  GLU 30  30  30  GLU GLU A . n 
A 1 31  TYR 31  31  31  TYR TYR A . n 
A 1 32  LYS 32  32  32  LYS LYS A . n 
A 1 33  TYR 33  33  33  TYR TYR A . n 
A 1 34  PHE 34  34  34  PHE PHE A . n 
A 1 35  GLN 35  35  35  GLN GLN A . n 
A 1 36  ARG 36  36  36  ARG ARG A . n 
A 1 37  MET 37  37  37  MET MET A . n 
A 1 38  THR 38  38  38  THR THR A . n 
A 1 39  SER 39  39  39  SER SER A . n 
A 1 40  THR 40  40  40  THR THR A . n 
A 1 41  SER 41  41  41  SER SER A . n 
A 1 42  HIS 42  42  42  HIS HIS A . n 
A 1 43  VAL 43  43  43  VAL VAL A . n 
A 1 44  GLU 44  44  44  GLU GLU A . n 
A 1 45  GLY 45  45  45  GLY GLY A . n 
A 1 46  LYS 46  46  46  LYS LYS A . n 
A 1 47  GLN 47  47  47  GLN GLN A . n 
A 1 48  ASN 48  48  48  ASN ASN A . n 
A 1 49  ALA 49  49  49  ALA ALA A . n 
A 1 50  VAL 50  50  50  VAL VAL A . n 
A 1 51  ILE 51  51  51  ILE ILE A . n 
A 1 52  MET 52  52  52  MET MET A . n 
A 1 53  GLY 53  53  53  GLY GLY A . n 
A 1 54  LYS 54  54  54  LYS LYS A . n 
A 1 55  LYS 55  55  55  LYS LYS A . n 
A 1 56  THR 56  56  56  THR THR A . n 
A 1 57  TRP 57  57  57  TRP TRP A . n 
A 1 58  PHE 58  58  58  PHE PHE A . n 
A 1 59  SER 59  59  59  SER SER A . n 
A 1 60  ILE 60  60  60  ILE ILE A . n 
A 1 61  PRO 61  61  61  PRO PRO A . n 
A 1 62  GLU 62  62  62  GLU GLU A . n 
A 1 63  LYS 63  63  63  LYS LYS A . n 
A 1 64  ASN 64  64  64  ASN ASN A . n 
A 1 65  ARG 65  65  65  ARG ARG A . n 
A 1 66  PRO 66  66  66  PRO PRO A . n 
A 1 67  LEU 67  67  67  LEU LEU A . n 
A 1 68  LYS 68  68  68  LYS LYS A . n 
A 1 69  ASP 69  69  69  ASP ASP A . n 
A 1 70  ARG 70  70  70  ARG ARG A . n 
A 1 71  ILE 71  71  71  ILE ILE A . n 
A 1 72  ASN 72  72  72  ASN ASN A . n 
A 1 73  ILE 73  73  73  ILE ILE A . n 
A 1 74  VAL 74  74  74  VAL VAL A . n 
A 1 75  LEU 75  75  75  LEU LEU A . n 
A 1 76  SER 76  76  76  SER SER A . n 
A 1 77  ARG 77  77  77  ARG ARG A . n 
A 1 78  GLU 78  78  78  GLU GLU A . n 
A 1 79  LEU 79  79  79  LEU LEU A . n 
A 1 80  LYS 80  80  80  LYS LYS A . n 
A 1 81  GLU 81  81  81  GLU GLU A . n 
A 1 82  ALA 82  82  82  ALA ALA A . n 
A 1 83  PRO 83  83  83  PRO PRO A . n 
A 1 84  LYS 84  84  84  LYS LYS A . n 
A 1 85  GLY 85  85  85  GLY GLY A . n 
A 1 86  ALA 86  86  86  ALA ALA A . n 
A 1 87  HIS 87  87  87  HIS HIS A . n 
A 1 88  TYR 88  88  88  TYR TYR A . n 
A 1 89  LEU 89  89  89  LEU LEU A . n 
A 1 90  SER 90  90  90  SER SER A . n 
A 1 91  LYS 91  91  91  LYS LYS A . n 
A 1 92  SER 92  92  92  SER SER A . n 
A 1 93  LEU 93  93  93  LEU LEU A . n 
A 1 94  ASP 94  94  94  ASP ASP A . n 
A 1 95  ASP 95  95  95  ASP ASP A . n 
A 1 96  ALA 96  96  96  ALA ALA A . n 
A 1 97  LEU 97  97  97  LEU LEU A . n 
A 1 98  ALA 98  98  98  ALA ALA A . n 
A 1 99  LEU 99  99  99  LEU LEU A . n 
A 1 100 LEU 100 100 100 LEU LEU A . n 
A 1 101 ASP 101 101 101 ASP ASP A . n 
A 1 102 SER 102 102 102 SER SER A . n 
A 1 103 PRO 103 103 103 PRO PRO A . n 
A 1 104 GLU 104 104 104 GLU GLU A . n 
A 1 105 LEU 105 105 105 LEU LEU A . n 
A 1 106 LYS 106 106 106 LYS LYS A . n 
A 1 107 SER 107 107 107 SER SER A . n 
A 1 108 LYS 108 108 108 LYS LYS A . n 
A 1 109 VAL 109 109 109 VAL VAL A . n 
A 1 110 ASP 110 110 110 ASP ASP A . n 
A 1 111 MET 111 111 111 MET MET A . n 
A 1 112 VAL 112 112 112 VAL VAL A . n 
A 1 113 TRP 113 113 113 TRP TRP A . n 
A 1 114 ILE 114 114 114 ILE ILE A . n 
A 1 115 VAL 115 115 115 VAL VAL A . n 
A 1 116 GLY 116 116 116 GLY GLY A . n 
A 1 117 GLY 117 117 117 GLY GLY A . n 
A 1 118 THR 118 118 118 THR THR A . n 
A 1 119 ALA 119 119 119 ALA ALA A . n 
A 1 120 VAL 120 120 120 VAL VAL A . n 
A 1 121 TYR 121 121 121 TYR TYR A . n 
A 1 122 LYS 122 122 122 LYS LYS A . n 
A 1 123 ALA 123 123 123 ALA ALA A . n 
A 1 124 ALA 124 124 124 ALA ALA A . n 
A 1 125 MET 125 125 125 MET MET A . n 
A 1 126 GLU 126 126 126 GLU GLU A . n 
A 1 127 LYS 127 127 127 LYS LYS A . n 
A 1 128 PRO 128 128 128 PRO PRO A . n 
A 1 129 ILE 129 129 129 ILE ILE A . n 
A 1 130 ASN 130 130 130 ASN ASN A . n 
A 1 131 HIS 131 131 131 HIS HIS A . n 
A 1 132 ARG 132 132 132 ARG ARG A . n 
A 1 133 LEU 133 133 133 LEU LEU A . n 
A 1 134 PHE 134 134 134 PHE PHE A . n 
A 1 135 VAL 135 135 135 VAL VAL A . n 
A 1 136 THR 136 136 136 THR THR A . n 
A 1 137 ARG 137 137 137 ARG ARG A . n 
A 1 138 ILE 138 138 138 ILE ILE A . n 
A 1 139 LEU 139 139 139 LEU LEU A . n 
A 1 140 HIS 140 140 140 HIS HIS A . n 
A 1 141 GLU 141 141 141 GLU GLU A . n 
A 1 142 PHE 142 142 142 PHE PHE A . n 
A 1 143 GLU 143 143 143 GLU GLU A . n 
A 1 144 SER 144 144 144 SER SER A . n 
A 1 145 ASP 145 145 145 ASP ASP A . n 
A 1 146 THR 146 146 146 THR THR A . n 
A 1 147 PHE 147 147 147 PHE PHE A . n 
A 1 148 PHE 148 148 148 PHE PHE A . n 
A 1 149 PRO 149 149 149 PRO PRO A . n 
A 1 150 GLU 150 150 150 GLU GLU A . n 
A 1 151 ILE 151 151 151 ILE ILE A . n 
A 1 152 ASP 152 152 152 ASP ASP A . n 
A 1 153 TYR 153 153 153 TYR TYR A . n 
A 1 154 LYS 154 154 154 LYS LYS A . n 
A 1 155 ASP 155 155 155 ASP ASP A . n 
A 1 156 PHE 156 156 156 PHE PHE A . n 
A 1 157 LYS 157 157 157 LYS LYS A . n 
A 1 158 LEU 158 158 158 LEU LEU A . n 
A 1 159 LEU 159 159 159 LEU LEU A . n 
A 1 160 THR 160 160 160 THR THR A . n 
A 1 161 GLU 161 161 161 GLU GLU A . n 
A 1 162 TYR 162 162 162 TYR TYR A . n 
A 1 163 PRO 163 163 163 PRO PRO A . n 
A 1 164 GLY 164 164 164 GLY GLY A . n 
A 1 165 VAL 165 165 165 VAL VAL A . n 
A 1 166 PRO 166 166 166 PRO PRO A . n 
A 1 167 ALA 167 167 167 ALA ALA A . n 
A 1 168 ASP 168 168 168 ASP ASP A . n 
A 1 169 ILE 169 169 169 ILE ILE A . n 
A 1 170 GLN 170 170 170 GLN GLN A . n 
A 1 171 GLU 171 171 171 GLU GLU A . n 
A 1 172 GLU 172 172 172 GLU GLU A . n 
A 1 173 ASP 173 173 173 ASP ASP A . n 
A 1 174 GLY 174 174 174 GLY GLY A . n 
A 1 175 ILE 175 175 175 ILE ILE A . n 
A 1 176 GLN 176 176 176 GLN GLN A . n 
A 1 177 TYR 177 177 177 TYR TYR A . n 
A 1 178 LYS 178 178 178 LYS LYS A . n 
A 1 179 PHE 179 179 179 PHE PHE A . n 
A 1 180 GLU 180 180 180 GLU GLU A . n 
A 1 181 VAL 181 181 181 VAL VAL A . n 
A 1 182 TYR 182 182 182 TYR TYR A . n 
A 1 183 GLN 183 183 183 GLN GLN A . n 
A 1 184 LYS 184 184 184 LYS LYS A . n 
A 1 185 SER 185 185 185 SER SER A . n 
A 1 186 VAL 186 186 186 VAL VAL A . n 
A 1 187 LEU 187 187 ?   ?   ?   A . n 
A 1 188 ALA 188 188 ?   ?   ?   A . n 
A 1 189 GLN 189 189 ?   ?   ?   A . n 
# 
loop_
_pdbx_nonpoly_scheme.asym_id 
_pdbx_nonpoly_scheme.entity_id 
_pdbx_nonpoly_scheme.mon_id 
_pdbx_nonpoly_scheme.ndb_seq_num 
_pdbx_nonpoly_scheme.pdb_seq_num 
_pdbx_nonpoly_scheme.auth_seq_num 
_pdbx_nonpoly_scheme.pdb_mon_id 
_pdbx_nonpoly_scheme.auth_mon_id 
_pdbx_nonpoly_scheme.pdb_strand_id 
_pdbx_nonpoly_scheme.pdb_ins_code 
B 2 CA  1  200 200 CA  CA  A . 
C 3 TAP 1  191 191 TAP TAP A . 
D 4 HOH 1  202 202 HOH HOH A . 
D 4 HOH 2  203 203 HOH HOH A . 
D 4 HOH 3  205 205 HOH HOH A . 
D 4 HOH 4  220 220 HOH HOH A . 
D 4 HOH 5  229 229 HOH HOH A . 
D 4 HOH 6  230 230 HOH HOH A . 
D 4 HOH 7  233 233 HOH HOH A . 
D 4 HOH 8  240 240 HOH HOH A . 
D 4 HOH 9  257 257 HOH HOH A . 
D 4 HOH 10 265 265 HOH HOH A . 
D 4 HOH 11 278 278 HOH HOH A . 
D 4 HOH 12 279 279 HOH HOH A . 
D 4 HOH 13 295 295 HOH HOH A . 
D 4 HOH 14 318 318 HOH HOH A . 
D 4 HOH 15 330 330 HOH HOH A . 
D 4 HOH 16 335 335 HOH HOH A . 
D 4 HOH 17 339 339 HOH HOH A . 
D 4 HOH 18 342 342 HOH HOH A . 
D 4 HOH 19 346 346 HOH HOH A . 
D 4 HOH 20 358 358 HOH HOH A . 
D 4 HOH 21 365 365 HOH HOH A . 
D 4 HOH 22 367 367 HOH HOH A . 
D 4 HOH 23 383 383 HOH HOH A . 
D 4 HOH 24 392 392 HOH HOH A . 
D 4 HOH 25 393 393 HOH HOH A . 
D 4 HOH 26 424 424 HOH HOH A . 
D 4 HOH 27 427 427 HOH HOH A . 
D 4 HOH 28 440 440 HOH HOH A . 
D 4 HOH 29 463 463 HOH HOH A . 
D 4 HOH 30 493 493 HOH HOH A . 
D 4 HOH 31 551 551 HOH HOH A . 
D 4 HOH 32 584 584 HOH HOH A . 
D 4 HOH 33 585 585 HOH HOH A . 
D 4 HOH 34 601 601 HOH HOH A . 
D 4 HOH 35 602 602 HOH HOH A . 
D 4 HOH 36 603 603 HOH HOH A . 
D 4 HOH 37 604 604 HOH HOH A . 
D 4 HOH 38 605 605 HOH HOH A . 
D 4 HOH 39 606 606 HOH HOH A . 
D 4 HOH 40 607 607 HOH HOH A . 
D 4 HOH 41 608 608 HOH HOH A . 
D 4 HOH 42 609 609 HOH HOH A . 
D 4 HOH 43 610 610 HOH HOH A . 
D 4 HOH 44 611 611 HOH HOH A . 
D 4 HOH 45 612 612 HOH HOH A . 
D 4 HOH 46 613 613 HOH HOH A . 
D 4 HOH 47 615 615 HOH HOH A . 
D 4 HOH 48 617 617 HOH HOH A . 
D 4 HOH 49 619 619 HOH HOH A . 
D 4 HOH 50 620 620 HOH HOH A . 
D 4 HOH 51 621 621 HOH HOH A . 
D 4 HOH 52 622 622 HOH HOH A . 
D 4 HOH 53 623 623 HOH HOH A . 
D 4 HOH 54 625 625 HOH HOH A . 
D 4 HOH 55 630 630 HOH HOH A . 
D 4 HOH 56 637 637 HOH HOH A . 
D 4 HOH 57 644 644 HOH HOH A . 
D 4 HOH 58 647 647 HOH HOH A . 
D 4 HOH 59 648 648 HOH HOH A . 
D 4 HOH 60 652 652 HOH HOH A . 
D 4 HOH 61 653 653 HOH HOH A . 
D 4 HOH 62 655 655 HOH HOH A . 
D 4 HOH 63 677 677 HOH HOH A . 
D 4 HOH 64 731 731 HOH HOH A . 
D 4 HOH 65 732 732 HOH HOH A . 
D 4 HOH 66 734 734 HOH HOH A . 
D 4 HOH 67 736 736 HOH HOH A . 
D 4 HOH 68 737 737 HOH HOH A . 
D 4 HOH 69 743 743 HOH HOH A . 
D 4 HOH 70 746 746 HOH HOH A . 
D 4 HOH 71 749 749 HOH HOH A . 
D 4 HOH 72 750 750 HOH HOH A . 
D 4 HOH 73 758 758 HOH HOH A . 
# 
loop_
_pdbx_unobs_or_zero_occ_atoms.id 
_pdbx_unobs_or_zero_occ_atoms.PDB_model_num 
_pdbx_unobs_or_zero_occ_atoms.polymer_flag 
_pdbx_unobs_or_zero_occ_atoms.occupancy_flag 
_pdbx_unobs_or_zero_occ_atoms.auth_asym_id 
_pdbx_unobs_or_zero_occ_atoms.auth_comp_id 
_pdbx_unobs_or_zero_occ_atoms.auth_seq_id 
_pdbx_unobs_or_zero_occ_atoms.PDB_ins_code 
_pdbx_unobs_or_zero_occ_atoms.auth_atom_id 
_pdbx_unobs_or_zero_occ_atoms.label_alt_id 
_pdbx_unobs_or_zero_occ_atoms.label_asym_id 
_pdbx_unobs_or_zero_occ_atoms.label_comp_id 
_pdbx_unobs_or_zero_occ_atoms.label_seq_id 
_pdbx_unobs_or_zero_occ_atoms.label_atom_id 
1  1 Y 1 A ARG 2   ? CB  ? A ARG 2   CB  
2  1 Y 1 A ARG 2   ? CG  ? A ARG 2   CG  
3  1 Y 1 A ARG 2   ? CD  ? A ARG 2   CD  
4  1 Y 1 A ARG 2   ? NE  ? A ARG 2   NE  
5  1 Y 1 A ARG 2   ? CZ  ? A ARG 2   CZ  
6  1 Y 1 A ARG 2   ? NH1 ? A ARG 2   NH1 
7  1 Y 1 A ARG 2   ? NH2 ? A ARG 2   NH2 
8  1 Y 1 A ARG 28  ? CZ  ? A ARG 28  CZ  
9  1 Y 1 A ARG 28  ? NH1 ? A ARG 28  NH1 
10 1 Y 1 A ARG 28  ? NH2 ? A ARG 28  NH2 
11 1 Y 1 A ARG 36  ? NE  ? A ARG 36  NE  
12 1 Y 1 A ARG 36  ? CZ  ? A ARG 36  CZ  
13 1 Y 1 A ARG 36  ? NH1 ? A ARG 36  NH1 
14 1 Y 1 A ARG 36  ? NH2 ? A ARG 36  NH2 
15 1 Y 1 A ARG 77  ? NE  ? A ARG 77  NE  
16 1 Y 1 A ARG 77  ? CZ  ? A ARG 77  CZ  
17 1 Y 1 A ARG 77  ? NH1 ? A ARG 77  NH1 
18 1 Y 1 A ARG 77  ? NH2 ? A ARG 77  NH2 
19 1 Y 1 A GLU 81  ? CG  ? A GLU 81  CG  
20 1 Y 1 A GLU 81  ? CD  ? A GLU 81  CD  
21 1 Y 1 A GLU 81  ? OE1 ? A GLU 81  OE1 
22 1 Y 1 A GLU 81  ? OE2 ? A GLU 81  OE2 
23 1 Y 1 A LYS 84  ? CE  ? A LYS 84  CE  
24 1 Y 1 A LYS 84  ? NZ  ? A LYS 84  NZ  
25 1 Y 1 A GLU 104 ? CB  ? A GLU 104 CB  
26 1 Y 1 A GLU 104 ? CG  ? A GLU 104 CG  
27 1 Y 1 A GLU 104 ? CD  ? A GLU 104 CD  
28 1 Y 1 A GLU 104 ? OE1 ? A GLU 104 OE1 
29 1 Y 1 A GLU 104 ? OE2 ? A GLU 104 OE2 
30 1 Y 1 A LYS 106 ? CG  ? A LYS 106 CG  
31 1 Y 1 A LYS 106 ? CD  ? A LYS 106 CD  
32 1 Y 1 A LYS 106 ? CE  ? A LYS 106 CE  
33 1 Y 1 A LYS 106 ? NZ  ? A LYS 106 NZ  
34 1 Y 1 A LYS 108 ? CG  ? A LYS 108 CG  
35 1 Y 1 A LYS 108 ? CD  ? A LYS 108 CD  
36 1 Y 1 A LYS 108 ? CE  ? A LYS 108 CE  
37 1 Y 1 A LYS 108 ? NZ  ? A LYS 108 NZ  
# 
_software.name             PROLSQ 
_software.classification   refinement 
_software.version          . 
_software.citation_id      ? 
_software.pdbx_ordinal     1 
# 
_cell.entry_id           1DR2 
_cell.length_a           89.020 
_cell.length_b           48.240 
_cell.length_c           64.110 
_cell.angle_alpha        90.00 
_cell.angle_beta         124.63 
_cell.angle_gamma        90.00 
_cell.Z_PDB              4 
_cell.pdbx_unique_axis   ? 
# 
_symmetry.entry_id                         1DR2 
_symmetry.space_group_name_H-M             'C 1 2 1' 
_symmetry.pdbx_full_space_group_name_H-M   ? 
_symmetry.cell_setting                     ? 
_symmetry.Int_Tables_number                5 
# 
_exptl.entry_id          1DR2 
_exptl.method            'X-RAY DIFFRACTION' 
_exptl.crystals_number   ? 
# 
_exptl_crystal.id                    1 
_exptl_crystal.density_meas          ? 
_exptl_crystal.density_Matthews      2.61 
_exptl_crystal.density_percent_sol   52.89 
_exptl_crystal.description           ? 
# 
_diffrn.id                     1 
_diffrn.ambient_temp           ? 
_diffrn.ambient_temp_details   ? 
_diffrn.crystal_id             1 
# 
_diffrn_radiation.diffrn_id                        1 
_diffrn_radiation.wavelength_id                    1 
_diffrn_radiation.pdbx_monochromatic_or_laue_m_l   ? 
_diffrn_radiation.monochromator                    ? 
_diffrn_radiation.pdbx_diffrn_protocol             ? 
_diffrn_radiation.pdbx_scattering_type             x-ray 
# 
_diffrn_radiation_wavelength.id           1 
_diffrn_radiation_wavelength.wavelength   . 
_diffrn_radiation_wavelength.wt           1.0 
# 
_refine.entry_id                                 1DR2 
_refine.ls_number_reflns_obs                     ? 
_refine.ls_number_reflns_all                     ? 
_refine.pdbx_ls_sigma_I                          ? 
_refine.pdbx_ls_sigma_F                          ? 
_refine.pdbx_data_cutoff_high_absF               ? 
_refine.pdbx_data_cutoff_low_absF                ? 
_refine.pdbx_data_cutoff_high_rms_absF           ? 
_refine.ls_d_res_low                             ? 
_refine.ls_d_res_high                            2.3 
_refine.ls_percent_reflns_obs                    ? 
_refine.ls_R_factor_obs                          0.1580000 
_refine.ls_R_factor_all                          ? 
_refine.ls_R_factor_R_work                       ? 
_refine.ls_R_factor_R_free                       ? 
_refine.ls_R_factor_R_free_error                 ? 
_refine.ls_R_factor_R_free_error_details         ? 
_refine.ls_percent_reflns_R_free                 ? 
_refine.ls_number_reflns_R_free                  ? 
_refine.ls_number_parameters                     ? 
_refine.ls_number_restraints                     ? 
_refine.occupancy_min                            ? 
_refine.occupancy_max                            ? 
_refine.B_iso_mean                               ? 
_refine.aniso_B[1][1]                            ? 
_refine.aniso_B[2][2]                            ? 
_refine.aniso_B[3][3]                            ? 
_refine.aniso_B[1][2]                            ? 
_refine.aniso_B[1][3]                            ? 
_refine.aniso_B[2][3]                            ? 
_refine.solvent_model_details                    ? 
_refine.solvent_model_param_ksol                 ? 
_refine.solvent_model_param_bsol                 ? 
_refine.pdbx_ls_cross_valid_method               ? 
_refine.details                                  ? 
_refine.pdbx_starting_model                      ? 
_refine.pdbx_method_to_determine_struct          ? 
_refine.pdbx_isotropic_thermal_model             ? 
_refine.pdbx_stereochemistry_target_values       ? 
_refine.pdbx_stereochem_target_val_spec_case     ? 
_refine.pdbx_R_Free_selection_details            ? 
_refine.pdbx_overall_ESU_R                       ? 
_refine.pdbx_overall_ESU_R_Free                  ? 
_refine.overall_SU_ML                            ? 
_refine.overall_SU_B                             ? 
_refine.pdbx_refine_id                           'X-RAY DIFFRACTION' 
_refine.pdbx_diffrn_id                           1 
_refine.pdbx_TLS_residual_ADP_flag               ? 
_refine.correlation_coeff_Fo_to_Fc               ? 
_refine.correlation_coeff_Fo_to_Fc_free          ? 
_refine.pdbx_solvent_vdw_probe_radii             ? 
_refine.pdbx_solvent_ion_probe_radii             ? 
_refine.pdbx_solvent_shrinkage_radii             ? 
_refine.pdbx_overall_phase_error                 ? 
_refine.overall_SU_R_Cruickshank_DPI             ? 
_refine.pdbx_overall_SU_R_free_Cruickshank_DPI   ? 
_refine.pdbx_overall_SU_R_Blow_DPI               ? 
_refine.pdbx_overall_SU_R_free_Blow_DPI          ? 
# 
_refine_hist.pdbx_refine_id                   'X-RAY DIFFRACTION' 
_refine_hist.cycle_id                         LAST 
_refine_hist.pdbx_number_atoms_protein        1467 
_refine_hist.pdbx_number_atoms_nucleic_acid   0 
_refine_hist.pdbx_number_atoms_ligand         49 
_refine_hist.number_atoms_solvent             73 
_refine_hist.number_atoms_total               1589 
_refine_hist.d_res_high                       2.3 
_refine_hist.d_res_low                        . 
# 
loop_
_refine_ls_restr.type 
_refine_ls_restr.dev_ideal 
_refine_ls_restr.dev_ideal_target 
_refine_ls_restr.weight 
_refine_ls_restr.number 
_refine_ls_restr.pdbx_refine_id 
_refine_ls_restr.pdbx_restraint_function 
p_bond_d            0.016 ? ? ? 'X-RAY DIFFRACTION' ? 
p_angle_d           0.80  ? ? ? 'X-RAY DIFFRACTION' ? 
p_angle_deg         ?     ? ? ? 'X-RAY DIFFRACTION' ? 
p_planar_d          ?     ? ? ? 'X-RAY DIFFRACTION' ? 
p_hb_or_metal_coord ?     ? ? ? 'X-RAY DIFFRACTION' ? 
p_mcbond_it         ?     ? ? ? 'X-RAY DIFFRACTION' ? 
p_mcangle_it        ?     ? ? ? 'X-RAY DIFFRACTION' ? 
p_scbond_it         ?     ? ? ? 'X-RAY DIFFRACTION' ? 
p_scangle_it        ?     ? ? ? 'X-RAY DIFFRACTION' ? 
p_plane_restr       ?     ? ? ? 'X-RAY DIFFRACTION' ? 
p_chiral_restr      ?     ? ? ? 'X-RAY DIFFRACTION' ? 
p_singtor_nbd       ?     ? ? ? 'X-RAY DIFFRACTION' ? 
p_multtor_nbd       ?     ? ? ? 'X-RAY DIFFRACTION' ? 
p_xhyhbond_nbd      ?     ? ? ? 'X-RAY DIFFRACTION' ? 
p_xyhbond_nbd       ?     ? ? ? 'X-RAY DIFFRACTION' ? 
p_planar_tor        ?     ? ? ? 'X-RAY DIFFRACTION' ? 
p_staggered_tor     ?     ? ? ? 'X-RAY DIFFRACTION' ? 
p_orthonormal_tor   ?     ? ? ? 'X-RAY DIFFRACTION' ? 
p_transverse_tor    ?     ? ? ? 'X-RAY DIFFRACTION' ? 
p_special_tor       ?     ? ? ? 'X-RAY DIFFRACTION' ? 
# 
_struct.entry_id                  1DR2 
_struct.title                     
'2.3 ANGSTROMS CRYSTAL STRUCTURE OF CHICKEN LIVER DIHYDROFOLATE REDUCTASE COMPLEXED WITH THIONADP+ AND BIOPTERIN' 
_struct.pdbx_model_details        ? 
_struct.pdbx_CASP_flag            ? 
_struct.pdbx_model_type_details   ? 
# 
_struct_keywords.entry_id        1DR2 
_struct_keywords.pdbx_keywords   OXIDOREDUCTASE 
_struct_keywords.text            OXIDOREDUCTASE 
# 
loop_
_struct_asym.id 
_struct_asym.pdbx_blank_PDB_chainid_flag 
_struct_asym.pdbx_modified 
_struct_asym.entity_id 
_struct_asym.details 
A N N 1 ? 
B N N 2 ? 
C N N 3 ? 
D N N 4 ? 
# 
_struct_ref.id                         1 
_struct_ref.db_name                    UNP 
_struct_ref.db_code                    DYR_CHICK 
_struct_ref.entity_id                  1 
_struct_ref.pdbx_db_accession          P00378 
_struct_ref.pdbx_align_begin           1 
_struct_ref.pdbx_seq_one_letter_code   
;VRSLNSIVAVCQNMGIGKDGNLPWPPLRNEYKYFQRMTSTSHVEGKQNAVIMGKKTWFSIPEKNRPLKDRINIVLSRELK
EAPKGAHYLSKSLDDALALLDSPELKSKVDMVWIVGGTAVYKAAMEKPINHRLFVTRILHEFESDTFFPEIDYKDFKLLT
EYPGVPADIQEEDGIQYKFEVYQKSVLAQ
;
_struct_ref.pdbx_db_isoform            ? 
# 
_struct_ref_seq.align_id                      1 
_struct_ref_seq.ref_id                        1 
_struct_ref_seq.pdbx_PDB_id_code              1DR2 
_struct_ref_seq.pdbx_strand_id                A 
_struct_ref_seq.seq_align_beg                 1 
_struct_ref_seq.pdbx_seq_align_beg_ins_code   ? 
_struct_ref_seq.seq_align_end                 189 
_struct_ref_seq.pdbx_seq_align_end_ins_code   ? 
_struct_ref_seq.pdbx_db_accession             P00378 
_struct_ref_seq.db_align_beg                  1 
_struct_ref_seq.pdbx_db_align_beg_ins_code    ? 
_struct_ref_seq.db_align_end                  189 
_struct_ref_seq.pdbx_db_align_end_ins_code    ? 
_struct_ref_seq.pdbx_auth_seq_align_beg       1 
_struct_ref_seq.pdbx_auth_seq_align_end       189 
# 
loop_
_pdbx_struct_assembly.id 
_pdbx_struct_assembly.details 
_pdbx_struct_assembly.method_details 
_pdbx_struct_assembly.oligomeric_details 
_pdbx_struct_assembly.oligomeric_count 
1 author_defined_assembly   ?    monomeric 1 
2 software_defined_assembly PISA dimeric   2 
# 
loop_
_pdbx_struct_assembly_prop.biol_id 
_pdbx_struct_assembly_prop.type 
_pdbx_struct_assembly_prop.value 
_pdbx_struct_assembly_prop.details 
2 'ABSA (A^2)' 3290  ? 
2 MORE         -52   ? 
2 'SSA (A^2)'  18760 ? 
# 
loop_
_pdbx_struct_assembly_gen.assembly_id 
_pdbx_struct_assembly_gen.oper_expression 
_pdbx_struct_assembly_gen.asym_id_list 
1 1   A,B,C,D 
2 1,2 A,B,C,D 
# 
loop_
_pdbx_struct_oper_list.id 
_pdbx_struct_oper_list.type 
_pdbx_struct_oper_list.name 
_pdbx_struct_oper_list.symmetry_operation 
_pdbx_struct_oper_list.matrix[1][1] 
_pdbx_struct_oper_list.matrix[1][2] 
_pdbx_struct_oper_list.matrix[1][3] 
_pdbx_struct_oper_list.vector[1] 
_pdbx_struct_oper_list.matrix[2][1] 
_pdbx_struct_oper_list.matrix[2][2] 
_pdbx_struct_oper_list.matrix[2][3] 
_pdbx_struct_oper_list.vector[2] 
_pdbx_struct_oper_list.matrix[3][1] 
_pdbx_struct_oper_list.matrix[3][2] 
_pdbx_struct_oper_list.matrix[3][3] 
_pdbx_struct_oper_list.vector[3] 
1 'identity operation'         1_555 x,y,z       1.0000000000 0.0000000000  0.0000000000 0.0000000000  0.0000000000  1.0000000000  0.0000000000  0.0000000000   0.0000000000 0.0000000000  1.0000000000  0.0000000000   
2 'crystal symmetry operation' 2_656 -x+1,y,-z+1 0.2186614082 -0.5870868064 0.7794333008 15.0390193276 -0.5870868064 -0.7171725338 -0.3754898647 -14.8034005396 0.7794333008 -0.3754898647 -0.5014888744 -34.6640996628 
# 
_struct_biol.id   1 
# 
loop_
_struct_conf.conf_type_id 
_struct_conf.id 
_struct_conf.pdbx_PDB_helix_id 
_struct_conf.beg_label_comp_id 
_struct_conf.beg_label_asym_id 
_struct_conf.beg_label_seq_id 
_struct_conf.pdbx_beg_PDB_ins_code 
_struct_conf.end_label_comp_id 
_struct_conf.end_label_asym_id 
_struct_conf.end_label_seq_id 
_struct_conf.pdbx_end_PDB_ins_code 
_struct_conf.beg_auth_comp_id 
_struct_conf.beg_auth_asym_id 
_struct_conf.beg_auth_seq_id 
_struct_conf.end_auth_comp_id 
_struct_conf.end_auth_asym_id 
_struct_conf.end_auth_seq_id 
_struct_conf.pdbx_PDB_helix_class 
_struct_conf.details 
_struct_conf.pdbx_PDB_helix_length 
HELX_P HELX_P1 B  LEU A 27  ? THR A 40  ? LEU A 27  THR A 40  1 ?                          14 
HELX_P HELX_P2 C  GLY A 53  ? SER A 59  ? GLY A 53  SER A 59  1 ?                          7  
HELX_P HELX_P3 E  SER A 92  ? SER A 102 ? SER A 92  SER A 102 1 ?                          11 
HELX_P HELX_P4 EP SER A 102 ? VAL A 109 ? SER A 102 VAL A 109 1 'NOT PRESENT IN BACTERIAL' 8  
HELX_P HELX_P5 F  GLY A 117 ? LYS A 127 ? GLY A 117 LYS A 127 1 ?                          11 
# 
_struct_conf_type.id          HELX_P 
_struct_conf_type.criteria    ? 
_struct_conf_type.reference   ? 
# 
loop_
_struct_conn.id 
_struct_conn.conn_type_id 
_struct_conn.pdbx_leaving_atom_flag 
_struct_conn.pdbx_PDB_id 
_struct_conn.ptnr1_label_asym_id 
_struct_conn.ptnr1_label_comp_id 
_struct_conn.ptnr1_label_seq_id 
_struct_conn.ptnr1_label_atom_id 
_struct_conn.pdbx_ptnr1_label_alt_id 
_struct_conn.pdbx_ptnr1_PDB_ins_code 
_struct_conn.pdbx_ptnr1_standard_comp_id 
_struct_conn.ptnr1_symmetry 
_struct_conn.ptnr2_label_asym_id 
_struct_conn.ptnr2_label_comp_id 
_struct_conn.ptnr2_label_seq_id 
_struct_conn.ptnr2_label_atom_id 
_struct_conn.pdbx_ptnr2_label_alt_id 
_struct_conn.pdbx_ptnr2_PDB_ins_code 
_struct_conn.ptnr1_auth_asym_id 
_struct_conn.ptnr1_auth_comp_id 
_struct_conn.ptnr1_auth_seq_id 
_struct_conn.ptnr2_auth_asym_id 
_struct_conn.ptnr2_auth_comp_id 
_struct_conn.ptnr2_auth_seq_id 
_struct_conn.ptnr2_symmetry 
_struct_conn.pdbx_ptnr3_label_atom_id 
_struct_conn.pdbx_ptnr3_label_seq_id 
_struct_conn.pdbx_ptnr3_label_comp_id 
_struct_conn.pdbx_ptnr3_label_asym_id 
_struct_conn.pdbx_ptnr3_label_alt_id 
_struct_conn.pdbx_ptnr3_PDB_ins_code 
_struct_conn.details 
_struct_conn.pdbx_dist_value 
_struct_conn.pdbx_value_order 
_struct_conn.pdbx_role 
metalc1 metalc ? ? A GLU 78 OE2 ? ? ? 1_555 B CA  . CA ? ? A GLU 78  A CA  200 1_555 ? ? ? ? ? ? ? 1.987 ? ? 
metalc2 metalc ? ? A GLU 78 OE2 ? ? ? 2_656 B CA  . CA ? ? A GLU 78  A CA  200 1_555 ? ? ? ? ? ? ? 2.006 ? ? 
metalc3 metalc ? ? C TAP .  O3X ? ? ? 1_555 B CA  . CA ? ? A TAP 191 A CA  200 1_555 ? ? ? ? ? ? ? 2.222 ? ? 
metalc4 metalc ? ? C TAP .  O3X ? ? ? 2_656 B CA  . CA ? ? A TAP 191 A CA  200 1_555 ? ? ? ? ? ? ? 2.501 ? ? 
metalc5 metalc ? ? B CA  .  CA  ? ? ? 1_555 D HOH . O  ? ? A CA  200 A HOH 278 1_555 ? ? ? ? ? ? ? 2.190 ? ? 
metalc6 metalc ? ? B CA  .  CA  ? ? ? 1_555 D HOH . O  ? ? A CA  200 A HOH 278 2_656 ? ? ? ? ? ? ? 2.263 ? ? 
# 
_struct_conn_type.id          metalc 
_struct_conn_type.criteria    ? 
_struct_conn_type.reference   ? 
# 
loop_
_pdbx_struct_conn_angle.id 
_pdbx_struct_conn_angle.ptnr1_label_atom_id 
_pdbx_struct_conn_angle.ptnr1_label_alt_id 
_pdbx_struct_conn_angle.ptnr1_label_asym_id 
_pdbx_struct_conn_angle.ptnr1_label_comp_id 
_pdbx_struct_conn_angle.ptnr1_label_seq_id 
_pdbx_struct_conn_angle.ptnr1_auth_atom_id 
_pdbx_struct_conn_angle.ptnr1_auth_asym_id 
_pdbx_struct_conn_angle.ptnr1_auth_comp_id 
_pdbx_struct_conn_angle.ptnr1_auth_seq_id 
_pdbx_struct_conn_angle.ptnr1_PDB_ins_code 
_pdbx_struct_conn_angle.ptnr1_symmetry 
_pdbx_struct_conn_angle.ptnr2_label_atom_id 
_pdbx_struct_conn_angle.ptnr2_label_alt_id 
_pdbx_struct_conn_angle.ptnr2_label_asym_id 
_pdbx_struct_conn_angle.ptnr2_label_comp_id 
_pdbx_struct_conn_angle.ptnr2_label_seq_id 
_pdbx_struct_conn_angle.ptnr2_auth_atom_id 
_pdbx_struct_conn_angle.ptnr2_auth_asym_id 
_pdbx_struct_conn_angle.ptnr2_auth_comp_id 
_pdbx_struct_conn_angle.ptnr2_auth_seq_id 
_pdbx_struct_conn_angle.ptnr2_PDB_ins_code 
_pdbx_struct_conn_angle.ptnr2_symmetry 
_pdbx_struct_conn_angle.ptnr3_label_atom_id 
_pdbx_struct_conn_angle.ptnr3_label_alt_id 
_pdbx_struct_conn_angle.ptnr3_label_asym_id 
_pdbx_struct_conn_angle.ptnr3_label_comp_id 
_pdbx_struct_conn_angle.ptnr3_label_seq_id 
_pdbx_struct_conn_angle.ptnr3_auth_atom_id 
_pdbx_struct_conn_angle.ptnr3_auth_asym_id 
_pdbx_struct_conn_angle.ptnr3_auth_comp_id 
_pdbx_struct_conn_angle.ptnr3_auth_seq_id 
_pdbx_struct_conn_angle.ptnr3_PDB_ins_code 
_pdbx_struct_conn_angle.ptnr3_symmetry 
_pdbx_struct_conn_angle.value 
_pdbx_struct_conn_angle.value_esd 
1  OE2 ? A GLU 78 ? A GLU 78  ? 1_555 CA ? B CA . ? A CA 200 ? 1_555 OE2 ? A GLU 78 ? A GLU 78  ? 2_656 102.6 ? 
2  OE2 ? A GLU 78 ? A GLU 78  ? 1_555 CA ? B CA . ? A CA 200 ? 1_555 O3X ? C TAP .  ? A TAP 191 ? 1_555 99.1  ? 
3  OE2 ? A GLU 78 ? A GLU 78  ? 2_656 CA ? B CA . ? A CA 200 ? 1_555 O3X ? C TAP .  ? A TAP 191 ? 1_555 92.7  ? 
4  OE2 ? A GLU 78 ? A GLU 78  ? 1_555 CA ? B CA . ? A CA 200 ? 1_555 O3X ? C TAP .  ? A TAP 191 ? 2_656 85.2  ? 
5  OE2 ? A GLU 78 ? A GLU 78  ? 2_656 CA ? B CA . ? A CA 200 ? 1_555 O3X ? C TAP .  ? A TAP 191 ? 2_656 90.0  ? 
6  O3X ? C TAP .  ? A TAP 191 ? 1_555 CA ? B CA . ? A CA 200 ? 1_555 O3X ? C TAP .  ? A TAP 191 ? 2_656 174.4 ? 
7  OE2 ? A GLU 78 ? A GLU 78  ? 1_555 CA ? B CA . ? A CA 200 ? 1_555 O   ? D HOH .  ? A HOH 278 ? 1_555 89.8  ? 
8  OE2 ? A GLU 78 ? A GLU 78  ? 2_656 CA ? B CA . ? A CA 200 ? 1_555 O   ? D HOH .  ? A HOH 278 ? 1_555 167.2 ? 
9  O3X ? C TAP .  ? A TAP 191 ? 1_555 CA ? B CA . ? A CA 200 ? 1_555 O   ? D HOH .  ? A HOH 278 ? 1_555 82.2  ? 
10 O3X ? C TAP .  ? A TAP 191 ? 2_656 CA ? B CA . ? A CA 200 ? 1_555 O   ? D HOH .  ? A HOH 278 ? 1_555 94.2  ? 
11 OE2 ? A GLU 78 ? A GLU 78  ? 1_555 CA ? B CA . ? A CA 200 ? 1_555 O   ? D HOH .  ? A HOH 278 ? 2_656 157.8 ? 
12 OE2 ? A GLU 78 ? A GLU 78  ? 2_656 CA ? B CA . ? A CA 200 ? 1_555 O   ? D HOH .  ? A HOH 278 ? 2_656 87.3  ? 
13 O3X ? C TAP .  ? A TAP 191 ? 1_555 CA ? B CA . ? A CA 200 ? 1_555 O   ? D HOH .  ? A HOH 278 ? 2_656 100.3 ? 
14 O3X ? C TAP .  ? A TAP 191 ? 2_656 CA ? B CA . ? A CA 200 ? 1_555 O   ? D HOH .  ? A HOH 278 ? 2_656 74.8  ? 
15 O   ? D HOH .  ? A HOH 278 ? 1_555 CA ? B CA . ? A CA 200 ? 1_555 O   ? D HOH .  ? A HOH 278 ? 2_656 82.0  ? 
# 
loop_
_struct_mon_prot_cis.pdbx_id 
_struct_mon_prot_cis.label_comp_id 
_struct_mon_prot_cis.label_seq_id 
_struct_mon_prot_cis.label_asym_id 
_struct_mon_prot_cis.label_alt_id 
_struct_mon_prot_cis.pdbx_PDB_ins_code 
_struct_mon_prot_cis.auth_comp_id 
_struct_mon_prot_cis.auth_seq_id 
_struct_mon_prot_cis.auth_asym_id 
_struct_mon_prot_cis.pdbx_label_comp_id_2 
_struct_mon_prot_cis.pdbx_label_seq_id_2 
_struct_mon_prot_cis.pdbx_label_asym_id_2 
_struct_mon_prot_cis.pdbx_PDB_ins_code_2 
_struct_mon_prot_cis.pdbx_auth_comp_id_2 
_struct_mon_prot_cis.pdbx_auth_seq_id_2 
_struct_mon_prot_cis.pdbx_auth_asym_id_2 
_struct_mon_prot_cis.pdbx_PDB_model_num 
_struct_mon_prot_cis.pdbx_omega_angle 
1 ARG 65  A . ? ARG 65  A PRO 66  A ? PRO 66  A 1 -9.02 
2 GLY 116 A . ? GLY 116 A GLY 117 A ? GLY 117 A 1 3.39  
# 
loop_
_struct_sheet.id 
_struct_sheet.type 
_struct_sheet.number_strands 
_struct_sheet.details 
1 ? 8 ? 
2 ? 8 ? 
# 
loop_
_struct_sheet_order.sheet_id 
_struct_sheet_order.range_id_1 
_struct_sheet_order.range_id_2 
_struct_sheet_order.offset 
_struct_sheet_order.sense 
1 1 2 ? parallel      
1 2 3 ? parallel      
1 3 4 ? parallel      
1 4 5 ? parallel      
1 5 6 ? parallel      
1 6 7 ? anti-parallel 
1 7 8 ? anti-parallel 
2 1 2 ? parallel      
2 2 3 ? parallel      
2 3 4 ? parallel      
2 4 5 ? parallel      
2 5 6 ? parallel      
2 6 7 ? anti-parallel 
2 7 8 ? anti-parallel 
# 
loop_
_struct_sheet_range.sheet_id 
_struct_sheet_range.id 
_struct_sheet_range.beg_label_comp_id 
_struct_sheet_range.beg_label_asym_id 
_struct_sheet_range.beg_label_seq_id 
_struct_sheet_range.pdbx_beg_PDB_ins_code 
_struct_sheet_range.end_label_comp_id 
_struct_sheet_range.end_label_asym_id 
_struct_sheet_range.end_label_seq_id 
_struct_sheet_range.pdbx_end_PDB_ins_code 
_struct_sheet_range.beg_auth_comp_id 
_struct_sheet_range.beg_auth_asym_id 
_struct_sheet_range.beg_auth_seq_id 
_struct_sheet_range.end_auth_comp_id 
_struct_sheet_range.end_auth_asym_id 
_struct_sheet_range.end_auth_seq_id 
1 1 TYR A 88  ? SER A 90  ? TYR A 88  SER A 90  
1 2 ILE A 71  ? SER A 76  ? ILE A 71  SER A 76  
1 3 GLN A 47  ? GLY A 53  ? GLN A 47  GLY A 53  
1 4 LYS A 108 ? GLY A 116 ? LYS A 108 GLY A 116 
1 5 LEU A 4   ? VAL A 10  ? LEU A 4   VAL A 10  
1 6 ASN A 130 ? LEU A 139 ? ASN A 130 LEU A 139 
1 7 ILE A 175 ? SER A 185 ? ILE A 175 SER A 185 
1 8 LYS A 157 ? LEU A 159 ? LYS A 157 LEU A 159 
2 1 TYR A 88  ? SER A 90  ? TYR A 88  SER A 90  
2 2 ILE A 71  ? SER A 76  ? ILE A 71  SER A 76  
2 3 GLN A 47  ? GLY A 53  ? GLN A 47  GLY A 53  
2 4 LYS A 108 ? GLY A 116 ? LYS A 108 GLY A 116 
2 5 LEU A 4   ? VAL A 10  ? LEU A 4   VAL A 10  
2 6 ASN A 130 ? LEU A 139 ? ASN A 130 LEU A 139 
2 7 ILE A 175 ? SER A 185 ? ILE A 175 SER A 185 
2 8 ASP A 168 ? GLU A 172 ? ASP A 168 GLU A 172 
# 
loop_
_pdbx_struct_sheet_hbond.sheet_id 
_pdbx_struct_sheet_hbond.range_id_1 
_pdbx_struct_sheet_hbond.range_id_2 
_pdbx_struct_sheet_hbond.range_1_label_atom_id 
_pdbx_struct_sheet_hbond.range_1_label_comp_id 
_pdbx_struct_sheet_hbond.range_1_label_asym_id 
_pdbx_struct_sheet_hbond.range_1_label_seq_id 
_pdbx_struct_sheet_hbond.range_1_PDB_ins_code 
_pdbx_struct_sheet_hbond.range_1_auth_atom_id 
_pdbx_struct_sheet_hbond.range_1_auth_comp_id 
_pdbx_struct_sheet_hbond.range_1_auth_asym_id 
_pdbx_struct_sheet_hbond.range_1_auth_seq_id 
_pdbx_struct_sheet_hbond.range_2_label_atom_id 
_pdbx_struct_sheet_hbond.range_2_label_comp_id 
_pdbx_struct_sheet_hbond.range_2_label_asym_id 
_pdbx_struct_sheet_hbond.range_2_label_seq_id 
_pdbx_struct_sheet_hbond.range_2_PDB_ins_code 
_pdbx_struct_sheet_hbond.range_2_auth_atom_id 
_pdbx_struct_sheet_hbond.range_2_auth_comp_id 
_pdbx_struct_sheet_hbond.range_2_auth_asym_id 
_pdbx_struct_sheet_hbond.range_2_auth_seq_id 
1 1 2 O TYR A 88  ? O TYR A 88  N VAL A 74  ? N VAL A 74  
1 2 3 N ILE A 73  ? N ILE A 73  O GLY A 53  ? O GLY A 53  
1 3 4 N ILE A 51  ? N ILE A 51  O TRP A 113 ? O TRP A 113 
1 4 5 N ILE A 114 ? N ILE A 114 O ASN A 5   ? O ASN A 5   
1 5 6 O SER A 6   ? O SER A 6   N PHE A 134 ? N PHE A 134 
1 6 7 O LEU A 133 ? O LEU A 133 N TYR A 182 ? N TYR A 182 
1 7 8 N GLN A 183 ? N GLN A 183 O LYS A 157 ? O LYS A 157 
2 1 2 O TYR A 88  ? O TYR A 88  N VAL A 74  ? N VAL A 74  
2 2 3 N ILE A 73  ? N ILE A 73  O GLY A 53  ? O GLY A 53  
2 3 4 N ILE A 51  ? N ILE A 51  O TRP A 113 ? O TRP A 113 
2 4 5 N ILE A 114 ? N ILE A 114 O ASN A 5   ? O ASN A 5   
2 5 6 O SER A 6   ? O SER A 6   N PHE A 134 ? N PHE A 134 
2 6 7 O LEU A 133 ? O LEU A 133 N TYR A 182 ? N TYR A 182 
2 7 8 N TYR A 177 ? N TYR A 177 O GLN A 170 ? O GLN A 170 
# 
loop_
_struct_site.id 
_struct_site.pdbx_evidence_code 
_struct_site.pdbx_auth_asym_id 
_struct_site.pdbx_auth_comp_id 
_struct_site.pdbx_auth_seq_id 
_struct_site.pdbx_auth_ins_code 
_struct_site.pdbx_num_residues 
_struct_site.details 
AC1 Software A CA  200 ? 6  'BINDING SITE FOR RESIDUE CA A 200'  
AC2 Software A TAP 191 ? 33 'BINDING SITE FOR RESIDUE TAP A 191' 
# 
loop_
_struct_site_gen.id 
_struct_site_gen.site_id 
_struct_site_gen.pdbx_num_res 
_struct_site_gen.label_comp_id 
_struct_site_gen.label_asym_id 
_struct_site_gen.label_seq_id 
_struct_site_gen.pdbx_auth_ins_code 
_struct_site_gen.auth_comp_id 
_struct_site_gen.auth_asym_id 
_struct_site_gen.auth_seq_id 
_struct_site_gen.label_atom_id 
_struct_site_gen.label_alt_id 
_struct_site_gen.symmetry 
_struct_site_gen.details 
1  AC1 6  GLU A 78  ? GLU A 78  . ? 2_656 ? 
2  AC1 6  GLU A 78  ? GLU A 78  . ? 1_555 ? 
3  AC1 6  TAP C .   ? TAP A 191 . ? 2_656 ? 
4  AC1 6  TAP C .   ? TAP A 191 . ? 1_555 ? 
5  AC1 6  HOH D .   ? HOH A 278 . ? 2_656 ? 
6  AC1 6  HOH D .   ? HOH A 278 . ? 1_555 ? 
7  AC2 33 ALA A 9   ? ALA A 9   . ? 1_555 ? 
8  AC2 33 ILE A 16  ? ILE A 16  . ? 1_555 ? 
9  AC2 33 GLY A 17  ? GLY A 17  . ? 1_555 ? 
10 AC2 33 LYS A 18  ? LYS A 18  . ? 1_555 ? 
11 AC2 33 GLY A 20  ? GLY A 20  . ? 1_555 ? 
12 AC2 33 ASN A 21  ? ASN A 21  . ? 1_555 ? 
13 AC2 33 LEU A 22  ? LEU A 22  . ? 1_555 ? 
14 AC2 33 GLY A 53  ? GLY A 53  . ? 1_555 ? 
15 AC2 33 LYS A 54  ? LYS A 54  . ? 1_555 ? 
16 AC2 33 LYS A 55  ? LYS A 55  . ? 1_555 ? 
17 AC2 33 THR A 56  ? THR A 56  . ? 1_555 ? 
18 AC2 33 LEU A 75  ? LEU A 75  . ? 1_555 ? 
19 AC2 33 SER A 76  ? SER A 76  . ? 1_555 ? 
20 AC2 33 ARG A 77  ? ARG A 77  . ? 1_555 ? 
21 AC2 33 GLU A 78  ? GLU A 78  . ? 2_656 ? 
22 AC2 33 GLU A 78  ? GLU A 78  . ? 1_555 ? 
23 AC2 33 LYS A 91  ? LYS A 91  . ? 1_555 ? 
24 AC2 33 VAL A 115 ? VAL A 115 . ? 1_555 ? 
25 AC2 33 GLY A 117 ? GLY A 117 . ? 1_555 ? 
26 AC2 33 THR A 118 ? THR A 118 . ? 1_555 ? 
27 AC2 33 ALA A 119 ? ALA A 119 . ? 1_555 ? 
28 AC2 33 VAL A 120 ? VAL A 120 . ? 1_555 ? 
29 AC2 33 TYR A 121 ? TYR A 121 . ? 1_555 ? 
30 AC2 33 THR A 146 ? THR A 146 . ? 1_555 ? 
31 AC2 33 CA  B .   ? CA  A 200 . ? 2_656 ? 
32 AC2 33 CA  B .   ? CA  A 200 . ? 1_555 ? 
33 AC2 33 HOH D .   ? HOH A 220 . ? 1_555 ? 
34 AC2 33 HOH D .   ? HOH A 278 . ? 1_555 ? 
35 AC2 33 HOH D .   ? HOH A 318 . ? 1_555 ? 
36 AC2 33 HOH D .   ? HOH A 392 . ? 1_555 ? 
37 AC2 33 HOH D .   ? HOH A 393 . ? 1_555 ? 
38 AC2 33 HOH D .   ? HOH A 648 . ? 1_555 ? 
39 AC2 33 HOH D .   ? HOH A 746 . ? 1_555 ? 
# 
_pdbx_validate_close_contact.id               1 
_pdbx_validate_close_contact.PDB_model_num    1 
_pdbx_validate_close_contact.auth_atom_id_1   N 
_pdbx_validate_close_contact.auth_asym_id_1   A 
_pdbx_validate_close_contact.auth_comp_id_1   VAL 
_pdbx_validate_close_contact.auth_seq_id_1    43 
_pdbx_validate_close_contact.PDB_ins_code_1   ? 
_pdbx_validate_close_contact.label_alt_id_1   ? 
_pdbx_validate_close_contact.auth_atom_id_2   O 
_pdbx_validate_close_contact.auth_asym_id_2   A 
_pdbx_validate_close_contact.auth_comp_id_2   HOH 
_pdbx_validate_close_contact.auth_seq_id_2    653 
_pdbx_validate_close_contact.PDB_ins_code_2   ? 
_pdbx_validate_close_contact.label_alt_id_2   ? 
_pdbx_validate_close_contact.dist             1.85 
# 
loop_
_pdbx_validate_rmsd_angle.id 
_pdbx_validate_rmsd_angle.PDB_model_num 
_pdbx_validate_rmsd_angle.auth_atom_id_1 
_pdbx_validate_rmsd_angle.auth_asym_id_1 
_pdbx_validate_rmsd_angle.auth_comp_id_1 
_pdbx_validate_rmsd_angle.auth_seq_id_1 
_pdbx_validate_rmsd_angle.PDB_ins_code_1 
_pdbx_validate_rmsd_angle.label_alt_id_1 
_pdbx_validate_rmsd_angle.auth_atom_id_2 
_pdbx_validate_rmsd_angle.auth_asym_id_2 
_pdbx_validate_rmsd_angle.auth_comp_id_2 
_pdbx_validate_rmsd_angle.auth_seq_id_2 
_pdbx_validate_rmsd_angle.PDB_ins_code_2 
_pdbx_validate_rmsd_angle.label_alt_id_2 
_pdbx_validate_rmsd_angle.auth_atom_id_3 
_pdbx_validate_rmsd_angle.auth_asym_id_3 
_pdbx_validate_rmsd_angle.auth_comp_id_3 
_pdbx_validate_rmsd_angle.auth_seq_id_3 
_pdbx_validate_rmsd_angle.PDB_ins_code_3 
_pdbx_validate_rmsd_angle.label_alt_id_3 
_pdbx_validate_rmsd_angle.angle_value 
_pdbx_validate_rmsd_angle.angle_target_value 
_pdbx_validate_rmsd_angle.angle_deviation 
_pdbx_validate_rmsd_angle.angle_standard_deviation 
_pdbx_validate_rmsd_angle.linker_flag 
1 1 CA A GLU 44  ? ? CB A GLU 44  ? ? CG  A GLU 44  ? ? 129.13 113.40 15.73 2.20 N 
2 1 NE A ARG 65  ? ? CZ A ARG 65  ? ? NH2 A ARG 65  ? ? 117.17 120.30 -3.13 0.50 N 
3 1 NE A ARG 70  ? ? CZ A ARG 70  ? ? NH1 A ARG 70  ? ? 123.84 120.30 3.54  0.50 N 
4 1 CB A LEU 97  ? ? CA A LEU 97  ? ? C   A LEU 97  ? ? 122.56 110.20 12.36 1.90 N 
5 1 NE A ARG 132 ? ? CZ A ARG 132 ? ? NH1 A ARG 132 ? ? 123.79 120.30 3.49  0.50 N 
6 1 CB A ASP 168 ? ? CG A ASP 168 ? ? OD1 A ASP 168 ? ? 124.12 118.30 5.82  0.90 N 
# 
loop_
_pdbx_validate_torsion.id 
_pdbx_validate_torsion.PDB_model_num 
_pdbx_validate_torsion.auth_comp_id 
_pdbx_validate_torsion.auth_asym_id 
_pdbx_validate_torsion.auth_seq_id 
_pdbx_validate_torsion.PDB_ins_code 
_pdbx_validate_torsion.label_alt_id 
_pdbx_validate_torsion.phi 
_pdbx_validate_torsion.psi 
1 1 ASP A 110 ? ? -92.44 -85.44 
2 1 LEU A 139 ? ? -75.46 48.64  
3 1 PRO A 163 ? ? -53.31 109.13 
# 
_pdbx_validate_planes.id              1 
_pdbx_validate_planes.PDB_model_num   1 
_pdbx_validate_planes.auth_comp_id    ARG 
_pdbx_validate_planes.auth_asym_id    A 
_pdbx_validate_planes.auth_seq_id     70 
_pdbx_validate_planes.PDB_ins_code    ? 
_pdbx_validate_planes.label_alt_id    ? 
_pdbx_validate_planes.rmsd            0.087 
_pdbx_validate_planes.type            'SIDE CHAIN' 
# 
_pdbx_struct_special_symmetry.id              1 
_pdbx_struct_special_symmetry.PDB_model_num   1 
_pdbx_struct_special_symmetry.auth_asym_id    A 
_pdbx_struct_special_symmetry.auth_comp_id    CA 
_pdbx_struct_special_symmetry.auth_seq_id     200 
_pdbx_struct_special_symmetry.PDB_ins_code    ? 
_pdbx_struct_special_symmetry.label_asym_id   B 
_pdbx_struct_special_symmetry.label_comp_id   CA 
_pdbx_struct_special_symmetry.label_seq_id    . 
# 
loop_
_pdbx_database_remark.id 
_pdbx_database_remark.text 
650 
;HELIX

RESIDUES 21-26 FORM A LEFT-HANDED POLYPROLINE HELIX.

RESIDUE SER 102 PARTICIPATES IN BOTH HELIX E AND HELIX EP.

RESIDUES LYS 108 AND VAL 109 PARTICIPATE IN BOTH HELIX EP 
AND BETA STRAND E.
;
700 
;SHEET

RESIDUES ASP 110 AND MET 111 FORM A BETA-BULGE IN STRAND E.

RESIDUES VAL 115 AND GLY 116 FORM A BETA-BULGE IN STRAND E.

RESIDUES GLU 172 AND ILE 175 PARTICIPATE IN BOTH TIGHT-TURN 
8 AND BETA STRANDS 7 AND 9

TIGHT TURN 7 (RESIDUES 162-165) DISRUPT LAST STRAND OF SHEET 
INTO 2 STRANDS 8 AND 9.  THIS STRAND IS CONTINUOUS IN (E. COLI). 
A BETA BULGE IS PRESENT HERE IN (L. CASEI).
;
# 
loop_
_pdbx_unobs_or_zero_occ_residues.id 
_pdbx_unobs_or_zero_occ_residues.PDB_model_num 
_pdbx_unobs_or_zero_occ_residues.polymer_flag 
_pdbx_unobs_or_zero_occ_residues.occupancy_flag 
_pdbx_unobs_or_zero_occ_residues.auth_asym_id 
_pdbx_unobs_or_zero_occ_residues.auth_comp_id 
_pdbx_unobs_or_zero_occ_residues.auth_seq_id 
_pdbx_unobs_or_zero_occ_residues.PDB_ins_code 
_pdbx_unobs_or_zero_occ_residues.label_asym_id 
_pdbx_unobs_or_zero_occ_residues.label_comp_id 
_pdbx_unobs_or_zero_occ_residues.label_seq_id 
1 1 Y 1 A LEU 187 ? A LEU 187 
2 1 Y 1 A ALA 188 ? A ALA 188 
3 1 Y 1 A GLN 189 ? A GLN 189 
# 
loop_
_chem_comp_atom.comp_id 
_chem_comp_atom.atom_id 
_chem_comp_atom.type_symbol 
_chem_comp_atom.pdbx_aromatic_flag 
_chem_comp_atom.pdbx_stereo_config 
_chem_comp_atom.pdbx_ordinal 
ALA N    N  N N 1   
ALA CA   C  N S 2   
ALA C    C  N N 3   
ALA O    O  N N 4   
ALA CB   C  N N 5   
ALA OXT  O  N N 6   
ALA H    H  N N 7   
ALA H2   H  N N 8   
ALA HA   H  N N 9   
ALA HB1  H  N N 10  
ALA HB2  H  N N 11  
ALA HB3  H  N N 12  
ALA HXT  H  N N 13  
ARG N    N  N N 14  
ARG CA   C  N S 15  
ARG C    C  N N 16  
ARG O    O  N N 17  
ARG CB   C  N N 18  
ARG CG   C  N N 19  
ARG CD   C  N N 20  
ARG NE   N  N N 21  
ARG CZ   C  N N 22  
ARG NH1  N  N N 23  
ARG NH2  N  N N 24  
ARG OXT  O  N N 25  
ARG H    H  N N 26  
ARG H2   H  N N 27  
ARG HA   H  N N 28  
ARG HB2  H  N N 29  
ARG HB3  H  N N 30  
ARG HG2  H  N N 31  
ARG HG3  H  N N 32  
ARG HD2  H  N N 33  
ARG HD3  H  N N 34  
ARG HE   H  N N 35  
ARG HH11 H  N N 36  
ARG HH12 H  N N 37  
ARG HH21 H  N N 38  
ARG HH22 H  N N 39  
ARG HXT  H  N N 40  
ASN N    N  N N 41  
ASN CA   C  N S 42  
ASN C    C  N N 43  
ASN O    O  N N 44  
ASN CB   C  N N 45  
ASN CG   C  N N 46  
ASN OD1  O  N N 47  
ASN ND2  N  N N 48  
ASN OXT  O  N N 49  
ASN H    H  N N 50  
ASN H2   H  N N 51  
ASN HA   H  N N 52  
ASN HB2  H  N N 53  
ASN HB3  H  N N 54  
ASN HD21 H  N N 55  
ASN HD22 H  N N 56  
ASN HXT  H  N N 57  
ASP N    N  N N 58  
ASP CA   C  N S 59  
ASP C    C  N N 60  
ASP O    O  N N 61  
ASP CB   C  N N 62  
ASP CG   C  N N 63  
ASP OD1  O  N N 64  
ASP OD2  O  N N 65  
ASP OXT  O  N N 66  
ASP H    H  N N 67  
ASP H2   H  N N 68  
ASP HA   H  N N 69  
ASP HB2  H  N N 70  
ASP HB3  H  N N 71  
ASP HD2  H  N N 72  
ASP HXT  H  N N 73  
CA  CA   CA N N 74  
CYS N    N  N N 75  
CYS CA   C  N R 76  
CYS C    C  N N 77  
CYS O    O  N N 78  
CYS CB   C  N N 79  
CYS SG   S  N N 80  
CYS OXT  O  N N 81  
CYS H    H  N N 82  
CYS H2   H  N N 83  
CYS HA   H  N N 84  
CYS HB2  H  N N 85  
CYS HB3  H  N N 86  
CYS HG   H  N N 87  
CYS HXT  H  N N 88  
GLN N    N  N N 89  
GLN CA   C  N S 90  
GLN C    C  N N 91  
GLN O    O  N N 92  
GLN CB   C  N N 93  
GLN CG   C  N N 94  
GLN CD   C  N N 95  
GLN OE1  O  N N 96  
GLN NE2  N  N N 97  
GLN OXT  O  N N 98  
GLN H    H  N N 99  
GLN H2   H  N N 100 
GLN HA   H  N N 101 
GLN HB2  H  N N 102 
GLN HB3  H  N N 103 
GLN HG2  H  N N 104 
GLN HG3  H  N N 105 
GLN HE21 H  N N 106 
GLN HE22 H  N N 107 
GLN HXT  H  N N 108 
GLU N    N  N N 109 
GLU CA   C  N S 110 
GLU C    C  N N 111 
GLU O    O  N N 112 
GLU CB   C  N N 113 
GLU CG   C  N N 114 
GLU CD   C  N N 115 
GLU OE1  O  N N 116 
GLU OE2  O  N N 117 
GLU OXT  O  N N 118 
GLU H    H  N N 119 
GLU H2   H  N N 120 
GLU HA   H  N N 121 
GLU HB2  H  N N 122 
GLU HB3  H  N N 123 
GLU HG2  H  N N 124 
GLU HG3  H  N N 125 
GLU HE2  H  N N 126 
GLU HXT  H  N N 127 
GLY N    N  N N 128 
GLY CA   C  N N 129 
GLY C    C  N N 130 
GLY O    O  N N 131 
GLY OXT  O  N N 132 
GLY H    H  N N 133 
GLY H2   H  N N 134 
GLY HA2  H  N N 135 
GLY HA3  H  N N 136 
GLY HXT  H  N N 137 
HIS N    N  N N 138 
HIS CA   C  N S 139 
HIS C    C  N N 140 
HIS O    O  N N 141 
HIS CB   C  N N 142 
HIS CG   C  Y N 143 
HIS ND1  N  Y N 144 
HIS CD2  C  Y N 145 
HIS CE1  C  Y N 146 
HIS NE2  N  Y N 147 
HIS OXT  O  N N 148 
HIS H    H  N N 149 
HIS H2   H  N N 150 
HIS HA   H  N N 151 
HIS HB2  H  N N 152 
HIS HB3  H  N N 153 
HIS HD1  H  N N 154 
HIS HD2  H  N N 155 
HIS HE1  H  N N 156 
HIS HE2  H  N N 157 
HIS HXT  H  N N 158 
HOH O    O  N N 159 
HOH H1   H  N N 160 
HOH H2   H  N N 161 
ILE N    N  N N 162 
ILE CA   C  N S 163 
ILE C    C  N N 164 
ILE O    O  N N 165 
ILE CB   C  N S 166 
ILE CG1  C  N N 167 
ILE CG2  C  N N 168 
ILE CD1  C  N N 169 
ILE OXT  O  N N 170 
ILE H    H  N N 171 
ILE H2   H  N N 172 
ILE HA   H  N N 173 
ILE HB   H  N N 174 
ILE HG12 H  N N 175 
ILE HG13 H  N N 176 
ILE HG21 H  N N 177 
ILE HG22 H  N N 178 
ILE HG23 H  N N 179 
ILE HD11 H  N N 180 
ILE HD12 H  N N 181 
ILE HD13 H  N N 182 
ILE HXT  H  N N 183 
LEU N    N  N N 184 
LEU CA   C  N S 185 
LEU C    C  N N 186 
LEU O    O  N N 187 
LEU CB   C  N N 188 
LEU CG   C  N N 189 
LEU CD1  C  N N 190 
LEU CD2  C  N N 191 
LEU OXT  O  N N 192 
LEU H    H  N N 193 
LEU H2   H  N N 194 
LEU HA   H  N N 195 
LEU HB2  H  N N 196 
LEU HB3  H  N N 197 
LEU HG   H  N N 198 
LEU HD11 H  N N 199 
LEU HD12 H  N N 200 
LEU HD13 H  N N 201 
LEU HD21 H  N N 202 
LEU HD22 H  N N 203 
LEU HD23 H  N N 204 
LEU HXT  H  N N 205 
LYS N    N  N N 206 
LYS CA   C  N S 207 
LYS C    C  N N 208 
LYS O    O  N N 209 
LYS CB   C  N N 210 
LYS CG   C  N N 211 
LYS CD   C  N N 212 
LYS CE   C  N N 213 
LYS NZ   N  N N 214 
LYS OXT  O  N N 215 
LYS H    H  N N 216 
LYS H2   H  N N 217 
LYS HA   H  N N 218 
LYS HB2  H  N N 219 
LYS HB3  H  N N 220 
LYS HG2  H  N N 221 
LYS HG3  H  N N 222 
LYS HD2  H  N N 223 
LYS HD3  H  N N 224 
LYS HE2  H  N N 225 
LYS HE3  H  N N 226 
LYS HZ1  H  N N 227 
LYS HZ2  H  N N 228 
LYS HZ3  H  N N 229 
LYS HXT  H  N N 230 
MET N    N  N N 231 
MET CA   C  N S 232 
MET C    C  N N 233 
MET O    O  N N 234 
MET CB   C  N N 235 
MET CG   C  N N 236 
MET SD   S  N N 237 
MET CE   C  N N 238 
MET OXT  O  N N 239 
MET H    H  N N 240 
MET H2   H  N N 241 
MET HA   H  N N 242 
MET HB2  H  N N 243 
MET HB3  H  N N 244 
MET HG2  H  N N 245 
MET HG3  H  N N 246 
MET HE1  H  N N 247 
MET HE2  H  N N 248 
MET HE3  H  N N 249 
MET HXT  H  N N 250 
PHE N    N  N N 251 
PHE CA   C  N S 252 
PHE C    C  N N 253 
PHE O    O  N N 254 
PHE CB   C  N N 255 
PHE CG   C  Y N 256 
PHE CD1  C  Y N 257 
PHE CD2  C  Y N 258 
PHE CE1  C  Y N 259 
PHE CE2  C  Y N 260 
PHE CZ   C  Y N 261 
PHE OXT  O  N N 262 
PHE H    H  N N 263 
PHE H2   H  N N 264 
PHE HA   H  N N 265 
PHE HB2  H  N N 266 
PHE HB3  H  N N 267 
PHE HD1  H  N N 268 
PHE HD2  H  N N 269 
PHE HE1  H  N N 270 
PHE HE2  H  N N 271 
PHE HZ   H  N N 272 
PHE HXT  H  N N 273 
PRO N    N  N N 274 
PRO CA   C  N S 275 
PRO C    C  N N 276 
PRO O    O  N N 277 
PRO CB   C  N N 278 
PRO CG   C  N N 279 
PRO CD   C  N N 280 
PRO OXT  O  N N 281 
PRO H    H  N N 282 
PRO HA   H  N N 283 
PRO HB2  H  N N 284 
PRO HB3  H  N N 285 
PRO HG2  H  N N 286 
PRO HG3  H  N N 287 
PRO HD2  H  N N 288 
PRO HD3  H  N N 289 
PRO HXT  H  N N 290 
SER N    N  N N 291 
SER CA   C  N S 292 
SER C    C  N N 293 
SER O    O  N N 294 
SER CB   C  N N 295 
SER OG   O  N N 296 
SER OXT  O  N N 297 
SER H    H  N N 298 
SER H2   H  N N 299 
SER HA   H  N N 300 
SER HB2  H  N N 301 
SER HB3  H  N N 302 
SER HG   H  N N 303 
SER HXT  H  N N 304 
TAP PA   P  N R 305 
TAP O1A  O  N N 306 
TAP O2A  O  N N 307 
TAP O5B  O  N N 308 
TAP C5B  C  N N 309 
TAP C4B  C  N R 310 
TAP O4B  O  N N 311 
TAP C3B  C  N R 312 
TAP O3B  O  N N 313 
TAP C2B  C  N R 314 
TAP O2B  O  N N 315 
TAP C1B  C  N R 316 
TAP N9A  N  Y N 317 
TAP C8A  C  Y N 318 
TAP N7A  N  Y N 319 
TAP C5A  C  Y N 320 
TAP C6A  C  Y N 321 
TAP N6A  N  N N 322 
TAP N1A  N  Y N 323 
TAP C2A  C  Y N 324 
TAP N3A  N  Y N 325 
TAP C4A  C  Y N 326 
TAP O3   O  N N 327 
TAP PN   P  N N 328 
TAP O1N  O  N N 329 
TAP O2N  O  N N 330 
TAP O5D  O  N N 331 
TAP C5D  C  N N 332 
TAP C4D  C  N R 333 
TAP O4D  O  N N 334 
TAP C3D  C  N S 335 
TAP O3D  O  N N 336 
TAP C2D  C  N R 337 
TAP O2D  O  N N 338 
TAP C1D  C  N R 339 
TAP N1N  N  Y N 340 
TAP C2N  C  Y N 341 
TAP C3N  C  Y N 342 
TAP C7N  C  N N 343 
TAP S7N  S  N N 344 
TAP N7N  N  N N 345 
TAP C4N  C  Y N 346 
TAP C5N  C  Y N 347 
TAP C6N  C  Y N 348 
TAP P2B  P  N N 349 
TAP O1X  O  N N 350 
TAP O2X  O  N N 351 
TAP O3X  O  N N 352 
TAP HOA2 H  N N 353 
TAP H51A H  N N 354 
TAP H52A H  N N 355 
TAP H4B  H  N N 356 
TAP H3B  H  N N 357 
TAP HO3A H  N N 358 
TAP H2B  H  N N 359 
TAP H1B  H  N N 360 
TAP H8A  H  N N 361 
TAP H61A H  N N 362 
TAP H62A H  N N 363 
TAP H2A  H  N N 364 
TAP H51N H  N N 365 
TAP H52N H  N N 366 
TAP H4D  H  N N 367 
TAP H3D  H  N N 368 
TAP HO3N H  N N 369 
TAP H2D  H  N N 370 
TAP HO2N H  N N 371 
TAP H1D  H  N N 372 
TAP H2N  H  N N 373 
TAP H71N H  N N 374 
TAP H72N H  N N 375 
TAP H4N  H  N N 376 
TAP H5N  H  N N 377 
TAP H6N  H  N N 378 
TAP HOP2 H  N N 379 
TAP HOP3 H  N N 380 
THR N    N  N N 381 
THR CA   C  N S 382 
THR C    C  N N 383 
THR O    O  N N 384 
THR CB   C  N R 385 
THR OG1  O  N N 386 
THR CG2  C  N N 387 
THR OXT  O  N N 388 
THR H    H  N N 389 
THR H2   H  N N 390 
THR HA   H  N N 391 
THR HB   H  N N 392 
THR HG1  H  N N 393 
THR HG21 H  N N 394 
THR HG22 H  N N 395 
THR HG23 H  N N 396 
THR HXT  H  N N 397 
TRP N    N  N N 398 
TRP CA   C  N S 399 
TRP C    C  N N 400 
TRP O    O  N N 401 
TRP CB   C  N N 402 
TRP CG   C  Y N 403 
TRP CD1  C  Y N 404 
TRP CD2  C  Y N 405 
TRP NE1  N  Y N 406 
TRP CE2  C  Y N 407 
TRP CE3  C  Y N 408 
TRP CZ2  C  Y N 409 
TRP CZ3  C  Y N 410 
TRP CH2  C  Y N 411 
TRP OXT  O  N N 412 
TRP H    H  N N 413 
TRP H2   H  N N 414 
TRP HA   H  N N 415 
TRP HB2  H  N N 416 
TRP HB3  H  N N 417 
TRP HD1  H  N N 418 
TRP HE1  H  N N 419 
TRP HE3  H  N N 420 
TRP HZ2  H  N N 421 
TRP HZ3  H  N N 422 
TRP HH2  H  N N 423 
TRP HXT  H  N N 424 
TYR N    N  N N 425 
TYR CA   C  N S 426 
TYR C    C  N N 427 
TYR O    O  N N 428 
TYR CB   C  N N 429 
TYR CG   C  Y N 430 
TYR CD1  C  Y N 431 
TYR CD2  C  Y N 432 
TYR CE1  C  Y N 433 
TYR CE2  C  Y N 434 
TYR CZ   C  Y N 435 
TYR OH   O  N N 436 
TYR OXT  O  N N 437 
TYR H    H  N N 438 
TYR H2   H  N N 439 
TYR HA   H  N N 440 
TYR HB2  H  N N 441 
TYR HB3  H  N N 442 
TYR HD1  H  N N 443 
TYR HD2  H  N N 444 
TYR HE1  H  N N 445 
TYR HE2  H  N N 446 
TYR HH   H  N N 447 
TYR HXT  H  N N 448 
VAL N    N  N N 449 
VAL CA   C  N S 450 
VAL C    C  N N 451 
VAL O    O  N N 452 
VAL CB   C  N N 453 
VAL CG1  C  N N 454 
VAL CG2  C  N N 455 
VAL OXT  O  N N 456 
VAL H    H  N N 457 
VAL H2   H  N N 458 
VAL HA   H  N N 459 
VAL HB   H  N N 460 
VAL HG11 H  N N 461 
VAL HG12 H  N N 462 
VAL HG13 H  N N 463 
VAL HG21 H  N N 464 
VAL HG22 H  N N 465 
VAL HG23 H  N N 466 
VAL HXT  H  N N 467 
# 
loop_
_chem_comp_bond.comp_id 
_chem_comp_bond.atom_id_1 
_chem_comp_bond.atom_id_2 
_chem_comp_bond.value_order 
_chem_comp_bond.pdbx_aromatic_flag 
_chem_comp_bond.pdbx_stereo_config 
_chem_comp_bond.pdbx_ordinal 
ALA N   CA   sing N N 1   
ALA N   H    sing N N 2   
ALA N   H2   sing N N 3   
ALA CA  C    sing N N 4   
ALA CA  CB   sing N N 5   
ALA CA  HA   sing N N 6   
ALA C   O    doub N N 7   
ALA C   OXT  sing N N 8   
ALA CB  HB1  sing N N 9   
ALA CB  HB2  sing N N 10  
ALA CB  HB3  sing N N 11  
ALA OXT HXT  sing N N 12  
ARG N   CA   sing N N 13  
ARG N   H    sing N N 14  
ARG N   H2   sing N N 15  
ARG CA  C    sing N N 16  
ARG CA  CB   sing N N 17  
ARG CA  HA   sing N N 18  
ARG C   O    doub N N 19  
ARG C   OXT  sing N N 20  
ARG CB  CG   sing N N 21  
ARG CB  HB2  sing N N 22  
ARG CB  HB3  sing N N 23  
ARG CG  CD   sing N N 24  
ARG CG  HG2  sing N N 25  
ARG CG  HG3  sing N N 26  
ARG CD  NE   sing N N 27  
ARG CD  HD2  sing N N 28  
ARG CD  HD3  sing N N 29  
ARG NE  CZ   sing N N 30  
ARG NE  HE   sing N N 31  
ARG CZ  NH1  sing N N 32  
ARG CZ  NH2  doub N N 33  
ARG NH1 HH11 sing N N 34  
ARG NH1 HH12 sing N N 35  
ARG NH2 HH21 sing N N 36  
ARG NH2 HH22 sing N N 37  
ARG OXT HXT  sing N N 38  
ASN N   CA   sing N N 39  
ASN N   H    sing N N 40  
ASN N   H2   sing N N 41  
ASN CA  C    sing N N 42  
ASN CA  CB   sing N N 43  
ASN CA  HA   sing N N 44  
ASN C   O    doub N N 45  
ASN C   OXT  sing N N 46  
ASN CB  CG   sing N N 47  
ASN CB  HB2  sing N N 48  
ASN CB  HB3  sing N N 49  
ASN CG  OD1  doub N N 50  
ASN CG  ND2  sing N N 51  
ASN ND2 HD21 sing N N 52  
ASN ND2 HD22 sing N N 53  
ASN OXT HXT  sing N N 54  
ASP N   CA   sing N N 55  
ASP N   H    sing N N 56  
ASP N   H2   sing N N 57  
ASP CA  C    sing N N 58  
ASP CA  CB   sing N N 59  
ASP CA  HA   sing N N 60  
ASP C   O    doub N N 61  
ASP C   OXT  sing N N 62  
ASP CB  CG   sing N N 63  
ASP CB  HB2  sing N N 64  
ASP CB  HB3  sing N N 65  
ASP CG  OD1  doub N N 66  
ASP CG  OD2  sing N N 67  
ASP OD2 HD2  sing N N 68  
ASP OXT HXT  sing N N 69  
CYS N   CA   sing N N 70  
CYS N   H    sing N N 71  
CYS N   H2   sing N N 72  
CYS CA  C    sing N N 73  
CYS CA  CB   sing N N 74  
CYS CA  HA   sing N N 75  
CYS C   O    doub N N 76  
CYS C   OXT  sing N N 77  
CYS CB  SG   sing N N 78  
CYS CB  HB2  sing N N 79  
CYS CB  HB3  sing N N 80  
CYS SG  HG   sing N N 81  
CYS OXT HXT  sing N N 82  
GLN N   CA   sing N N 83  
GLN N   H    sing N N 84  
GLN N   H2   sing N N 85  
GLN CA  C    sing N N 86  
GLN CA  CB   sing N N 87  
GLN CA  HA   sing N N 88  
GLN C   O    doub N N 89  
GLN C   OXT  sing N N 90  
GLN CB  CG   sing N N 91  
GLN CB  HB2  sing N N 92  
GLN CB  HB3  sing N N 93  
GLN CG  CD   sing N N 94  
GLN CG  HG2  sing N N 95  
GLN CG  HG3  sing N N 96  
GLN CD  OE1  doub N N 97  
GLN CD  NE2  sing N N 98  
GLN NE2 HE21 sing N N 99  
GLN NE2 HE22 sing N N 100 
GLN OXT HXT  sing N N 101 
GLU N   CA   sing N N 102 
GLU N   H    sing N N 103 
GLU N   H2   sing N N 104 
GLU CA  C    sing N N 105 
GLU CA  CB   sing N N 106 
GLU CA  HA   sing N N 107 
GLU C   O    doub N N 108 
GLU C   OXT  sing N N 109 
GLU CB  CG   sing N N 110 
GLU CB  HB2  sing N N 111 
GLU CB  HB3  sing N N 112 
GLU CG  CD   sing N N 113 
GLU CG  HG2  sing N N 114 
GLU CG  HG3  sing N N 115 
GLU CD  OE1  doub N N 116 
GLU CD  OE2  sing N N 117 
GLU OE2 HE2  sing N N 118 
GLU OXT HXT  sing N N 119 
GLY N   CA   sing N N 120 
GLY N   H    sing N N 121 
GLY N   H2   sing N N 122 
GLY CA  C    sing N N 123 
GLY CA  HA2  sing N N 124 
GLY CA  HA3  sing N N 125 
GLY C   O    doub N N 126 
GLY C   OXT  sing N N 127 
GLY OXT HXT  sing N N 128 
HIS N   CA   sing N N 129 
HIS N   H    sing N N 130 
HIS N   H2   sing N N 131 
HIS CA  C    sing N N 132 
HIS CA  CB   sing N N 133 
HIS CA  HA   sing N N 134 
HIS C   O    doub N N 135 
HIS C   OXT  sing N N 136 
HIS CB  CG   sing N N 137 
HIS CB  HB2  sing N N 138 
HIS CB  HB3  sing N N 139 
HIS CG  ND1  sing Y N 140 
HIS CG  CD2  doub Y N 141 
HIS ND1 CE1  doub Y N 142 
HIS ND1 HD1  sing N N 143 
HIS CD2 NE2  sing Y N 144 
HIS CD2 HD2  sing N N 145 
HIS CE1 NE2  sing Y N 146 
HIS CE1 HE1  sing N N 147 
HIS NE2 HE2  sing N N 148 
HIS OXT HXT  sing N N 149 
HOH O   H1   sing N N 150 
HOH O   H2   sing N N 151 
ILE N   CA   sing N N 152 
ILE N   H    sing N N 153 
ILE N   H2   sing N N 154 
ILE CA  C    sing N N 155 
ILE CA  CB   sing N N 156 
ILE CA  HA   sing N N 157 
ILE C   O    doub N N 158 
ILE C   OXT  sing N N 159 
ILE CB  CG1  sing N N 160 
ILE CB  CG2  sing N N 161 
ILE CB  HB   sing N N 162 
ILE CG1 CD1  sing N N 163 
ILE CG1 HG12 sing N N 164 
ILE CG1 HG13 sing N N 165 
ILE CG2 HG21 sing N N 166 
ILE CG2 HG22 sing N N 167 
ILE CG2 HG23 sing N N 168 
ILE CD1 HD11 sing N N 169 
ILE CD1 HD12 sing N N 170 
ILE CD1 HD13 sing N N 171 
ILE OXT HXT  sing N N 172 
LEU N   CA   sing N N 173 
LEU N   H    sing N N 174 
LEU N   H2   sing N N 175 
LEU CA  C    sing N N 176 
LEU CA  CB   sing N N 177 
LEU CA  HA   sing N N 178 
LEU C   O    doub N N 179 
LEU C   OXT  sing N N 180 
LEU CB  CG   sing N N 181 
LEU CB  HB2  sing N N 182 
LEU CB  HB3  sing N N 183 
LEU CG  CD1  sing N N 184 
LEU CG  CD2  sing N N 185 
LEU CG  HG   sing N N 186 
LEU CD1 HD11 sing N N 187 
LEU CD1 HD12 sing N N 188 
LEU CD1 HD13 sing N N 189 
LEU CD2 HD21 sing N N 190 
LEU CD2 HD22 sing N N 191 
LEU CD2 HD23 sing N N 192 
LEU OXT HXT  sing N N 193 
LYS N   CA   sing N N 194 
LYS N   H    sing N N 195 
LYS N   H2   sing N N 196 
LYS CA  C    sing N N 197 
LYS CA  CB   sing N N 198 
LYS CA  HA   sing N N 199 
LYS C   O    doub N N 200 
LYS C   OXT  sing N N 201 
LYS CB  CG   sing N N 202 
LYS CB  HB2  sing N N 203 
LYS CB  HB3  sing N N 204 
LYS CG  CD   sing N N 205 
LYS CG  HG2  sing N N 206 
LYS CG  HG3  sing N N 207 
LYS CD  CE   sing N N 208 
LYS CD  HD2  sing N N 209 
LYS CD  HD3  sing N N 210 
LYS CE  NZ   sing N N 211 
LYS CE  HE2  sing N N 212 
LYS CE  HE3  sing N N 213 
LYS NZ  HZ1  sing N N 214 
LYS NZ  HZ2  sing N N 215 
LYS NZ  HZ3  sing N N 216 
LYS OXT HXT  sing N N 217 
MET N   CA   sing N N 218 
MET N   H    sing N N 219 
MET N   H2   sing N N 220 
MET CA  C    sing N N 221 
MET CA  CB   sing N N 222 
MET CA  HA   sing N N 223 
MET C   O    doub N N 224 
MET C   OXT  sing N N 225 
MET CB  CG   sing N N 226 
MET CB  HB2  sing N N 227 
MET CB  HB3  sing N N 228 
MET CG  SD   sing N N 229 
MET CG  HG2  sing N N 230 
MET CG  HG3  sing N N 231 
MET SD  CE   sing N N 232 
MET CE  HE1  sing N N 233 
MET CE  HE2  sing N N 234 
MET CE  HE3  sing N N 235 
MET OXT HXT  sing N N 236 
PHE N   CA   sing N N 237 
PHE N   H    sing N N 238 
PHE N   H2   sing N N 239 
PHE CA  C    sing N N 240 
PHE CA  CB   sing N N 241 
PHE CA  HA   sing N N 242 
PHE C   O    doub N N 243 
PHE C   OXT  sing N N 244 
PHE CB  CG   sing N N 245 
PHE CB  HB2  sing N N 246 
PHE CB  HB3  sing N N 247 
PHE CG  CD1  doub Y N 248 
PHE CG  CD2  sing Y N 249 
PHE CD1 CE1  sing Y N 250 
PHE CD1 HD1  sing N N 251 
PHE CD2 CE2  doub Y N 252 
PHE CD2 HD2  sing N N 253 
PHE CE1 CZ   doub Y N 254 
PHE CE1 HE1  sing N N 255 
PHE CE2 CZ   sing Y N 256 
PHE CE2 HE2  sing N N 257 
PHE CZ  HZ   sing N N 258 
PHE OXT HXT  sing N N 259 
PRO N   CA   sing N N 260 
PRO N   CD   sing N N 261 
PRO N   H    sing N N 262 
PRO CA  C    sing N N 263 
PRO CA  CB   sing N N 264 
PRO CA  HA   sing N N 265 
PRO C   O    doub N N 266 
PRO C   OXT  sing N N 267 
PRO CB  CG   sing N N 268 
PRO CB  HB2  sing N N 269 
PRO CB  HB3  sing N N 270 
PRO CG  CD   sing N N 271 
PRO CG  HG2  sing N N 272 
PRO CG  HG3  sing N N 273 
PRO CD  HD2  sing N N 274 
PRO CD  HD3  sing N N 275 
PRO OXT HXT  sing N N 276 
SER N   CA   sing N N 277 
SER N   H    sing N N 278 
SER N   H2   sing N N 279 
SER CA  C    sing N N 280 
SER CA  CB   sing N N 281 
SER CA  HA   sing N N 282 
SER C   O    doub N N 283 
SER C   OXT  sing N N 284 
SER CB  OG   sing N N 285 
SER CB  HB2  sing N N 286 
SER CB  HB3  sing N N 287 
SER OG  HG   sing N N 288 
SER OXT HXT  sing N N 289 
TAP PA  O1A  doub N N 290 
TAP PA  O2A  sing N N 291 
TAP PA  O5B  sing N N 292 
TAP PA  O3   sing N N 293 
TAP O2A HOA2 sing N N 294 
TAP O5B C5B  sing N N 295 
TAP C5B C4B  sing N N 296 
TAP C5B H51A sing N N 297 
TAP C5B H52A sing N N 298 
TAP C4B O4B  sing N N 299 
TAP C4B C3B  sing N N 300 
TAP C4B H4B  sing N N 301 
TAP O4B C1B  sing N N 302 
TAP C3B O3B  sing N N 303 
TAP C3B C2B  sing N N 304 
TAP C3B H3B  sing N N 305 
TAP O3B HO3A sing N N 306 
TAP C2B O2B  sing N N 307 
TAP C2B C1B  sing N N 308 
TAP C2B H2B  sing N N 309 
TAP O2B P2B  sing N N 310 
TAP C1B N9A  sing N N 311 
TAP C1B H1B  sing N N 312 
TAP N9A C8A  sing Y N 313 
TAP N9A C4A  sing Y N 314 
TAP C8A N7A  doub Y N 315 
TAP C8A H8A  sing N N 316 
TAP N7A C5A  sing Y N 317 
TAP C5A C6A  sing Y N 318 
TAP C5A C4A  doub Y N 319 
TAP C6A N6A  sing N N 320 
TAP C6A N1A  doub Y N 321 
TAP N6A H61A sing N N 322 
TAP N6A H62A sing N N 323 
TAP N1A C2A  sing Y N 324 
TAP C2A N3A  doub Y N 325 
TAP C2A H2A  sing N N 326 
TAP N3A C4A  sing Y N 327 
TAP O3  PN   sing N N 328 
TAP PN  O1N  doub N N 329 
TAP PN  O2N  sing N N 330 
TAP PN  O5D  sing N N 331 
TAP O5D C5D  sing N N 332 
TAP C5D C4D  sing N N 333 
TAP C5D H51N sing N N 334 
TAP C5D H52N sing N N 335 
TAP C4D O4D  sing N N 336 
TAP C4D C3D  sing N N 337 
TAP C4D H4D  sing N N 338 
TAP O4D C1D  sing N N 339 
TAP C3D O3D  sing N N 340 
TAP C3D C2D  sing N N 341 
TAP C3D H3D  sing N N 342 
TAP O3D HO3N sing N N 343 
TAP C2D O2D  sing N N 344 
TAP C2D C1D  sing N N 345 
TAP C2D H2D  sing N N 346 
TAP O2D HO2N sing N N 347 
TAP C1D N1N  sing N N 348 
TAP C1D H1D  sing N N 349 
TAP N1N C2N  sing Y N 350 
TAP N1N C6N  doub Y N 351 
TAP C2N C3N  doub Y N 352 
TAP C2N H2N  sing N N 353 
TAP C3N C7N  sing N N 354 
TAP C3N C4N  sing Y N 355 
TAP C7N S7N  doub N N 356 
TAP C7N N7N  sing N N 357 
TAP N7N H71N sing N N 358 
TAP N7N H72N sing N N 359 
TAP C4N C5N  doub Y N 360 
TAP C4N H4N  sing N N 361 
TAP C5N C6N  sing Y N 362 
TAP C5N H5N  sing N N 363 
TAP C6N H6N  sing N N 364 
TAP P2B O1X  doub N N 365 
TAP P2B O2X  sing N N 366 
TAP P2B O3X  sing N N 367 
TAP O2X HOP2 sing N N 368 
TAP O3X HOP3 sing N N 369 
THR N   CA   sing N N 370 
THR N   H    sing N N 371 
THR N   H2   sing N N 372 
THR CA  C    sing N N 373 
THR CA  CB   sing N N 374 
THR CA  HA   sing N N 375 
THR C   O    doub N N 376 
THR C   OXT  sing N N 377 
THR CB  OG1  sing N N 378 
THR CB  CG2  sing N N 379 
THR CB  HB   sing N N 380 
THR OG1 HG1  sing N N 381 
THR CG2 HG21 sing N N 382 
THR CG2 HG22 sing N N 383 
THR CG2 HG23 sing N N 384 
THR OXT HXT  sing N N 385 
TRP N   CA   sing N N 386 
TRP N   H    sing N N 387 
TRP N   H2   sing N N 388 
TRP CA  C    sing N N 389 
TRP CA  CB   sing N N 390 
TRP CA  HA   sing N N 391 
TRP C   O    doub N N 392 
TRP C   OXT  sing N N 393 
TRP CB  CG   sing N N 394 
TRP CB  HB2  sing N N 395 
TRP CB  HB3  sing N N 396 
TRP CG  CD1  doub Y N 397 
TRP CG  CD2  sing Y N 398 
TRP CD1 NE1  sing Y N 399 
TRP CD1 HD1  sing N N 400 
TRP CD2 CE2  doub Y N 401 
TRP CD2 CE3  sing Y N 402 
TRP NE1 CE2  sing Y N 403 
TRP NE1 HE1  sing N N 404 
TRP CE2 CZ2  sing Y N 405 
TRP CE3 CZ3  doub Y N 406 
TRP CE3 HE3  sing N N 407 
TRP CZ2 CH2  doub Y N 408 
TRP CZ2 HZ2  sing N N 409 
TRP CZ3 CH2  sing Y N 410 
TRP CZ3 HZ3  sing N N 411 
TRP CH2 HH2  sing N N 412 
TRP OXT HXT  sing N N 413 
TYR N   CA   sing N N 414 
TYR N   H    sing N N 415 
TYR N   H2   sing N N 416 
TYR CA  C    sing N N 417 
TYR CA  CB   sing N N 418 
TYR CA  HA   sing N N 419 
TYR C   O    doub N N 420 
TYR C   OXT  sing N N 421 
TYR CB  CG   sing N N 422 
TYR CB  HB2  sing N N 423 
TYR CB  HB3  sing N N 424 
TYR CG  CD1  doub Y N 425 
TYR CG  CD2  sing Y N 426 
TYR CD1 CE1  sing Y N 427 
TYR CD1 HD1  sing N N 428 
TYR CD2 CE2  doub Y N 429 
TYR CD2 HD2  sing N N 430 
TYR CE1 CZ   doub Y N 431 
TYR CE1 HE1  sing N N 432 
TYR CE2 CZ   sing Y N 433 
TYR CE2 HE2  sing N N 434 
TYR CZ  OH   sing N N 435 
TYR OH  HH   sing N N 436 
TYR OXT HXT  sing N N 437 
VAL N   CA   sing N N 438 
VAL N   H    sing N N 439 
VAL N   H2   sing N N 440 
VAL CA  C    sing N N 441 
VAL CA  CB   sing N N 442 
VAL CA  HA   sing N N 443 
VAL C   O    doub N N 444 
VAL C   OXT  sing N N 445 
VAL CB  CG1  sing N N 446 
VAL CB  CG2  sing N N 447 
VAL CB  HB   sing N N 448 
VAL CG1 HG11 sing N N 449 
VAL CG1 HG12 sing N N 450 
VAL CG1 HG13 sing N N 451 
VAL CG2 HG21 sing N N 452 
VAL CG2 HG22 sing N N 453 
VAL CG2 HG23 sing N N 454 
VAL OXT HXT  sing N N 455 
# 
_atom_sites.entry_id                    1DR2 
_atom_sites.fract_transf_matrix[1][1]   0.00298731 
_atom_sites.fract_transf_matrix[1][2]   -0.00796967 
_atom_sites.fract_transf_matrix[1][3]   -0.01067367 
_atom_sites.fract_transf_matrix[2][1]   -0.01618176 
_atom_sites.fract_transf_matrix[2][2]   0.00779552 
_atom_sites.fract_transf_matrix[2][3]   -0.01034956 
_atom_sites.fract_transf_matrix[3][1]   0.01148994 
_atom_sites.fract_transf_matrix[3][2]   0.00493497 
_atom_sites.fract_transf_matrix[3][3]   -0.01424764 
_atom_sites.fract_transf_vector[1]      0.233537 
_atom_sites.fract_transf_vector[2]      0.079061 
_atom_sites.fract_transf_vector[3]      0.203199 
# 
loop_
_atom_sites_footnote.id 
_atom_sites_footnote.text 
1  'RESIDUES 21-26 FORM A LEFT-HANDED POLYPROLINE HELIX.' 
2  'RESIDUE 66 IS A CIS PROLINE.' 
3  'RESIDUE SER 102 PARTICIPATES IN BOTH HELIX E AND HELIX EP.' 
4  'RESIDUES LYS 108 AND VAL 109 PARTICIPATE IN BOTH HELIX EP AND BETA STRAND E.' 
5  'RESIDUES ASP 110 AND MET 111 FORM A BETA-BULGE IN STRAND E.' 
6  'RESIDUES VAL 115 AND GLY 116 FORM A BETA-BULGE IN STRAND E.' 
7  'PEPTIDE BOND JOINING GLY 116 AND GLY 117 IS CIS.' 
8  
;TIGHT TURN 7 (RESIDUES 162-165) DISRUPT LAST STRAND OF SHEET INTO 2 STRANDS 8 AND 9.  THIS STRAND IS CONTINUOUS IN (E. COLI).  A BETA BULGE IS PRESENT HERE IN (L. CASEI).
;
9  'RESIDUES GLU 172 AND ILE 175 PARTICIPATE IN BOTH TIGHT-TURN 8 AND BETA STRANDS 7 AND 9.' 
10 'RESIDUE 200 (CALCIUM ION) LIES ON THE CRYSTALLOGRAPHIC TWO-FOLD AT ONE-HALF OCCUPANCY.' 
# 
loop_
_atom_type.symbol 
C  
CA 
N  
O  
P  
S  
# 
loop_
_atom_site.group_PDB 
_atom_site.id 
_atom_site.type_symbol 
_atom_site.label_atom_id 
_atom_site.label_alt_id 
_atom_site.label_comp_id 
_atom_site.label_asym_id 
_atom_site.label_entity_id 
_atom_site.label_seq_id 
_atom_site.pdbx_PDB_ins_code 
_atom_site.Cartn_x 
_atom_site.Cartn_y 
_atom_site.Cartn_z 
_atom_site.occupancy 
_atom_site.B_iso_or_equiv 
_atom_site.pdbx_formal_charge 
_atom_site.auth_seq_id 
_atom_site.auth_comp_id 
_atom_site.auth_asym_id 
_atom_site.auth_atom_id 
_atom_site.pdbx_PDB_model_num 
ATOM   1    N  N   . VAL A 1 1   ? 12.761  11.637  0.725   1.00 70.36 ? 1   VAL A N   1 
ATOM   2    C  CA  . VAL A 1 1   ? 11.527  11.679  1.544   1.00 70.10 ? 1   VAL A CA  1 
ATOM   3    C  C   . VAL A 1 1   ? 11.832  11.067  2.908   1.00 68.35 ? 1   VAL A C   1 
ATOM   4    O  O   . VAL A 1 1   ? 12.634  10.125  3.026   1.00 68.26 ? 1   VAL A O   1 
ATOM   5    C  CB  . VAL A 1 1   ? 10.335  11.098  0.791   1.00 70.89 ? 1   VAL A CB  1 
ATOM   6    C  CG1 . VAL A 1 1   ? 10.232  11.569  -0.662  1.00 70.57 ? 1   VAL A CG1 1 
ATOM   7    C  CG2 . VAL A 1 1   ? 10.238  9.583   0.870   1.00 68.63 ? 1   VAL A CG2 1 
ATOM   8    N  N   . ARG A 1 2   ? 11.225  11.642  3.928   1.00 68.96 ? 2   ARG A N   1 
ATOM   9    C  CA  . ARG A 1 2   ? 11.422  11.248  5.314   1.00 66.29 ? 2   ARG A CA  1 
ATOM   10   C  C   . ARG A 1 2   ? 11.191  9.769   5.584   1.00 63.00 ? 2   ARG A C   1 
ATOM   11   O  O   . ARG A 1 2   ? 12.031  9.107   6.239   1.00 62.24 ? 2   ARG A O   1 
ATOM   12   N  N   . SER A 1 3   ? 10.046  9.260   5.139   1.00 55.44 ? 3   SER A N   1 
ATOM   13   C  CA  . SER A 1 3   ? 9.663   7.869   5.429   1.00 51.66 ? 3   SER A CA  1 
ATOM   14   C  C   . SER A 1 3   ? 8.600   7.353   4.463   1.00 49.15 ? 3   SER A C   1 
ATOM   15   O  O   . SER A 1 3   ? 7.941   8.124   3.747   1.00 52.60 ? 3   SER A O   1 
ATOM   16   C  CB  . SER A 1 3   ? 9.087   7.816   6.857   1.00 53.25 ? 3   SER A CB  1 
ATOM   17   O  OG  . SER A 1 3   ? 7.889   8.573   6.925   1.00 54.47 ? 3   SER A OG  1 
ATOM   18   N  N   . LEU A 1 4   ? 8.460   6.038   4.471   1.00 40.38 ? 4   LEU A N   1 
ATOM   19   C  CA  . LEU A 1 4   ? 7.470   5.362   3.632   1.00 33.11 ? 4   LEU A CA  1 
ATOM   20   C  C   . LEU A 1 4   ? 6.492   4.640   4.575   1.00 29.84 ? 4   LEU A C   1 
ATOM   21   O  O   . LEU A 1 4   ? 6.870   4.294   5.701   1.00 31.88 ? 4   LEU A O   1 
ATOM   22   C  CB  . LEU A 1 4   ? 8.185   4.319   2.782   1.00 33.65 ? 4   LEU A CB  1 
ATOM   23   C  CG  . LEU A 1 4   ? 9.230   4.794   1.800   1.00 37.70 ? 4   LEU A CG  1 
ATOM   24   C  CD1 . LEU A 1 4   ? 9.789   3.569   1.046   1.00 37.21 ? 4   LEU A CD1 1 
ATOM   25   C  CD2 . LEU A 1 4   ? 8.517   5.736   0.834   1.00 37.49 ? 4   LEU A CD2 1 
ATOM   26   N  N   . ASN A 1 5   ? 5.377   4.384   3.978   1.00 25.04 ? 5   ASN A N   1 
ATOM   27   C  CA  . ASN A 1 5   ? 4.283   3.589   4.548   1.00 25.03 ? 5   ASN A CA  1 
ATOM   28   C  C   . ASN A 1 5   ? 3.864   2.615   3.407   1.00 25.12 ? 5   ASN A C   1 
ATOM   29   O  O   . ASN A 1 5   ? 3.730   3.067   2.263   1.00 24.69 ? 5   ASN A O   1 
ATOM   30   C  CB  . ASN A 1 5   ? 3.093   4.475   4.946   1.00 25.27 ? 5   ASN A CB  1 
ATOM   31   C  CG  . ASN A 1 5   ? 3.568   5.569   5.916   1.00 30.78 ? 5   ASN A CG  1 
ATOM   32   O  OD1 . ASN A 1 5   ? 3.661   5.305   7.117   1.00 28.32 ? 5   ASN A OD1 1 
ATOM   33   N  ND2 . ASN A 1 5   ? 3.933   6.707   5.324   1.00 31.11 ? 5   ASN A ND2 1 
ATOM   34   N  N   . SER A 1 6   ? 3.636   1.413   3.821   1.00 21.60 ? 6   SER A N   1 
ATOM   35   C  CA  . SER A 1 6   ? 3.164   0.343   2.918   1.00 23.89 ? 6   SER A CA  1 
ATOM   36   C  C   . SER A 1 6   ? 1.976   -0.259  3.691   1.00 25.93 ? 6   SER A C   1 
ATOM   37   O  O   . SER A 1 6   ? 2.054   -0.315  4.929   1.00 25.79 ? 6   SER A O   1 
ATOM   38   C  CB  . SER A 1 6   ? 4.228   -0.749  2.783   1.00 22.93 ? 6   SER A CB  1 
ATOM   39   O  OG  . SER A 1 6   ? 5.280   -0.228  1.957   1.00 23.68 ? 6   SER A OG  1 
ATOM   40   N  N   . ILE A 1 7   ? 0.979   -0.577  2.901   1.00 23.06 ? 7   ILE A N   1 
ATOM   41   C  CA  . ILE A 1 7   ? -0.241  -1.193  3.485   1.00 22.59 ? 7   ILE A CA  1 
ATOM   42   C  C   . ILE A 1 7   ? -0.581  -2.399  2.590   1.00 23.84 ? 7   ILE A C   1 
ATOM   43   O  O   . ILE A 1 7   ? -0.451  -2.262  1.353   1.00 22.25 ? 7   ILE A O   1 
ATOM   44   C  CB  . ILE A 1 7   ? -1.388  -0.138  3.558   1.00 20.69 ? 7   ILE A CB  1 
ATOM   45   C  CG1 . ILE A 1 7   ? -2.631  -0.836  4.187   1.00 21.25 ? 7   ILE A CG1 1 
ATOM   46   C  CG2 . ILE A 1 7   ? -1.689  0.476   2.162   1.00 13.19 ? 7   ILE A CG2 1 
ATOM   47   C  CD1 . ILE A 1 7   ? -3.742  0.136   4.705   1.00 22.72 ? 7   ILE A CD1 1 
ATOM   48   N  N   . VAL A 1 8   ? -0.922  -3.498  3.227   1.00 19.83 ? 8   VAL A N   1 
ATOM   49   C  CA  . VAL A 1 8   ? -1.274  -4.727  2.491   1.00 20.61 ? 8   VAL A CA  1 
ATOM   50   C  C   . VAL A 1 8   ? -2.195  -5.568  3.389   1.00 24.44 ? 8   VAL A C   1 
ATOM   51   O  O   . VAL A 1 8   ? -2.150  -5.434  4.622   1.00 24.73 ? 8   VAL A O   1 
ATOM   52   C  CB  . VAL A 1 8   ? 0.029   -5.520  2.163   1.00 19.49 ? 8   VAL A CB  1 
ATOM   53   C  CG1 . VAL A 1 8   ? 0.733   -5.969  3.436   1.00 15.32 ? 8   VAL A CG1 1 
ATOM   54   C  CG2 . VAL A 1 8   ? -0.256  -6.738  1.295   1.00 14.51 ? 8   VAL A CG2 1 
ATOM   55   N  N   . ALA A 1 9   ? -2.947  -6.411  2.714   1.00 21.60 ? 9   ALA A N   1 
ATOM   56   C  CA  . ALA A 1 9   ? -3.751  -7.451  3.417   1.00 25.43 ? 9   ALA A CA  1 
ATOM   57   C  C   . ALA A 1 9   ? -3.183  -8.799  2.913   1.00 25.09 ? 9   ALA A C   1 
ATOM   58   O  O   . ALA A 1 9   ? -2.953  -8.911  1.700   1.00 25.35 ? 9   ALA A O   1 
ATOM   59   C  CB  . ALA A 1 9   ? -5.216  -7.283  3.057   1.00 21.18 ? 9   ALA A CB  1 
ATOM   60   N  N   . VAL A 1 10  ? -2.924  -9.748  3.795   1.00 25.83 ? 10  VAL A N   1 
ATOM   61   C  CA  . VAL A 1 10  ? -2.373  -11.052 3.440   1.00 22.41 ? 10  VAL A CA  1 
ATOM   62   C  C   . VAL A 1 10  ? -3.125  -12.158 4.185   1.00 25.20 ? 10  VAL A C   1 
ATOM   63   O  O   . VAL A 1 10  ? -3.488  -11.998 5.349   1.00 21.28 ? 10  VAL A O   1 
ATOM   64   C  CB  . VAL A 1 10  ? -0.854  -11.157 3.772   1.00 23.73 ? 10  VAL A CB  1 
ATOM   65   C  CG1 . VAL A 1 10  ? 0.002   -10.133 3.039   1.00 29.61 ? 10  VAL A CG1 1 
ATOM   66   C  CG2 . VAL A 1 10  ? -0.609  -10.992 5.261   1.00 27.25 ? 10  VAL A CG2 1 
ATOM   67   N  N   . CYS A 1 11  ? -3.230  -13.288 3.477   1.00 25.65 ? 11  CYS A N   1 
ATOM   68   C  CA  . CYS A 1 11  ? -3.842  -14.479 4.122   1.00 30.19 ? 11  CYS A CA  1 
ATOM   69   C  C   . CYS A 1 11  ? -2.715  -15.363 4.645   1.00 30.12 ? 11  CYS A C   1 
ATOM   70   O  O   . CYS A 1 11  ? -1.510  -15.026 4.539   1.00 23.71 ? 11  CYS A O   1 
ATOM   71   C  CB  . CYS A 1 11  ? -4.880  -15.194 3.293   1.00 34.13 ? 11  CYS A CB  1 
ATOM   72   S  SG  . CYS A 1 11  ? -4.290  -15.833 1.713   1.00 36.90 ? 11  CYS A SG  1 
ATOM   73   N  N   . GLN A 1 12  ? -3.115  -16.475 5.234   1.00 30.83 ? 12  GLN A N   1 
ATOM   74   C  CA  . GLN A 1 12  ? -2.173  -17.352 5.925   1.00 35.51 ? 12  GLN A CA  1 
ATOM   75   C  C   . GLN A 1 12  ? -1.005  -17.803 5.109   1.00 31.72 ? 12  GLN A C   1 
ATOM   76   O  O   . GLN A 1 12  ? 0.124   -17.936 5.644   1.00 30.18 ? 12  GLN A O   1 
ATOM   77   C  CB  . GLN A 1 12  ? -2.800  -18.384 6.826   1.00 41.72 ? 12  GLN A CB  1 
ATOM   78   C  CG  . GLN A 1 12  ? -2.679  -17.936 8.304   1.00 49.14 ? 12  GLN A CG  1 
ATOM   79   C  CD  . GLN A 1 12  ? -3.617  -18.788 9.134   1.00 56.13 ? 12  GLN A CD  1 
ATOM   80   O  OE1 . GLN A 1 12  ? -3.585  -18.789 10.354  1.00 58.31 ? 12  GLN A OE1 1 
ATOM   81   N  NE2 . GLN A 1 12  ? -4.475  -19.515 8.404   1.00 60.66 ? 12  GLN A NE2 1 
ATOM   82   N  N   . ASN A 1 13  ? -1.219  -17.985 3.828   1.00 26.59 ? 13  ASN A N   1 
ATOM   83   C  CA  . ASN A 1 13  ? -0.138  -18.423 2.931   1.00 32.76 ? 13  ASN A CA  1 
ATOM   84   C  C   . ASN A 1 13  ? 0.652   -17.263 2.355   1.00 30.95 ? 13  ASN A C   1 
ATOM   85   O  O   . ASN A 1 13  ? 1.414   -17.514 1.388   1.00 27.78 ? 13  ASN A O   1 
ATOM   86   C  CB  . ASN A 1 13  ? -0.686  -19.397 1.898   1.00 39.56 ? 13  ASN A CB  1 
ATOM   87   C  CG  . ASN A 1 13  ? -1.990  -19.056 1.242   1.00 45.96 ? 13  ASN A CG  1 
ATOM   88   O  OD1 . ASN A 1 13  ? -2.014  -18.432 0.165   1.00 51.71 ? 13  ASN A OD1 1 
ATOM   89   N  ND2 . ASN A 1 13  ? -3.127  -19.524 1.791   1.00 48.77 ? 13  ASN A ND2 1 
ATOM   90   N  N   . MET A 1 14  ? 0.447   -16.048 2.838   1.00 27.03 ? 14  MET A N   1 
ATOM   91   C  CA  . MET A 1 14  ? 1.112   -14.850 2.358   1.00 29.13 ? 14  MET A CA  1 
ATOM   92   C  C   . MET A 1 14  ? 0.635   -14.409 0.985   1.00 24.21 ? 14  MET A C   1 
ATOM   93   O  O   . MET A 1 14  ? 1.337   -13.606 0.334   1.00 27.59 ? 14  MET A O   1 
ATOM   94   C  CB  . MET A 1 14  ? 2.657   -14.878 2.343   1.00 32.10 ? 14  MET A CB  1 
ATOM   95   C  CG  . MET A 1 14  ? 3.225   -15.270 3.702   1.00 38.18 ? 14  MET A CG  1 
ATOM   96   S  SD  . MET A 1 14  ? 2.795   -13.984 4.902   1.00 45.06 ? 14  MET A SD  1 
ATOM   97   C  CE  . MET A 1 14  ? 3.556   -12.591 4.006   1.00 45.95 ? 14  MET A CE  1 
ATOM   98   N  N   . GLY A 1 15  ? -0.510  -14.923 0.587   1.00 26.16 ? 15  GLY A N   1 
ATOM   99   C  CA  . GLY A 1 15  ? -1.038  -14.508 -0.771  1.00 27.72 ? 15  GLY A CA  1 
ATOM   100  C  C   . GLY A 1 15  ? -1.704  -13.124 -0.595  1.00 25.39 ? 15  GLY A C   1 
ATOM   101  O  O   . GLY A 1 15  ? -2.319  -12.854 0.458   1.00 25.45 ? 15  GLY A O   1 
ATOM   102  N  N   . ILE A 1 16  ? -1.612  -12.315 -1.631  1.00 20.49 ? 16  ILE A N   1 
ATOM   103  C  CA  . ILE A 1 16  ? -2.229  -10.989 -1.642  1.00 23.69 ? 16  ILE A CA  1 
ATOM   104  C  C   . ILE A 1 16  ? -3.113  -10.804 -2.873  1.00 26.26 ? 16  ILE A C   1 
ATOM   105  O  O   . ILE A 1 16  ? -3.723  -9.725  -3.039  1.00 27.65 ? 16  ILE A O   1 
ATOM   106  C  CB  . ILE A 1 16  ? -1.093  -9.895  -1.581  1.00 24.01 ? 16  ILE A CB  1 
ATOM   107  C  CG1 . ILE A 1 16  ? -0.290  -10.005 -2.903  1.00 25.08 ? 16  ILE A CG1 1 
ATOM   108  C  CG2 . ILE A 1 16  ? -0.199  -10.033 -0.328  1.00 22.13 ? 16  ILE A CG2 1 
ATOM   109  C  CD1 . ILE A 1 16  ? 0.715   -8.846  -3.153  1.00 27.32 ? 16  ILE A CD1 1 
ATOM   110  N  N   . GLY A 1 17  ? -3.118  -11.811 -3.741  1.00 24.95 ? 17  GLY A N   1 
ATOM   111  C  CA  . GLY A 1 17  ? -3.885  -11.766 -4.985  1.00 27.19 ? 17  GLY A CA  1 
ATOM   112  C  C   . GLY A 1 17  ? -4.099  -13.059 -5.719  1.00 28.17 ? 17  GLY A C   1 
ATOM   113  O  O   . GLY A 1 17  ? -3.361  -14.074 -5.553  1.00 26.40 ? 17  GLY A O   1 
ATOM   114  N  N   . LYS A 1 18  ? -5.089  -13.023 -6.615  1.00 27.26 ? 18  LYS A N   1 
ATOM   115  C  CA  . LYS A 1 18  ? -5.452  -14.213 -7.431  1.00 29.33 ? 18  LYS A CA  1 
ATOM   116  C  C   . LYS A 1 18  ? -6.230  -13.771 -8.662  1.00 30.77 ? 18  LYS A C   1 
ATOM   117  O  O   . LYS A 1 18  ? -7.247  -13.049 -8.536  1.00 25.74 ? 18  LYS A O   1 
ATOM   118  C  CB  . LYS A 1 18  ? -6.339  -15.157 -6.620  1.00 32.97 ? 18  LYS A CB  1 
ATOM   119  C  CG  . LYS A 1 18  ? -7.122  -16.211 -7.409  1.00 38.44 ? 18  LYS A CG  1 
ATOM   120  C  CD  . LYS A 1 18  ? -6.480  -17.583 -7.319  1.00 45.73 ? 18  LYS A CD  1 
ATOM   121  C  CE  . LYS A 1 18  ? -6.735  -18.430 -8.560  1.00 51.62 ? 18  LYS A CE  1 
ATOM   122  N  NZ  . LYS A 1 18  ? -5.600  -19.374 -8.776  1.00 54.28 ? 18  LYS A NZ  1 
ATOM   123  N  N   . ASP A 1 19  ? -5.761  -14.211 -9.815  1.00 34.78 ? 19  ASP A N   1 
ATOM   124  C  CA  . ASP A 1 19  ? -6.468  -13.907 -11.086 1.00 44.09 ? 19  ASP A CA  1 
ATOM   125  C  C   . ASP A 1 19  ? -6.765  -12.410 -11.206 1.00 45.93 ? 19  ASP A C   1 
ATOM   126  O  O   . ASP A 1 19  ? -7.877  -11.997 -11.612 1.00 47.08 ? 19  ASP A O   1 
ATOM   127  C  CB  . ASP A 1 19  ? -7.720  -14.774 -11.255 1.00 44.55 ? 19  ASP A CB  1 
ATOM   128  C  CG  . ASP A 1 19  ? -7.479  -16.261 -11.341 1.00 52.04 ? 19  ASP A CG  1 
ATOM   129  O  OD1 . ASP A 1 19  ? -6.495  -16.737 -11.950 1.00 55.76 ? 19  ASP A OD1 1 
ATOM   130  O  OD2 . ASP A 1 19  ? -8.325  -17.017 -10.789 1.00 53.37 ? 19  ASP A OD2 1 
ATOM   131  N  N   . GLY A 1 20  ? -5.778  -11.598 -10.835 1.00 42.35 ? 20  GLY A N   1 
ATOM   132  C  CA  . GLY A 1 20  ? -5.899  -10.160 -10.995 1.00 38.52 ? 20  GLY A CA  1 
ATOM   133  C  C   . GLY A 1 20  ? -6.796  -9.546  -9.958  1.00 39.91 ? 20  GLY A C   1 
ATOM   134  O  O   . GLY A 1 20  ? -7.177  -8.365  -10.104 1.00 42.57 ? 20  GLY A O   1 
ATOM   135  N  N   . ASN A 1 21  ? -7.126  -10.300 -8.921  1.00 41.75 ? 21  ASN A N   1 
ATOM   136  C  CA  . ASN A 1 21  ? -7.956  -9.700  -7.852  1.00 42.90 ? 21  ASN A CA  1 
ATOM   137  C  C   . ASN A 1 21  ? -7.478  -10.205 -6.495  1.00 36.46 ? 21  ASN A C   1 
ATOM   138  O  O   . ASN A 1 21  ? -6.446  -10.888 -6.484  1.00 34.95 ? 21  ASN A O   1 
ATOM   139  C  CB  . ASN A 1 21  ? -9.445  -9.860  -8.096  1.00 52.65 ? 21  ASN A CB  1 
ATOM   140  C  CG  . ASN A 1 21  ? -10.176 -8.890  -7.142  1.00 66.09 ? 21  ASN A CG  1 
ATOM   141  O  OD1 . ASN A 1 21  ? -9.724  -7.743  -6.949  1.00 71.76 ? 21  ASN A OD1 1 
ATOM   142  N  ND2 . ASN A 1 21  ? -11.243 -9.352  -6.511  1.00 71.39 ? 21  ASN A ND2 1 
ATOM   143  N  N   . LEU A 1 22  ? -8.222  -9.891  -5.470  1.00 27.64 ? 22  LEU A N   1 
ATOM   144  C  CA  . LEU A 1 22  ? -7.931  -10.379 -4.110  1.00 30.56 ? 22  LEU A CA  1 
ATOM   145  C  C   . LEU A 1 22  ? -8.431  -11.842 -4.033  1.00 28.60 ? 22  LEU A C   1 
ATOM   146  O  O   . LEU A 1 22  ? -9.366  -12.197 -4.743  1.00 31.78 ? 22  LEU A O   1 
ATOM   147  C  CB  . LEU A 1 22  ? -8.694  -9.509  -3.114  1.00 27.03 ? 22  LEU A CB  1 
ATOM   148  C  CG  . LEU A 1 22  ? -8.340  -8.035  -3.112  1.00 29.77 ? 22  LEU A CG  1 
ATOM   149  C  CD1 . LEU A 1 22  ? -9.026  -7.360  -1.918  1.00 30.33 ? 22  LEU A CD1 1 
ATOM   150  C  CD2 . LEU A 1 22  ? -6.823  -7.895  -3.012  1.00 31.18 ? 22  LEU A CD2 1 
ATOM   151  N  N   . PRO A 1 23  ? -7.750  -12.598 -3.211  1.00 28.20 ? 23  PRO A N   1 
ATOM   152  C  CA  . PRO A 1 23  ? -8.052  -14.023 -3.039  1.00 27.04 ? 23  PRO A CA  1 
ATOM   153  C  C   . PRO A 1 23  ? -9.327  -14.252 -2.271  1.00 26.78 ? 23  PRO A C   1 
ATOM   154  O  O   . PRO A 1 23  ? -9.862  -15.372 -2.425  1.00 30.69 ? 23  PRO A O   1 
ATOM   155  C  CB  . PRO A 1 23  ? -6.847  -14.615 -2.305  1.00 24.42 ? 23  PRO A CB  1 
ATOM   156  C  CG  . PRO A 1 23  ? -5.768  -13.564 -2.433  1.00 30.65 ? 23  PRO A CG  1 
ATOM   157  C  CD  . PRO A 1 23  ? -6.550  -12.216 -2.431  1.00 29.43 ? 23  PRO A CD  1 
ATOM   158  N  N   . TRP A 1 24  ? -9.764  -13.304 -1.463  1.00 26.23 ? 24  TRP A N   1 
ATOM   159  C  CA  . TRP A 1 24  ? -10.996 -13.542 -0.649  1.00 28.13 ? 24  TRP A CA  1 
ATOM   160  C  C   . TRP A 1 24  ? -12.090 -12.617 -1.157  1.00 26.96 ? 24  TRP A C   1 
ATOM   161  O  O   . TRP A 1 24  ? -11.795 -11.635 -1.832  1.00 30.22 ? 24  TRP A O   1 
ATOM   162  C  CB  . TRP A 1 24  ? -10.655 -13.247 0.832   1.00 29.62 ? 24  TRP A CB  1 
ATOM   163  C  CG  . TRP A 1 24  ? -9.930  -11.944 0.949   1.00 29.36 ? 24  TRP A CG  1 
ATOM   164  C  CD1 . TRP A 1 24  ? -10.466 -10.692 0.998   1.00 30.29 ? 24  TRP A CD1 1 
ATOM   165  C  CD2 . TRP A 1 24  ? -8.508  -11.778 0.983   1.00 31.08 ? 24  TRP A CD2 1 
ATOM   166  N  NE1 . TRP A 1 24  ? -9.466  -9.741  1.088   1.00 31.76 ? 24  TRP A NE1 1 
ATOM   167  C  CE2 . TRP A 1 24  ? -8.257  -10.383 1.075   1.00 33.39 ? 24  TRP A CE2 1 
ATOM   168  C  CE3 . TRP A 1 24  ? -7.438  -12.668 0.962   1.00 32.62 ? 24  TRP A CE3 1 
ATOM   169  C  CZ2 . TRP A 1 24  ? -6.969  -9.862  1.109   1.00 30.61 ? 24  TRP A CZ2 1 
ATOM   170  C  CZ3 . TRP A 1 24  ? -6.150  -12.151 1.048   1.00 33.71 ? 24  TRP A CZ3 1 
ATOM   171  C  CH2 . TRP A 1 24  ? -5.924  -10.769 1.104   1.00 32.82 ? 24  TRP A CH2 1 
ATOM   172  N  N   . PRO A 1 25  ? -13.324 -12.955 -0.830  1.00 29.65 ? 25  PRO A N   1 
ATOM   173  C  CA  . PRO A 1 25  ? -14.484 -12.134 -1.217  1.00 27.67 ? 25  PRO A CA  1 
ATOM   174  C  C   . PRO A 1 25  ? -14.386 -10.842 -0.407  1.00 30.44 ? 25  PRO A C   1 
ATOM   175  O  O   . PRO A 1 25  ? -13.572 -10.745 0.520   1.00 30.06 ? 25  PRO A O   1 
ATOM   176  C  CB  . PRO A 1 25  ? -15.699 -12.961 -0.854  1.00 30.20 ? 25  PRO A CB  1 
ATOM   177  C  CG  . PRO A 1 25  ? -15.180 -14.308 -0.472  1.00 29.55 ? 25  PRO A CG  1 
ATOM   178  C  CD  . PRO A 1 25  ? -13.731 -14.123 -0.038  1.00 27.95 ? 25  PRO A CD  1 
ATOM   179  N  N   . PRO A 1 26  ? -15.230 -9.886  -0.768  1.00 33.03 ? 26  PRO A N   1 
ATOM   180  C  CA  . PRO A 1 26  ? -15.192 -8.557  -0.174  1.00 30.94 ? 26  PRO A CA  1 
ATOM   181  C  C   . PRO A 1 26  ? -15.441 -8.523  1.314   1.00 27.66 ? 26  PRO A C   1 
ATOM   182  O  O   . PRO A 1 26  ? -16.399 -9.153  1.789   1.00 26.96 ? 26  PRO A O   1 
ATOM   183  C  CB  . PRO A 1 26  ? -16.204 -7.732  -0.954  1.00 33.68 ? 26  PRO A CB  1 
ATOM   184  C  CG  . PRO A 1 26  ? -16.699 -8.594  -2.069  1.00 35.62 ? 26  PRO A CG  1 
ATOM   185  C  CD  . PRO A 1 26  ? -16.231 -10.002 -1.854  1.00 34.79 ? 26  PRO A CD  1 
ATOM   186  N  N   . LEU A 1 27  ? -14.613 -7.773  2.007   1.00 28.15 ? 27  LEU A N   1 
ATOM   187  C  CA  . LEU A 1 27  ? -14.708 -7.459  3.441   1.00 33.43 ? 27  LEU A CA  1 
ATOM   188  C  C   . LEU A 1 27  ? -14.836 -5.914  3.540   1.00 34.62 ? 27  LEU A C   1 
ATOM   189  O  O   . LEU A 1 27  ? -13.860 -5.204  3.227   1.00 37.74 ? 27  LEU A O   1 
ATOM   190  C  CB  . LEU A 1 27  ? -13.436 -7.937  4.140   1.00 34.85 ? 27  LEU A CB  1 
ATOM   191  C  CG  . LEU A 1 27  ? -13.089 -9.421  4.037   1.00 37.19 ? 27  LEU A CG  1 
ATOM   192  C  CD1 . LEU A 1 27  ? -11.680 -9.681  4.558   1.00 35.35 ? 27  LEU A CD1 1 
ATOM   193  C  CD2 . LEU A 1 27  ? -14.119 -10.186 4.862   1.00 34.22 ? 27  LEU A CD2 1 
ATOM   194  N  N   . ARG A 1 28  ? -15.975 -5.464  3.996   1.00 36.87 ? 28  ARG A N   1 
ATOM   195  C  CA  . ARG A 1 28  ? -16.301 -4.015  4.063   1.00 39.07 ? 28  ARG A CA  1 
ATOM   196  C  C   . ARG A 1 28  ? -15.360 -3.213  4.942   1.00 40.01 ? 28  ARG A C   1 
ATOM   197  O  O   . ARG A 1 28  ? -14.746 -2.182  4.557   1.00 34.77 ? 28  ARG A O   1 
ATOM   198  C  CB  . ARG A 1 28  ? -17.757 -3.844  4.503   1.00 39.94 ? 28  ARG A CB  1 
ATOM   199  C  CG  . ARG A 1 28  ? -18.252 -2.392  4.571   1.00 52.04 ? 28  ARG A CG  1 
ATOM   200  C  CD  . ARG A 1 28  ? -19.287 -2.200  5.657   1.00 59.16 ? 28  ARG A CD  1 
ATOM   201  N  NE  . ARG A 1 28  ? -19.496 -0.753  5.927   1.00 64.47 ? 28  ARG A NE  1 
ATOM   202  N  N   . ASN A 1 29  ? -15.254 -3.687  6.173   1.00 38.02 ? 29  ASN A N   1 
ATOM   203  C  CA  . ASN A 1 29  ? -14.457 -3.103  7.238   1.00 42.67 ? 29  ASN A CA  1 
ATOM   204  C  C   . ASN A 1 29  ? -13.005 -3.007  6.879   1.00 43.44 ? 29  ASN A C   1 
ATOM   205  O  O   . ASN A 1 29  ? -12.344 -1.963  7.099   1.00 42.81 ? 29  ASN A O   1 
ATOM   206  C  CB  . ASN A 1 29  ? -14.868 -3.654  8.602   1.00 49.44 ? 29  ASN A CB  1 
ATOM   207  C  CG  . ASN A 1 29  ? -16.244 -3.088  8.978   1.00 55.37 ? 29  ASN A CG  1 
ATOM   208  O  OD1 . ASN A 1 29  ? -16.328 -1.999  9.552   1.00 61.98 ? 29  ASN A OD1 1 
ATOM   209  N  ND2 . ASN A 1 29  ? -17.309 -3.751  8.550   1.00 60.02 ? 29  ASN A ND2 1 
ATOM   210  N  N   . GLU A 1 30  ? -12.495 -4.047  6.234   1.00 45.34 ? 30  GLU A N   1 
ATOM   211  C  CA  . GLU A 1 30  ? -11.066 -4.017  5.836   1.00 46.65 ? 30  GLU A CA  1 
ATOM   212  C  C   . GLU A 1 30  ? -10.856 -2.963  4.767   1.00 42.64 ? 30  GLU A C   1 
ATOM   213  O  O   . GLU A 1 30  ? -9.878  -2.175  4.815   1.00 39.61 ? 30  GLU A O   1 
ATOM   214  C  CB  . GLU A 1 30  ? -10.567 -5.377  5.500   1.00 53.09 ? 30  GLU A CB  1 
ATOM   215  C  CG  . GLU A 1 30  ? -9.069  -5.657  5.402   1.00 59.69 ? 30  GLU A CG  1 
ATOM   216  C  CD  . GLU A 1 30  ? -8.424  -5.031  4.173   1.00 62.83 ? 30  GLU A CD  1 
ATOM   217  O  OE1 . GLU A 1 30  ? -9.007  -5.378  3.115   1.00 58.14 ? 30  GLU A OE1 1 
ATOM   218  O  OE2 . GLU A 1 30  ? -7.449  -4.245  4.289   1.00 64.04 ? 30  GLU A OE2 1 
ATOM   219  N  N   . TYR A 1 31  ? -11.809 -2.848  3.870   1.00 39.32 ? 31  TYR A N   1 
ATOM   220  C  CA  . TYR A 1 31  ? -11.780 -1.869  2.773   1.00 39.08 ? 31  TYR A CA  1 
ATOM   221  C  C   . TYR A 1 31  ? -11.793 -0.435  3.299   1.00 40.15 ? 31  TYR A C   1 
ATOM   222  O  O   . TYR A 1 31  ? -11.017 0.429   2.849   1.00 42.50 ? 31  TYR A O   1 
ATOM   223  C  CB  . TYR A 1 31  ? -13.018 -2.064  1.868   1.00 44.33 ? 31  TYR A CB  1 
ATOM   224  C  CG  . TYR A 1 31  ? -13.174 -1.029  0.786   1.00 52.96 ? 31  TYR A CG  1 
ATOM   225  C  CD1 . TYR A 1 31  ? -12.182 -0.907  -0.196  1.00 57.17 ? 31  TYR A CD1 1 
ATOM   226  C  CD2 . TYR A 1 31  ? -14.288 -0.189  0.690   1.00 56.83 ? 31  TYR A CD2 1 
ATOM   227  C  CE1 . TYR A 1 31  ? -12.281 0.034   -1.221  1.00 60.66 ? 31  TYR A CE1 1 
ATOM   228  C  CE2 . TYR A 1 31  ? -14.403 0.757   -0.339  1.00 60.09 ? 31  TYR A CE2 1 
ATOM   229  C  CZ  . TYR A 1 31  ? -13.395 0.861   -1.295  1.00 60.79 ? 31  TYR A CZ  1 
ATOM   230  O  OH  . TYR A 1 31  ? -13.443 1.754   -2.334  1.00 64.58 ? 31  TYR A OH  1 
ATOM   231  N  N   . LYS A 1 32  ? -12.728 -0.187  4.194   1.00 37.60 ? 32  LYS A N   1 
ATOM   232  C  CA  . LYS A 1 32  ? -12.858 1.169   4.784   1.00 38.18 ? 32  LYS A CA  1 
ATOM   233  C  C   . LYS A 1 32  ? -11.508 1.540   5.407   1.00 37.05 ? 32  LYS A C   1 
ATOM   234  O  O   . LYS A 1 32  ? -11.051 2.696   5.304   1.00 35.22 ? 32  LYS A O   1 
ATOM   235  C  CB  . LYS A 1 32  ? -13.932 1.189   5.865   1.00 40.76 ? 32  LYS A CB  1 
ATOM   236  C  CG  . LYS A 1 32  ? -15.313 1.562   5.351   1.00 45.34 ? 32  LYS A CG  1 
ATOM   237  C  CD  . LYS A 1 32  ? -16.358 1.618   6.447   1.00 53.48 ? 32  LYS A CD  1 
ATOM   238  C  CE  . LYS A 1 32  ? -16.666 0.304   7.114   1.00 59.55 ? 32  LYS A CE  1 
ATOM   239  N  NZ  . LYS A 1 32  ? -15.422 -0.351  7.635   1.00 64.07 ? 32  LYS A NZ  1 
ATOM   240  N  N   . TYR A 1 33  ? -10.907 0.528   6.012   1.00 32.40 ? 33  TYR A N   1 
ATOM   241  C  CA  . TYR A 1 33  ? -9.630  0.702   6.727   1.00 31.40 ? 33  TYR A CA  1 
ATOM   242  C  C   . TYR A 1 33  ? -8.563  1.228   5.774   1.00 31.49 ? 33  TYR A C   1 
ATOM   243  O  O   . TYR A 1 33  ? -7.803  2.174   6.041   1.00 28.88 ? 33  TYR A O   1 
ATOM   244  C  CB  . TYR A 1 33  ? -9.207  -0.622  7.381   1.00 31.60 ? 33  TYR A CB  1 
ATOM   245  C  CG  . TYR A 1 33  ? -7.867  -0.567  8.077   1.00 37.70 ? 33  TYR A CG  1 
ATOM   246  C  CD1 . TYR A 1 33  ? -7.740  0.132   9.282   1.00 39.46 ? 33  TYR A CD1 1 
ATOM   247  C  CD2 . TYR A 1 33  ? -6.728  -1.190  7.559   1.00 37.31 ? 33  TYR A CD2 1 
ATOM   248  C  CE1 . TYR A 1 33  ? -6.524  0.202   9.954   1.00 43.58 ? 33  TYR A CE1 1 
ATOM   249  C  CE2 . TYR A 1 33  ? -5.504  -1.138  8.224   1.00 40.89 ? 33  TYR A CE2 1 
ATOM   250  C  CZ  . TYR A 1 33  ? -5.408  -0.445  9.425   1.00 43.08 ? 33  TYR A CZ  1 
ATOM   251  O  OH  . TYR A 1 33  ? -4.246  -0.377  10.146  1.00 47.94 ? 33  TYR A OH  1 
ATOM   252  N  N   . PHE A 1 34  ? -8.559  0.566   4.626   1.00 32.43 ? 34  PHE A N   1 
ATOM   253  C  CA  . PHE A 1 34  ? -7.569  0.862   3.580   1.00 33.13 ? 34  PHE A CA  1 
ATOM   254  C  C   . PHE A 1 34  ? -7.787  2.271   3.051   1.00 30.87 ? 34  PHE A C   1 
ATOM   255  O  O   . PHE A 1 34  ? -6.831  3.038   2.796   1.00 31.56 ? 34  PHE A O   1 
ATOM   256  C  CB  . PHE A 1 34  ? -7.569  -0.223  2.482   1.00 29.68 ? 34  PHE A CB  1 
ATOM   257  C  CG  . PHE A 1 34  ? -6.989  0.315   1.195   1.00 27.19 ? 34  PHE A CG  1 
ATOM   258  C  CD1 . PHE A 1 34  ? -7.796  1.035   0.326   1.00 25.37 ? 34  PHE A CD1 1 
ATOM   259  C  CD2 . PHE A 1 34  ? -5.628  0.157   0.946   1.00 25.67 ? 34  PHE A CD2 1 
ATOM   260  C  CE1 . PHE A 1 34  ? -7.251  1.587   -0.839  1.00 30.65 ? 34  PHE A CE1 1 
ATOM   261  C  CE2 . PHE A 1 34  ? -5.077  0.681   -0.220  1.00 31.10 ? 34  PHE A CE2 1 
ATOM   262  C  CZ  . PHE A 1 34  ? -5.885  1.405   -1.114  1.00 30.91 ? 34  PHE A CZ  1 
ATOM   263  N  N   . GLN A 1 35  ? -9.043  2.593   2.859   1.00 32.91 ? 35  GLN A N   1 
ATOM   264  C  CA  . GLN A 1 35  ? -9.425  3.935   2.349   1.00 35.80 ? 35  GLN A CA  1 
ATOM   265  C  C   . GLN A 1 35  ? -9.017  5.019   3.340   1.00 38.27 ? 35  GLN A C   1 
ATOM   266  O  O   . GLN A 1 35  ? -8.350  6.036   3.005   1.00 35.79 ? 35  GLN A O   1 
ATOM   267  C  CB  . GLN A 1 35  ? -10.916 3.952   2.028   1.00 38.85 ? 35  GLN A CB  1 
ATOM   268  C  CG  . GLN A 1 35  ? -11.184 3.154   0.724   1.00 48.26 ? 35  GLN A CG  1 
ATOM   269  C  CD  . GLN A 1 35  ? -10.603 3.928   -0.448  1.00 56.12 ? 35  GLN A CD  1 
ATOM   270  O  OE1 . GLN A 1 35  ? -11.326 4.516   -1.247  1.00 61.20 ? 35  GLN A OE1 1 
ATOM   271  N  NE2 . GLN A 1 35  ? -9.270  3.989   -0.503  1.00 58.69 ? 35  GLN A NE2 1 
ATOM   272  N  N   . ARG A 1 36  ? -9.398  4.787   4.590   1.00 36.65 ? 36  ARG A N   1 
ATOM   273  C  CA  . ARG A 1 36  ? -9.132  5.731   5.682   1.00 36.30 ? 36  ARG A CA  1 
ATOM   274  C  C   . ARG A 1 36  ? -7.647  5.955   5.868   1.00 30.64 ? 36  ARG A C   1 
ATOM   275  O  O   . ARG A 1 36  ? -7.180  7.089   5.841   1.00 25.58 ? 36  ARG A O   1 
ATOM   276  C  CB  . ARG A 1 36  ? -9.862  5.353   6.949   1.00 41.72 ? 36  ARG A CB  1 
ATOM   277  C  CG  . ARG A 1 36  ? -9.373  6.027   8.224   1.00 50.09 ? 36  ARG A CG  1 
ATOM   278  C  CD  . ARG A 1 36  ? -9.814  5.251   9.438   1.00 58.06 ? 36  ARG A CD  1 
ATOM   279  N  N   . MET A 1 37  ? -6.877  4.884   5.952   1.00 29.67 ? 37  MET A N   1 
ATOM   280  C  CA  . MET A 1 37  ? -5.438  4.958   6.139   1.00 27.35 ? 37  MET A CA  1 
ATOM   281  C  C   . MET A 1 37  ? -4.739  5.685   5.004   1.00 28.55 ? 37  MET A C   1 
ATOM   282  O  O   . MET A 1 37  ? -3.831  6.502   5.242   1.00 29.48 ? 37  MET A O   1 
ATOM   283  C  CB  . MET A 1 37  ? -4.771  3.585   6.338   1.00 32.31 ? 37  MET A CB  1 
ATOM   284  C  CG  . MET A 1 37  ? -5.290  2.810   7.513   1.00 37.63 ? 37  MET A CG  1 
ATOM   285  S  SD  . MET A 1 37  ? -4.861  3.661   9.049   1.00 44.79 ? 37  MET A SD  1 
ATOM   286  C  CE  . MET A 1 37  ? -3.123  3.311   9.125   1.00 41.15 ? 37  MET A CE  1 
ATOM   287  N  N   . THR A 1 38  ? -5.077  5.360   3.766   1.00 21.39 ? 38  THR A N   1 
ATOM   288  C  CA  . THR A 1 38  ? -4.338  5.965   2.650   1.00 25.24 ? 38  THR A CA  1 
ATOM   289  C  C   . THR A 1 38  ? -4.763  7.366   2.312   1.00 28.04 ? 38  THR A C   1 
ATOM   290  O  O   . THR A 1 38  ? -3.931  8.149   1.789   1.00 29.62 ? 38  THR A O   1 
ATOM   291  C  CB  . THR A 1 38  ? -4.360  4.993   1.391   1.00 19.44 ? 38  THR A CB  1 
ATOM   292  O  OG1 . THR A 1 38  ? -5.808  4.880   1.130   1.00 18.04 ? 38  THR A OG1 1 
ATOM   293  C  CG2 . THR A 1 38  ? -3.734  3.633   1.708   1.00 24.55 ? 38  THR A CG2 1 
ATOM   294  N  N   . SER A 1 39  ? -5.994  7.714   2.596   1.00 32.84 ? 39  SER A N   1 
ATOM   295  C  CA  . SER A 1 39  ? -6.547  9.047   2.287   1.00 38.92 ? 39  SER A CA  1 
ATOM   296  C  C   . SER A 1 39  ? -6.282  10.135  3.316   1.00 39.96 ? 39  SER A C   1 
ATOM   297  O  O   . SER A 1 39  ? -6.217  11.329  2.915   1.00 37.98 ? 39  SER A O   1 
ATOM   298  C  CB  . SER A 1 39  ? -8.067  8.922   2.087   1.00 37.25 ? 39  SER A CB  1 
ATOM   299  O  OG  . SER A 1 39  ? -8.347  7.933   1.113   1.00 43.70 ? 39  SER A OG  1 
ATOM   300  N  N   . THR A 1 40  ? -6.230  9.801   4.594   1.00 38.18 ? 40  THR A N   1 
ATOM   301  C  CA  . THR A 1 40  ? -6.037  10.772  5.664   1.00 38.81 ? 40  THR A CA  1 
ATOM   302  C  C   . THR A 1 40  ? -4.650  11.399  5.739   1.00 38.70 ? 40  THR A C   1 
ATOM   303  O  O   . THR A 1 40  ? -3.671  10.735  6.083   1.00 36.15 ? 40  THR A O   1 
ATOM   304  C  CB  . THR A 1 40  ? -6.336  10.155  7.103   1.00 37.55 ? 40  THR A CB  1 
ATOM   305  O  OG1 . THR A 1 40  ? -7.662  9.576   6.990   1.00 39.22 ? 40  THR A OG1 1 
ATOM   306  C  CG2 . THR A 1 40  ? -6.232  11.211  8.209   1.00 32.96 ? 40  THR A CG2 1 
ATOM   307  N  N   . SER A 1 41  ? -4.627  12.697  5.547   1.00 43.10 ? 41  SER A N   1 
ATOM   308  C  CA  . SER A 1 41  ? -3.444  13.554  5.648   1.00 47.79 ? 41  SER A CA  1 
ATOM   309  C  C   . SER A 1 41  ? -3.511  14.335  6.972   1.00 50.62 ? 41  SER A C   1 
ATOM   310  O  O   . SER A 1 41  ? -4.620  14.702  7.417   1.00 55.55 ? 41  SER A O   1 
ATOM   311  C  CB  . SER A 1 41  ? -3.439  14.565  4.486   1.00 47.26 ? 41  SER A CB  1 
ATOM   312  O  OG  . SER A 1 41  ? -2.351  15.456  4.748   1.00 52.42 ? 41  SER A OG  1 
ATOM   313  N  N   . HIS A 1 42  ? -2.373  14.574  7.577   1.00 53.16 ? 42  HIS A N   1 
ATOM   314  C  CA  . HIS A 1 42  ? -2.329  15.292  8.875   1.00 57.26 ? 42  HIS A CA  1 
ATOM   315  C  C   . HIS A 1 42  ? -1.855  16.720  8.653   1.00 60.41 ? 42  HIS A C   1 
ATOM   316  O  O   . HIS A 1 42  ? -1.071  17.229  9.471   1.00 66.00 ? 42  HIS A O   1 
ATOM   317  C  CB  . HIS A 1 42  ? -1.332  14.601  9.845   1.00 60.25 ? 42  HIS A CB  1 
ATOM   318  C  CG  . HIS A 1 42  ? -1.654  13.139  9.948   1.00 66.83 ? 42  HIS A CG  1 
ATOM   319  N  ND1 . HIS A 1 42  ? -0.790  12.125  9.631   1.00 69.56 ? 42  HIS A ND1 1 
ATOM   320  C  CD2 . HIS A 1 42  ? -2.817  12.546  10.332  1.00 68.81 ? 42  HIS A CD2 1 
ATOM   321  C  CE1 . HIS A 1 42  ? -1.395  10.962  9.834   1.00 70.71 ? 42  HIS A CE1 1 
ATOM   322  N  NE2 . HIS A 1 42  ? -2.618  11.189  10.260  1.00 70.81 ? 42  HIS A NE2 1 
ATOM   323  N  N   . VAL A 1 43  ? -2.307  17.318  7.571   1.00 58.14 ? 43  VAL A N   1 
ATOM   324  C  CA  . VAL A 1 43  ? -1.877  18.681  7.211   1.00 57.41 ? 43  VAL A CA  1 
ATOM   325  C  C   . VAL A 1 43  ? -2.851  19.240  6.184   1.00 61.05 ? 43  VAL A C   1 
ATOM   326  O  O   . VAL A 1 43  ? -3.057  18.647  5.112   1.00 60.76 ? 43  VAL A O   1 
ATOM   327  C  CB  . VAL A 1 43  ? -0.448  18.516  6.633   1.00 61.74 ? 43  VAL A CB  1 
ATOM   328  C  CG1 . VAL A 1 43  ? 0.025   19.706  5.817   1.00 62.30 ? 43  VAL A CG1 1 
ATOM   329  C  CG2 . VAL A 1 43  ? 0.553   18.090  7.685   1.00 61.06 ? 43  VAL A CG2 1 
ATOM   330  N  N   . GLU A 1 44  ? -3.429  20.381  6.525   1.00 66.12 ? 44  GLU A N   1 
ATOM   331  C  CA  . GLU A 1 44  ? -4.390  21.033  5.632   1.00 70.26 ? 44  GLU A CA  1 
ATOM   332  C  C   . GLU A 1 44  ? -3.695  21.547  4.388   1.00 68.03 ? 44  GLU A C   1 
ATOM   333  O  O   . GLU A 1 44  ? -2.549  22.042  4.404   1.00 67.85 ? 44  GLU A O   1 
ATOM   334  C  CB  . GLU A 1 44  ? -5.351  21.985  6.220   1.00 77.46 ? 44  GLU A CB  1 
ATOM   335  C  CG  . GLU A 1 44  ? -5.126  23.396  6.681   1.00 84.11 ? 44  GLU A CG  1 
ATOM   336  C  CD  . GLU A 1 44  ? -6.231  24.065  7.470   1.00 88.25 ? 44  GLU A CD  1 
ATOM   337  O  OE1 . GLU A 1 44  ? -7.313  23.425  7.434   1.00 87.76 ? 44  GLU A OE1 1 
ATOM   338  O  OE2 . GLU A 1 44  ? -6.095  25.144  8.114   1.00 87.74 ? 44  GLU A OE2 1 
ATOM   339  N  N   . GLY A 1 45  ? -4.406  21.368  3.284   1.00 65.96 ? 45  GLY A N   1 
ATOM   340  C  CA  . GLY A 1 45  ? -3.939  21.807  1.970   1.00 62.55 ? 45  GLY A CA  1 
ATOM   341  C  C   . GLY A 1 45  ? -3.025  20.776  1.341   1.00 61.07 ? 45  GLY A C   1 
ATOM   342  O  O   . GLY A 1 45  ? -2.516  21.051  0.236   1.00 63.40 ? 45  GLY A O   1 
ATOM   343  N  N   . LYS A 1 46  ? -2.839  19.642  2.002   1.00 57.51 ? 46  LYS A N   1 
ATOM   344  C  CA  . LYS A 1 46  ? -1.974  18.569  1.437   1.00 53.27 ? 46  LYS A CA  1 
ATOM   345  C  C   . LYS A 1 46  ? -2.759  17.291  1.228   1.00 48.04 ? 46  LYS A C   1 
ATOM   346  O  O   . LYS A 1 46  ? -3.831  17.099  1.839   1.00 46.74 ? 46  LYS A O   1 
ATOM   347  C  CB  . LYS A 1 46  ? -0.756  18.312  2.302   1.00 51.19 ? 46  LYS A CB  1 
ATOM   348  C  CG  . LYS A 1 46  ? 0.280   19.427  2.250   1.00 52.61 ? 46  LYS A CG  1 
ATOM   349  C  CD  . LYS A 1 46  ? 1.506   19.089  3.087   1.00 54.65 ? 46  LYS A CD  1 
ATOM   350  C  CE  . LYS A 1 46  ? 2.773   19.538  2.375   1.00 57.42 ? 46  LYS A CE  1 
ATOM   351  N  NZ  . LYS A 1 46  ? 3.965   19.090  3.142   1.00 58.51 ? 46  LYS A NZ  1 
ATOM   352  N  N   . GLN A 1 47  ? -2.214  16.424  0.401   1.00 46.85 ? 47  GLN A N   1 
ATOM   353  C  CA  . GLN A 1 47  ? -2.870  15.102  0.103   1.00 43.18 ? 47  GLN A CA  1 
ATOM   354  C  C   . GLN A 1 47  ? -1.803  14.004  0.170   1.00 37.45 ? 47  GLN A C   1 
ATOM   355  O  O   . GLN A 1 47  ? -0.618  14.312  -0.025  1.00 38.37 ? 47  GLN A O   1 
ATOM   356  C  CB  . GLN A 1 47  ? -3.390  15.128  -1.338  1.00 47.27 ? 47  GLN A CB  1 
ATOM   357  C  CG  . GLN A 1 47  ? -4.888  15.144  -1.517  1.00 52.09 ? 47  GLN A CG  1 
ATOM   358  C  CD  . GLN A 1 47  ? -5.208  15.550  -2.957  1.00 58.00 ? 47  GLN A CD  1 
ATOM   359  O  OE1 . GLN A 1 47  ? -6.350  15.758  -3.340  1.00 62.14 ? 47  GLN A OE1 1 
ATOM   360  N  NE2 . GLN A 1 47  ? -4.118  15.665  -3.711  1.00 55.40 ? 47  GLN A NE2 1 
ATOM   361  N  N   . ASN A 1 48  ? -2.254  12.770  0.301   1.00 36.64 ? 48  ASN A N   1 
ATOM   362  C  CA  . ASN A 1 48  ? -1.341  11.609  0.296   1.00 35.28 ? 48  ASN A CA  1 
ATOM   363  C  C   . ASN A 1 48  ? -1.099  11.168  -1.157  1.00 32.25 ? 48  ASN A C   1 
ATOM   364  O  O   . ASN A 1 48  ? -1.918  11.405  -2.037  1.00 31.85 ? 48  ASN A O   1 
ATOM   365  C  CB  . ASN A 1 48  ? -1.830  10.420  1.129   1.00 32.08 ? 48  ASN A CB  1 
ATOM   366  C  CG  . ASN A 1 48  ? -1.795  10.777  2.610   1.00 32.35 ? 48  ASN A CG  1 
ATOM   367  O  OD1 . ASN A 1 48  ? -1.058  11.730  2.929   1.00 36.29 ? 48  ASN A OD1 1 
ATOM   368  N  ND2 . ASN A 1 48  ? -2.566  10.075  3.417   1.00 31.20 ? 48  ASN A ND2 1 
ATOM   369  N  N   . ALA A 1 49  ? 0.042   10.523  -1.288  1.00 33.31 ? 49  ALA A N   1 
ATOM   370  C  CA  . ALA A 1 49  ? 0.445   9.918   -2.579  1.00 33.39 ? 49  ALA A CA  1 
ATOM   371  C  C   . ALA A 1 49  ? 0.410   8.386   -2.407  1.00 33.54 ? 49  ALA A C   1 
ATOM   372  O  O   . ALA A 1 49  ? 0.852   7.840   -1.370  1.00 33.82 ? 49  ALA A O   1 
ATOM   373  C  CB  . ALA A 1 49  ? 1.833   10.402  -2.943  1.00 28.63 ? 49  ALA A CB  1 
ATOM   374  N  N   . VAL A 1 50  ? -0.152  7.741   -3.412  1.00 30.84 ? 50  VAL A N   1 
ATOM   375  C  CA  . VAL A 1 50  ? -0.177  6.268   -3.460  1.00 27.81 ? 50  VAL A CA  1 
ATOM   376  C  C   . VAL A 1 50  ? 0.667   5.830   -4.657  1.00 26.33 ? 50  VAL A C   1 
ATOM   377  O  O   . VAL A 1 50  ? 0.514   6.397   -5.748  1.00 28.39 ? 50  VAL A O   1 
ATOM   378  C  CB  . VAL A 1 50  ? -1.573  5.668   -3.442  1.00 27.35 ? 50  VAL A CB  1 
ATOM   379  C  CG1 . VAL A 1 50  ? -2.301  5.904   -2.114  1.00 28.87 ? 50  VAL A CG1 1 
ATOM   380  C  CG2 . VAL A 1 50  ? -2.414  6.026   -4.635  1.00 24.40 ? 50  VAL A CG2 1 
ATOM   381  N  N   . ILE A 1 51  ? 1.519   4.860   -4.417  1.00 23.59 ? 51  ILE A N   1 
ATOM   382  C  CA  . ILE A 1 51  ? 2.334   4.276   -5.484  1.00 24.38 ? 51  ILE A CA  1 
ATOM   383  C  C   . ILE A 1 51  ? 1.931   2.800   -5.672  1.00 24.86 ? 51  ILE A C   1 
ATOM   384  O  O   . ILE A 1 51  ? 1.798   2.063   -4.694  1.00 24.30 ? 51  ILE A O   1 
ATOM   385  C  CB  . ILE A 1 51  ? 3.854   4.427   -5.211  1.00 26.30 ? 51  ILE A CB  1 
ATOM   386  C  CG1 . ILE A 1 51  ? 4.188   5.908   -4.884  1.00 25.78 ? 51  ILE A CG1 1 
ATOM   387  C  CG2 . ILE A 1 51  ? 4.681   3.906   -6.441  1.00 25.65 ? 51  ILE A CG2 1 
ATOM   388  C  CD1 . ILE A 1 51  ? 5.585   6.089   -4.204  1.00 29.29 ? 51  ILE A CD1 1 
ATOM   389  N  N   . MET A 1 52  ? 1.792   2.450   -6.943  1.00 19.72 ? 52  MET A N   1 
ATOM   390  C  CA  . MET A 1 52  ? 1.377   1.085   -7.285  1.00 20.70 ? 52  MET A CA  1 
ATOM   391  C  C   . MET A 1 52  ? 1.892   0.677   -8.662  1.00 21.92 ? 52  MET A C   1 
ATOM   392  O  O   . MET A 1 52  ? 2.273   1.491   -9.514  1.00 20.19 ? 52  MET A O   1 
ATOM   393  C  CB  . MET A 1 52  ? -0.172  1.001   -7.276  1.00 22.59 ? 52  MET A CB  1 
ATOM   394  C  CG  . MET A 1 52  ? -0.708  1.814   -8.474  1.00 22.28 ? 52  MET A CG  1 
ATOM   395  S  SD  . MET A 1 52  ? -2.513  1.835   -8.279  1.00 29.05 ? 52  MET A SD  1 
ATOM   396  C  CE  . MET A 1 52  ? -2.648  3.331   -7.280  1.00 27.59 ? 52  MET A CE  1 
ATOM   397  N  N   . GLY A 1 53  ? 1.928   -0.642  -8.792  1.00 24.67 ? 53  GLY A N   1 
ATOM   398  C  CA  . GLY A 1 53  ? 2.365   -1.307  -10.020 1.00 26.82 ? 53  GLY A CA  1 
ATOM   399  C  C   . GLY A 1 53  ? 1.226   -1.242  -11.039 1.00 26.10 ? 53  GLY A C   1 
ATOM   400  O  O   . GLY A 1 53  ? 0.091   -0.886  -10.689 1.00 29.44 ? 53  GLY A O   1 
ATOM   401  N  N   . LYS A 1 54  ? 1.574   -1.600  -12.255 1.00 25.12 ? 54  LYS A N   1 
ATOM   402  C  CA  . LYS A 1 54  ? 0.654   -1.579  -13.399 1.00 24.44 ? 54  LYS A CA  1 
ATOM   403  C  C   . LYS A 1 54  ? -0.553  -2.481  -13.188 1.00 26.65 ? 54  LYS A C   1 
ATOM   404  O  O   . LYS A 1 54  ? -1.723  -2.097  -13.462 1.00 21.92 ? 54  LYS A O   1 
ATOM   405  C  CB  . LYS A 1 54  ? 1.421   -2.070  -14.634 1.00 28.04 ? 54  LYS A CB  1 
ATOM   406  C  CG  . LYS A 1 54  ? 0.832   -1.600  -15.958 1.00 31.14 ? 54  LYS A CG  1 
ATOM   407  C  CD  . LYS A 1 54  ? 1.671   -2.013  -17.134 1.00 30.75 ? 54  LYS A CD  1 
ATOM   408  C  CE  . LYS A 1 54  ? 1.648   -3.517  -17.435 1.00 27.29 ? 54  LYS A CE  1 
ATOM   409  N  NZ  . LYS A 1 54  ? 2.817   -3.832  -18.312 1.00 28.37 ? 54  LYS A NZ  1 
ATOM   410  N  N   . LYS A 1 55  ? -0.272  -3.712  -12.742 1.00 25.42 ? 55  LYS A N   1 
ATOM   411  C  CA  . LYS A 1 55  ? -1.329  -4.717  -12.584 1.00 28.40 ? 55  LYS A CA  1 
ATOM   412  C  C   . LYS A 1 55  ? -2.330  -4.230  -11.552 1.00 24.95 ? 55  LYS A C   1 
ATOM   413  O  O   . LYS A 1 55  ? -3.550  -4.374  -11.721 1.00 26.00 ? 55  LYS A O   1 
ATOM   414  C  CB  . LYS A 1 55  ? -0.910  -6.140  -12.343 1.00 33.46 ? 55  LYS A CB  1 
ATOM   415  C  CG  . LYS A 1 55  ? -0.427  -6.923  -13.571 1.00 44.53 ? 55  LYS A CG  1 
ATOM   416  C  CD  . LYS A 1 55  ? -0.264  -8.414  -13.343 1.00 50.71 ? 55  LYS A CD  1 
ATOM   417  C  CE  . LYS A 1 55  ? -1.595  -9.126  -13.079 1.00 53.96 ? 55  LYS A CE  1 
ATOM   418  N  NZ  . LYS A 1 55  ? -1.358  -10.447 -12.390 1.00 53.65 ? 55  LYS A NZ  1 
ATOM   419  N  N   . THR A 1 56  ? -1.767  -3.663  -10.495 1.00 25.64 ? 56  THR A N   1 
ATOM   420  C  CA  . THR A 1 56  ? -2.626  -3.161  -9.401  1.00 25.51 ? 56  THR A CA  1 
ATOM   421  C  C   . THR A 1 56  ? -3.560  -2.073  -9.892  1.00 27.79 ? 56  THR A C   1 
ATOM   422  O  O   . THR A 1 56  ? -4.800  -2.131  -9.614  1.00 26.89 ? 56  THR A O   1 
ATOM   423  C  CB  . THR A 1 56  ? -1.793  -2.809  -8.115  1.00 20.63 ? 56  THR A CB  1 
ATOM   424  O  OG1 . THR A 1 56  ? -1.252  -4.085  -7.663  1.00 20.80 ? 56  THR A OG1 1 
ATOM   425  C  CG2 . THR A 1 56  ? -2.641  -2.210  -6.991  1.00 19.23 ? 56  THR A CG2 1 
ATOM   426  N  N   . TRP A 1 57  ? -3.005  -1.112  -10.625 1.00 19.82 ? 57  TRP A N   1 
ATOM   427  C  CA  . TRP A 1 57  ? -3.833  -0.009  -11.175 1.00 21.44 ? 57  TRP A CA  1 
ATOM   428  C  C   . TRP A 1 57  ? -4.979  -0.579  -12.001 1.00 24.96 ? 57  TRP A C   1 
ATOM   429  O  O   . TRP A 1 57  ? -6.159  -0.176  -11.879 1.00 28.34 ? 57  TRP A O   1 
ATOM   430  C  CB  . TRP A 1 57  ? -2.940  0.914   -12.028 1.00 25.95 ? 57  TRP A CB  1 
ATOM   431  C  CG  . TRP A 1 57  ? -3.712  1.905   -12.837 1.00 26.62 ? 57  TRP A CG  1 
ATOM   432  C  CD1 . TRP A 1 57  ? -4.087  1.799   -14.145 1.00 26.97 ? 57  TRP A CD1 1 
ATOM   433  C  CD2 . TRP A 1 57  ? -4.212  3.171   -12.389 1.00 29.02 ? 57  TRP A CD2 1 
ATOM   434  N  NE1 . TRP A 1 57  ? -4.796  2.902   -14.544 1.00 26.63 ? 57  TRP A NE1 1 
ATOM   435  C  CE2 . TRP A 1 57  ? -4.882  3.768   -13.485 1.00 29.99 ? 57  TRP A CE2 1 
ATOM   436  C  CE3 . TRP A 1 57  ? -4.171  3.840   -11.164 1.00 29.94 ? 57  TRP A CE3 1 
ATOM   437  C  CZ2 . TRP A 1 57  ? -5.520  4.998   -13.380 1.00 29.64 ? 57  TRP A CZ2 1 
ATOM   438  C  CZ3 . TRP A 1 57  ? -4.777  5.077   -11.074 1.00 30.32 ? 57  TRP A CZ3 1 
ATOM   439  C  CH2 . TRP A 1 57  ? -5.443  5.650   -12.159 1.00 29.57 ? 57  TRP A CH2 1 
ATOM   440  N  N   . PHE A 1 58  ? -4.638  -1.531  -12.873 1.00 24.13 ? 58  PHE A N   1 
ATOM   441  C  CA  . PHE A 1 58  ? -5.654  -2.123  -13.748 1.00 26.29 ? 58  PHE A CA  1 
ATOM   442  C  C   . PHE A 1 58  ? -6.648  -2.976  -12.989 1.00 31.24 ? 58  PHE A C   1 
ATOM   443  O  O   . PHE A 1 58  ? -7.746  -3.215  -13.525 1.00 29.23 ? 58  PHE A O   1 
ATOM   444  C  CB  . PHE A 1 58  ? -5.122  -2.734  -15.026 1.00 26.11 ? 58  PHE A CB  1 
ATOM   445  C  CG  . PHE A 1 58  ? -4.611  -1.675  -15.982 1.00 27.25 ? 58  PHE A CG  1 
ATOM   446  C  CD1 . PHE A 1 58  ? -5.525  -0.840  -16.628 1.00 27.84 ? 58  PHE A CD1 1 
ATOM   447  C  CD2 . PHE A 1 58  ? -3.246  -1.486  -16.153 1.00 25.05 ? 58  PHE A CD2 1 
ATOM   448  C  CE1 . PHE A 1 58  ? -5.088  0.150   -17.504 1.00 30.93 ? 58  PHE A CE1 1 
ATOM   449  C  CE2 . PHE A 1 58  ? -2.775  -0.510  -17.027 1.00 29.19 ? 58  PHE A CE2 1 
ATOM   450  C  CZ  . PHE A 1 58  ? -3.706  0.313   -17.713 1.00 31.74 ? 58  PHE A CZ  1 
ATOM   451  N  N   . SER A 1 59  ? -6.297  -3.386  -11.773 1.00 31.34 ? 59  SER A N   1 
ATOM   452  C  CA  . SER A 1 59  ? -7.242  -4.231  -11.002 1.00 34.31 ? 59  SER A CA  1 
ATOM   453  C  C   . SER A 1 59  ? -8.363  -3.382  -10.426 1.00 31.88 ? 59  SER A C   1 
ATOM   454  O  O   . SER A 1 59  ? -9.392  -3.911  -9.951  1.00 34.26 ? 59  SER A O   1 
ATOM   455  C  CB  . SER A 1 59  ? -6.518  -5.047  -9.949  1.00 32.55 ? 59  SER A CB  1 
ATOM   456  O  OG  . SER A 1 59  ? -6.151  -4.228  -8.853  1.00 34.67 ? 59  SER A OG  1 
ATOM   457  N  N   . ILE A 1 60  ? -8.159  -2.079  -10.426 1.00 30.57 ? 60  ILE A N   1 
ATOM   458  C  CA  . ILE A 1 60  ? -9.206  -1.190  -9.846  1.00 31.24 ? 60  ILE A CA  1 
ATOM   459  C  C   . ILE A 1 60  ? -10.241 -0.951  -10.950 1.00 29.43 ? 60  ILE A C   1 
ATOM   460  O  O   . ILE A 1 60  ? -9.827  -0.617  -12.075 1.00 28.61 ? 60  ILE A O   1 
ATOM   461  C  CB  . ILE A 1 60  ? -8.568  0.141   -9.358  1.00 34.96 ? 60  ILE A CB  1 
ATOM   462  C  CG1 . ILE A 1 60  ? -7.391  -0.118  -8.405  1.00 29.67 ? 60  ILE A CG1 1 
ATOM   463  C  CG2 . ILE A 1 60  ? -9.624  1.148   -8.777  1.00 35.24 ? 60  ILE A CG2 1 
ATOM   464  C  CD1 . ILE A 1 60  ? -6.388  1.088   -8.370  1.00 31.30 ? 60  ILE A CD1 1 
ATOM   465  N  N   . PRO A 1 61  ? -11.493 -1.143  -10.585 1.00 27.52 ? 61  PRO A N   1 
ATOM   466  C  CA  . PRO A 1 61  ? -12.606 -0.905  -11.543 1.00 28.46 ? 61  PRO A CA  1 
ATOM   467  C  C   . PRO A 1 61  ? -12.413 0.526   -12.083 1.00 28.42 ? 61  PRO A C   1 
ATOM   468  O  O   . PRO A 1 61  ? -12.082 1.435   -11.326 1.00 32.61 ? 61  PRO A O   1 
ATOM   469  C  CB  . PRO A 1 61  ? -13.861 -1.054  -10.715 1.00 27.91 ? 61  PRO A CB  1 
ATOM   470  C  CG  . PRO A 1 61  ? -13.418 -1.985  -9.594  1.00 31.35 ? 61  PRO A CG  1 
ATOM   471  C  CD  . PRO A 1 61  ? -11.991 -1.524  -9.270  1.00 24.42 ? 61  PRO A CD  1 
ATOM   472  N  N   . GLU A 1 62  ? -12.509 0.630   -13.380 1.00 30.62 ? 62  GLU A N   1 
ATOM   473  C  CA  . GLU A 1 62  ? -12.265 1.828   -14.152 1.00 35.11 ? 62  GLU A CA  1 
ATOM   474  C  C   . GLU A 1 62  ? -12.966 3.056   -13.628 1.00 36.40 ? 62  GLU A C   1 
ATOM   475  O  O   . GLU A 1 62  ? -12.387 4.166   -13.588 1.00 30.51 ? 62  GLU A O   1 
ATOM   476  C  CB  . GLU A 1 62  ? -12.674 1.602   -15.598 1.00 41.31 ? 62  GLU A CB  1 
ATOM   477  C  CG  . GLU A 1 62  ? -12.338 2.694   -16.613 1.00 55.21 ? 62  GLU A CG  1 
ATOM   478  C  CD  . GLU A 1 62  ? -12.790 2.298   -18.006 1.00 65.19 ? 62  GLU A CD  1 
ATOM   479  O  OE1 . GLU A 1 62  ? -12.110 1.549   -18.740 1.00 70.35 ? 62  GLU A OE1 1 
ATOM   480  O  OE2 . GLU A 1 62  ? -13.923 2.751   -18.262 1.00 70.51 ? 62  GLU A OE2 1 
ATOM   481  N  N   . LYS A 1 63  ? -14.230 2.879   -13.218 1.00 38.23 ? 63  LYS A N   1 
ATOM   482  C  CA  . LYS A 1 63  ? -15.007 4.012   -12.696 1.00 41.02 ? 63  LYS A CA  1 
ATOM   483  C  C   . LYS A 1 63  ? -14.486 4.480   -11.359 1.00 42.30 ? 63  LYS A C   1 
ATOM   484  O  O   . LYS A 1 63  ? -14.734 5.641   -10.973 1.00 47.97 ? 63  LYS A O   1 
ATOM   485  C  CB  . LYS A 1 63  ? -16.500 3.838   -12.715 1.00 42.06 ? 63  LYS A CB  1 
ATOM   486  C  CG  . LYS A 1 63  ? -17.124 3.845   -14.128 1.00 44.27 ? 63  LYS A CG  1 
ATOM   487  C  CD  . LYS A 1 63  ? -16.092 4.197   -15.179 1.00 42.87 ? 63  LYS A CD  1 
ATOM   488  C  CE  . LYS A 1 63  ? -16.620 3.999   -16.579 1.00 45.31 ? 63  LYS A CE  1 
ATOM   489  N  NZ  . LYS A 1 63  ? -17.384 5.220   -16.966 1.00 52.51 ? 63  LYS A NZ  1 
ATOM   490  N  N   . ASN A 1 64  ? -13.744 3.634   -10.668 1.00 40.94 ? 64  ASN A N   1 
ATOM   491  C  CA  . ASN A 1 64  ? -13.167 3.960   -9.359  1.00 38.12 ? 64  ASN A CA  1 
ATOM   492  C  C   . ASN A 1 64  ? -11.761 4.528   -9.482  1.00 38.87 ? 64  ASN A C   1 
ATOM   493  O  O   . ASN A 1 64  ? -11.075 4.670   -8.436  1.00 37.14 ? 64  ASN A O   1 
ATOM   494  C  CB  . ASN A 1 64  ? -13.246 2.760   -8.428  1.00 41.90 ? 64  ASN A CB  1 
ATOM   495  C  CG  . ASN A 1 64  ? -14.642 2.291   -8.076  1.00 47.12 ? 64  ASN A CG  1 
ATOM   496  O  OD1 . ASN A 1 64  ? -15.655 2.919   -8.413  1.00 50.40 ? 64  ASN A OD1 1 
ATOM   497  N  ND2 . ASN A 1 64  ? -14.729 1.165   -7.367  1.00 49.53 ? 64  ASN A ND2 1 
ATOM   498  N  N   . ARG A 1 65  ? -11.311 4.881   -10.676 1.00 36.51 ? 65  ARG A N   1 
ATOM   499  C  CA  . ARG A 1 65  ? -9.944  5.418   -10.817 1.00 37.59 ? 65  ARG A CA  1 
ATOM   500  C  C   . ARG A 1 65  ? -9.944  6.912   -11.127 1.00 35.16 ? 65  ARG A C   1 
ATOM   501  O  O   . ARG A 1 65  ? -10.766 7.352   -11.941 1.00 40.71 ? 65  ARG A O   1 
ATOM   502  C  CB  . ARG A 1 65  ? -9.155  4.779   -11.948 1.00 36.16 ? 65  ARG A CB  1 
ATOM   503  C  CG  . ARG A 1 65  ? -8.860  3.297   -11.868 1.00 38.10 ? 65  ARG A CG  1 
ATOM   504  C  CD  . ARG A 1 65  ? -8.197  2.908   -13.184 1.00 35.56 ? 65  ARG A CD  1 
ATOM   505  N  NE  . ARG A 1 65  ? -8.395  1.555   -13.497 1.00 37.48 ? 65  ARG A NE  1 
ATOM   506  C  CZ  . ARG A 1 65  ? -8.612  0.977   -14.675 1.00 37.20 ? 65  ARG A CZ  1 
ATOM   507  N  NH1 . ARG A 1 65  ? -8.520  1.649   -15.817 1.00 32.54 ? 65  ARG A NH1 1 
ATOM   508  N  NH2 . ARG A 1 65  ? -8.988  -0.317  -14.665 1.00 38.49 ? 65  ARG A NH2 1 
ATOM   509  N  N   . PRO A 1 66  ? -8.940  7.623   -10.656 1.00 33.28 ? 66  PRO A N   1 
ATOM   510  C  CA  . PRO A 1 66  ? -7.918  7.165   -9.712  1.00 31.39 ? 66  PRO A CA  1 
ATOM   511  C  C   . PRO A 1 66  ? -8.510  7.163   -8.303  1.00 31.04 ? 66  PRO A C   1 
ATOM   512  O  O   . PRO A 1 66  ? -9.638  7.663   -8.074  1.00 28.48 ? 66  PRO A O   1 
ATOM   513  C  CB  . PRO A 1 66  ? -6.850  8.274   -9.856  1.00 30.16 ? 66  PRO A CB  1 
ATOM   514  C  CG  . PRO A 1 66  ? -7.707  9.502   -10.018 1.00 30.50 ? 66  PRO A CG  1 
ATOM   515  C  CD  . PRO A 1 66  ? -8.822  9.069   -10.953 1.00 30.13 ? 66  PRO A CD  1 
ATOM   516  N  N   . LEU A 1 67  ? -7.756  6.587   -7.386  1.00 28.22 ? 67  LEU A N   1 
ATOM   517  C  CA  . LEU A 1 67  ? -8.235  6.573   -5.970  1.00 30.95 ? 67  LEU A CA  1 
ATOM   518  C  C   . LEU A 1 67  ? -8.420  8.053   -5.577  1.00 31.99 ? 67  LEU A C   1 
ATOM   519  O  O   . LEU A 1 67  ? -7.442  8.818   -5.572  1.00 30.41 ? 67  LEU A O   1 
ATOM   520  C  CB  . LEU A 1 67  ? -7.129  5.882   -5.174  1.00 30.03 ? 67  LEU A CB  1 
ATOM   521  C  CG  . LEU A 1 67  ? -7.017  4.381   -5.434  1.00 33.00 ? 67  LEU A CG  1 
ATOM   522  C  CD1 . LEU A 1 67  ? -5.919  3.820   -4.527  1.00 33.21 ? 67  LEU A CD1 1 
ATOM   523  C  CD2 . LEU A 1 67  ? -8.374  3.776   -5.053  1.00 31.34 ? 67  LEU A CD2 1 
ATOM   524  N  N   . LYS A 1 68  ? -9.653  8.401   -5.327  1.00 34.91 ? 68  LYS A N   1 
ATOM   525  C  CA  . LYS A 1 68  ? -10.070 9.771   -4.990  1.00 39.70 ? 68  LYS A CA  1 
ATOM   526  C  C   . LYS A 1 68  ? -9.309  10.315  -3.796  1.00 34.44 ? 68  LYS A C   1 
ATOM   527  O  O   . LYS A 1 68  ? -9.044  9.593   -2.818  1.00 36.74 ? 68  LYS A O   1 
ATOM   528  C  CB  . LYS A 1 68  ? -11.575 9.781   -4.668  1.00 46.29 ? 68  LYS A CB  1 
ATOM   529  C  CG  . LYS A 1 68  ? -12.051 11.067  -4.003  1.00 54.21 ? 68  LYS A CG  1 
ATOM   530  C  CD  . LYS A 1 68  ? -13.554 11.276  -4.207  1.00 61.44 ? 68  LYS A CD  1 
ATOM   531  C  CE  . LYS A 1 68  ? -14.199 11.971  -3.009  1.00 63.66 ? 68  LYS A CE  1 
ATOM   532  N  NZ  . LYS A 1 68  ? -14.430 10.978  -1.907  1.00 65.59 ? 68  LYS A NZ  1 
ATOM   533  N  N   . ASP A 1 69  ? -8.924  11.558  -3.893  1.00 34.32 ? 69  ASP A N   1 
ATOM   534  C  CA  . ASP A 1 69  ? -8.246  12.327  -2.854  1.00 36.30 ? 69  ASP A CA  1 
ATOM   535  C  C   . ASP A 1 69  ? -6.798  11.959  -2.637  1.00 36.44 ? 69  ASP A C   1 
ATOM   536  O  O   . ASP A 1 69  ? -6.198  12.389  -1.621  1.00 35.12 ? 69  ASP A O   1 
ATOM   537  C  CB  . ASP A 1 69  ? -9.056  12.421  -1.571  1.00 42.19 ? 69  ASP A CB  1 
ATOM   538  C  CG  . ASP A 1 69  ? -10.409 13.098  -1.789  1.00 51.43 ? 69  ASP A CG  1 
ATOM   539  O  OD1 . ASP A 1 69  ? -10.495 14.222  -2.321  1.00 57.21 ? 69  ASP A OD1 1 
ATOM   540  O  OD2 . ASP A 1 69  ? -11.413 12.446  -1.428  1.00 54.08 ? 69  ASP A OD2 1 
ATOM   541  N  N   . ARG A 1 70  ? -6.238  11.187  -3.551  1.00 32.05 ? 70  ARG A N   1 
ATOM   542  C  CA  . ARG A 1 70  ? -4.796  10.856  -3.431  1.00 28.29 ? 70  ARG A CA  1 
ATOM   543  C  C   . ARG A 1 70  ? -4.206  11.058  -4.830  1.00 29.83 ? 70  ARG A C   1 
ATOM   544  O  O   . ARG A 1 70  ? -4.910  10.921  -5.844  1.00 28.45 ? 70  ARG A O   1 
ATOM   545  C  CB  . ARG A 1 70  ? -4.555  9.442   -2.952  1.00 27.10 ? 70  ARG A CB  1 
ATOM   546  C  CG  . ARG A 1 70  ? -4.986  9.135   -1.520  1.00 26.12 ? 70  ARG A CG  1 
ATOM   547  C  CD  . ARG A 1 70  ? -5.607  7.804   -1.381  1.00 26.98 ? 70  ARG A CD  1 
ATOM   548  N  NE  . ARG A 1 70  ? -6.915  7.659   -1.971  1.00 26.62 ? 70  ARG A NE  1 
ATOM   549  C  CZ  . ARG A 1 70  ? -7.764  6.657   -1.713  1.00 27.60 ? 70  ARG A CZ  1 
ATOM   550  N  NH1 . ARG A 1 70  ? -7.406  5.512   -1.130  1.00 24.96 ? 70  ARG A NH1 1 
ATOM   551  N  NH2 . ARG A 1 70  ? -9.061  6.819   -2.017  1.00 26.61 ? 70  ARG A NH2 1 
ATOM   552  N  N   . ILE A 1 71  ? -2.935  11.341  -4.813  1.00 30.16 ? 71  ILE A N   1 
ATOM   553  C  CA  . ILE A 1 71  ? -2.142  11.450  -6.074  1.00 34.58 ? 71  ILE A CA  1 
ATOM   554  C  C   . ILE A 1 71  ? -1.719  10.013  -6.443  1.00 32.88 ? 71  ILE A C   1 
ATOM   555  O  O   . ILE A 1 71  ? -1.025  9.352   -5.637  1.00 31.56 ? 71  ILE A O   1 
ATOM   556  C  CB  . ILE A 1 71  ? -0.885  12.333  -5.715  1.00 37.66 ? 71  ILE A CB  1 
ATOM   557  C  CG1 . ILE A 1 71  ? -1.416  13.701  -5.186  1.00 38.12 ? 71  ILE A CG1 1 
ATOM   558  C  CG2 . ILE A 1 71  ? 0.067   12.480  -6.917  1.00 40.11 ? 71  ILE A CG2 1 
ATOM   559  C  CD1 . ILE A 1 71  ? -0.287  14.760  -5.015  1.00 42.51 ? 71  ILE A CD1 1 
ATOM   560  N  N   . ASN A 1 72  ? -2.227  9.535   -7.558  1.00 26.09 ? 72  ASN A N   1 
ATOM   561  C  CA  . ASN A 1 72  ? -1.953  8.172   -8.036  1.00 26.05 ? 72  ASN A CA  1 
ATOM   562  C  C   . ASN A 1 72  ? -0.700  8.177   -8.927  1.00 30.72 ? 72  ASN A C   1 
ATOM   563  O  O   . ASN A 1 72  ? -0.652  8.851   -9.984  1.00 34.92 ? 72  ASN A O   1 
ATOM   564  C  CB  . ASN A 1 72  ? -3.173  7.571   -8.746  1.00 21.36 ? 72  ASN A CB  1 
ATOM   565  C  CG  . ASN A 1 72  ? -4.374  7.397   -7.860  1.00 23.60 ? 72  ASN A CG  1 
ATOM   566  O  OD1 . ASN A 1 72  ? -5.075  6.379   -7.927  1.00 20.85 ? 72  ASN A OD1 1 
ATOM   567  N  ND2 . ASN A 1 72  ? -4.656  8.386   -7.004  1.00 22.84 ? 72  ASN A ND2 1 
ATOM   568  N  N   . ILE A 1 73  ? 0.280   7.420   -8.489  1.00 28.29 ? 73  ILE A N   1 
ATOM   569  C  CA  . ILE A 1 73  ? 1.516   7.197   -9.236  1.00 27.93 ? 73  ILE A CA  1 
ATOM   570  C  C   . ILE A 1 73  ? 1.586   5.701   -9.585  1.00 29.46 ? 73  ILE A C   1 
ATOM   571  O  O   . ILE A 1 73  ? 1.555   4.858   -8.669  1.00 34.04 ? 73  ILE A O   1 
ATOM   572  C  CB  . ILE A 1 73  ? 2.780   7.587   -8.405  1.00 27.96 ? 73  ILE A CB  1 
ATOM   573  C  CG1 . ILE A 1 73  ? 2.680   9.088   -8.032  1.00 31.04 ? 73  ILE A CG1 1 
ATOM   574  C  CG2 . ILE A 1 73  ? 4.095   7.295   -9.203  1.00 28.91 ? 73  ILE A CG2 1 
ATOM   575  C  CD1 . ILE A 1 73  ? 3.883   9.594   -7.209  1.00 33.00 ? 73  ILE A CD1 1 
ATOM   576  N  N   . VAL A 1 74  ? 1.680   5.454   -10.873 1.00 28.63 ? 74  VAL A N   1 
ATOM   577  C  CA  . VAL A 1 74  ? 1.821   4.095   -11.402 1.00 28.62 ? 74  VAL A CA  1 
ATOM   578  C  C   . VAL A 1 74  ? 3.251   3.892   -11.914 1.00 31.67 ? 74  VAL A C   1 
ATOM   579  O  O   . VAL A 1 74  ? 3.801   4.793   -12.586 1.00 32.05 ? 74  VAL A O   1 
ATOM   580  C  CB  . VAL A 1 74  ? 0.757   3.859   -12.500 1.00 30.80 ? 74  VAL A CB  1 
ATOM   581  C  CG1 . VAL A 1 74  ? 0.947   2.449   -13.117 1.00 28.20 ? 74  VAL A CG1 1 
ATOM   582  C  CG2 . VAL A 1 74  ? -0.640  3.980   -11.895 1.00 25.42 ? 74  VAL A CG2 1 
ATOM   583  N  N   . LEU A 1 75  ? 3.810   2.743   -11.562 1.00 28.67 ? 75  LEU A N   1 
ATOM   584  C  CA  . LEU A 1 75  ? 5.158   2.359   -12.030 1.00 29.41 ? 75  LEU A CA  1 
ATOM   585  C  C   . LEU A 1 75  ? 5.002   1.335   -13.180 1.00 31.54 ? 75  LEU A C   1 
ATOM   586  O  O   . LEU A 1 75  ? 4.155   0.414   -13.097 1.00 27.94 ? 75  LEU A O   1 
ATOM   587  C  CB  . LEU A 1 75  ? 5.923   1.743   -10.868 1.00 30.66 ? 75  LEU A CB  1 
ATOM   588  C  CG  . LEU A 1 75  ? 6.056   2.430   -9.542  1.00 28.13 ? 75  LEU A CG  1 
ATOM   589  C  CD1 . LEU A 1 75  ? 6.815   1.491   -8.571  1.00 30.58 ? 75  LEU A CD1 1 
ATOM   590  C  CD2 . LEU A 1 75  ? 6.855   3.704   -9.686  1.00 26.60 ? 75  LEU A CD2 1 
ATOM   591  N  N   . SER A 1 76  ? 5.828   1.490   -14.183 1.00 30.71 ? 76  SER A N   1 
ATOM   592  C  CA  . SER A 1 76  ? 5.841   0.541   -15.333 1.00 31.45 ? 76  SER A CA  1 
ATOM   593  C  C   . SER A 1 76  ? 7.117   0.873   -16.135 1.00 36.48 ? 76  SER A C   1 
ATOM   594  O  O   . SER A 1 76  ? 7.440   2.063   -16.330 1.00 32.08 ? 76  SER A O   1 
ATOM   595  C  CB  . SER A 1 76  ? 4.649   0.750   -16.249 1.00 32.53 ? 76  SER A CB  1 
ATOM   596  O  OG  . SER A 1 76  ? 4.754   0.079   -17.490 1.00 33.31 ? 76  SER A OG  1 
ATOM   597  N  N   . ARG A 1 77  ? 7.732   -0.200  -16.575 1.00 39.87 ? 77  ARG A N   1 
ATOM   598  C  CA  . ARG A 1 77  ? 8.936   -0.082  -17.428 1.00 42.69 ? 77  ARG A CA  1 
ATOM   599  C  C   . ARG A 1 77  ? 8.450   -0.022  -18.893 1.00 42.59 ? 77  ARG A C   1 
ATOM   600  O  O   . ARG A 1 77  ? 9.245   0.380   -19.749 1.00 46.35 ? 77  ARG A O   1 
ATOM   601  C  CB  . ARG A 1 77  ? 9.840   -1.300  -17.279 1.00 45.98 ? 77  ARG A CB  1 
ATOM   602  C  CG  . ARG A 1 77  ? 10.796  -1.311  -16.103 1.00 52.29 ? 77  ARG A CG  1 
ATOM   603  C  CD  . ARG A 1 77  ? 10.828  -2.678  -15.476 1.00 58.08 ? 77  ARG A CD  1 
ATOM   604  N  N   . GLU A 1 78  ? 7.210   -0.409  -19.125 1.00 38.22 ? 78  GLU A N   1 
ATOM   605  C  CA  . GLU A 1 78  ? 6.633   -0.509  -20.433 1.00 38.33 ? 78  GLU A CA  1 
ATOM   606  C  C   . GLU A 1 78  ? 5.843   0.640   -20.985 1.00 42.24 ? 78  GLU A C   1 
ATOM   607  O  O   . GLU A 1 78  ? 5.910   0.875   -22.219 1.00 42.08 ? 78  GLU A O   1 
ATOM   608  C  CB  . GLU A 1 78  ? 5.752   -1.742  -20.630 1.00 36.88 ? 78  GLU A CB  1 
ATOM   609  C  CG  . GLU A 1 78  ? 6.332   -3.123  -20.389 1.00 39.69 ? 78  GLU A CG  1 
ATOM   610  C  CD  . GLU A 1 78  ? 5.421   -4.266  -20.739 1.00 42.37 ? 78  GLU A CD  1 
ATOM   611  O  OE1 . GLU A 1 78  ? 4.501   -4.186  -21.581 1.00 48.88 ? 78  GLU A OE1 1 
ATOM   612  O  OE2 . GLU A 1 78  ? 5.657   -5.323  -20.133 1.00 41.74 ? 78  GLU A OE2 1 
ATOM   613  N  N   . LEU A 1 79  ? 5.018   1.285   -20.179 1.00 42.55 ? 79  LEU A N   1 
ATOM   614  C  CA  . LEU A 1 79  ? 4.161   2.361   -20.675 1.00 40.27 ? 79  LEU A CA  1 
ATOM   615  C  C   . LEU A 1 79  ? 4.988   3.599   -21.000 1.00 44.86 ? 79  LEU A C   1 
ATOM   616  O  O   . LEU A 1 79  ? 5.996   3.874   -20.351 1.00 41.60 ? 79  LEU A O   1 
ATOM   617  C  CB  . LEU A 1 79  ? 2.981   2.592   -19.760 1.00 38.15 ? 79  LEU A CB  1 
ATOM   618  C  CG  . LEU A 1 79  ? 2.052   1.385   -19.556 1.00 37.39 ? 79  LEU A CG  1 
ATOM   619  C  CD1 . LEU A 1 79  ? 0.934   1.753   -18.595 1.00 39.02 ? 79  LEU A CD1 1 
ATOM   620  C  CD2 . LEU A 1 79  ? 1.476   1.056   -20.929 1.00 37.90 ? 79  LEU A CD2 1 
ATOM   621  N  N   . LYS A 1 80  ? 4.450   4.299   -21.981 1.00 52.89 ? 80  LYS A N   1 
ATOM   622  C  CA  . LYS A 1 80  ? 5.025   5.542   -22.527 1.00 61.79 ? 80  LYS A CA  1 
ATOM   623  C  C   . LYS A 1 80  ? 4.423   6.758   -21.853 1.00 60.94 ? 80  LYS A C   1 
ATOM   624  O  O   . LYS A 1 80  ? 5.090   7.805   -21.657 1.00 63.26 ? 80  LYS A O   1 
ATOM   625  C  CB  . LYS A 1 80  ? 4.911   5.541   -24.037 1.00 66.78 ? 80  LYS A CB  1 
ATOM   626  C  CG  . LYS A 1 80  ? 5.350   6.784   -24.779 1.00 75.04 ? 80  LYS A CG  1 
ATOM   627  C  CD  . LYS A 1 80  ? 6.326   6.499   -25.916 1.00 79.77 ? 80  LYS A CD  1 
ATOM   628  C  CE  . LYS A 1 80  ? 7.080   7.743   -26.365 1.00 81.68 ? 80  LYS A CE  1 
ATOM   629  N  NZ  . LYS A 1 80  ? 8.481   7.395   -26.765 1.00 83.68 ? 80  LYS A NZ  1 
ATOM   630  N  N   . GLU A 1 81  ? 3.187   6.621   -21.397 1.00 59.25 ? 81  GLU A N   1 
ATOM   631  C  CA  . GLU A 1 81  ? 2.498   7.698   -20.660 1.00 57.85 ? 81  GLU A CA  1 
ATOM   632  C  C   . GLU A 1 81  ? 1.582   7.119   -19.591 1.00 52.69 ? 81  GLU A C   1 
ATOM   633  O  O   . GLU A 1 81  ? 1.072   5.990   -19.721 1.00 50.26 ? 81  GLU A O   1 
ATOM   634  C  CB  . GLU A 1 81  ? 1.650   8.547   -21.621 1.00 60.28 ? 81  GLU A CB  1 
ATOM   635  N  N   . ALA A 1 82  ? 1.321   7.934   -18.582 1.00 48.83 ? 82  ALA A N   1 
ATOM   636  C  CA  . ALA A 1 82  ? 0.426   7.543   -17.475 1.00 47.30 ? 82  ALA A CA  1 
ATOM   637  C  C   . ALA A 1 82  ? -0.915  7.094   -18.056 1.00 46.28 ? 82  ALA A C   1 
ATOM   638  O  O   . ALA A 1 82  ? -1.469  7.719   -18.967 1.00 45.58 ? 82  ALA A O   1 
ATOM   639  C  CB  . ALA A 1 82  ? 0.246   8.635   -16.453 1.00 43.78 ? 82  ALA A CB  1 
ATOM   640  N  N   . PRO A 1 83  ? -1.398  6.000   -17.479 1.00 45.15 ? 83  PRO A N   1 
ATOM   641  C  CA  . PRO A 1 83  ? -2.709  5.456   -17.884 1.00 42.84 ? 83  PRO A CA  1 
ATOM   642  C  C   . PRO A 1 83  ? -3.752  6.542   -17.555 1.00 43.86 ? 83  PRO A C   1 
ATOM   643  O  O   . PRO A 1 83  ? -3.546  7.395   -16.686 1.00 42.57 ? 83  PRO A O   1 
ATOM   644  C  CB  . PRO A 1 83  ? -2.876  4.199   -17.071 1.00 42.64 ? 83  PRO A CB  1 
ATOM   645  C  CG  . PRO A 1 83  ? -1.542  3.897   -16.468 1.00 40.57 ? 83  PRO A CG  1 
ATOM   646  C  CD  . PRO A 1 83  ? -0.818  5.229   -16.378 1.00 41.47 ? 83  PRO A CD  1 
ATOM   647  N  N   . LYS A 1 84  ? -4.811  6.476   -18.314 1.00 46.03 ? 84  LYS A N   1 
ATOM   648  C  CA  . LYS A 1 84  ? -5.974  7.374   -18.231 1.00 47.45 ? 84  LYS A CA  1 
ATOM   649  C  C   . LYS A 1 84  ? -6.506  7.366   -16.802 1.00 41.51 ? 84  LYS A C   1 
ATOM   650  O  O   . LYS A 1 84  ? -6.972  6.346   -16.267 1.00 39.83 ? 84  LYS A O   1 
ATOM   651  C  CB  . LYS A 1 84  ? -7.038  6.951   -19.239 1.00 53.45 ? 84  LYS A CB  1 
ATOM   652  C  CG  . LYS A 1 84  ? -8.426  7.506   -19.113 1.00 59.71 ? 84  LYS A CG  1 
ATOM   653  C  CD  . LYS A 1 84  ? -8.518  9.022   -19.236 1.00 63.63 ? 84  LYS A CD  1 
ATOM   654  N  N   . GLY A 1 85  ? -6.369  8.524   -16.193 1.00 39.28 ? 85  GLY A N   1 
ATOM   655  C  CA  . GLY A 1 85  ? -6.789  8.813   -14.843 1.00 39.85 ? 85  GLY A CA  1 
ATOM   656  C  C   . GLY A 1 85  ? -5.659  8.862   -13.837 1.00 37.63 ? 85  GLY A C   1 
ATOM   657  O  O   . GLY A 1 85  ? -5.882  9.339   -12.694 1.00 41.19 ? 85  GLY A O   1 
ATOM   658  N  N   . ALA A 1 86  ? -4.526  8.309   -14.190 1.00 32.01 ? 86  ALA A N   1 
ATOM   659  C  CA  . ALA A 1 86  ? -3.390  8.298   -13.224 1.00 33.12 ? 86  ALA A CA  1 
ATOM   660  C  C   . ALA A 1 86  ? -2.761  9.691   -13.343 1.00 36.10 ? 86  ALA A C   1 
ATOM   661  O  O   . ALA A 1 86  ? -2.783  10.223  -14.460 1.00 35.99 ? 86  ALA A O   1 
ATOM   662  C  CB  . ALA A 1 86  ? -2.401  7.208   -13.619 1.00 31.73 ? 86  ALA A CB  1 
ATOM   663  N  N   . HIS A 1 87  ? -2.210  10.166  -12.252 1.00 35.54 ? 87  HIS A N   1 
ATOM   664  C  CA  . HIS A 1 87  ? -1.546  11.436  -12.149 1.00 35.08 ? 87  HIS A CA  1 
ATOM   665  C  C   . HIS A 1 87  ? -0.136  11.437  -12.685 1.00 37.77 ? 87  HIS A C   1 
ATOM   666  O  O   . HIS A 1 87  ? 0.281   12.470  -13.292 1.00 40.23 ? 87  HIS A O   1 
ATOM   667  C  CB  . HIS A 1 87  ? -1.540  12.034  -10.705 1.00 34.18 ? 87  HIS A CB  1 
ATOM   668  C  CG  . HIS A 1 87  ? -2.939  12.078  -10.170 1.00 37.15 ? 87  HIS A CG  1 
ATOM   669  N  ND1 . HIS A 1 87  ? -3.377  11.363  -9.083  1.00 38.97 ? 87  HIS A ND1 1 
ATOM   670  C  CD2 . HIS A 1 87  ? -4.026  12.732  -10.631 1.00 39.16 ? 87  HIS A CD2 1 
ATOM   671  C  CE1 . HIS A 1 87  ? -4.656  11.605  -8.876  1.00 37.94 ? 87  HIS A CE1 1 
ATOM   672  N  NE2 . HIS A 1 87  ? -5.081  12.420  -9.799  1.00 38.08 ? 87  HIS A NE2 1 
ATOM   673  N  N   . TYR A 1 88  ? 0.611   10.380  -12.453 1.00 36.94 ? 88  TYR A N   1 
ATOM   674  C  CA  . TYR A 1 88  ? 2.010   10.316  -12.936 1.00 36.69 ? 88  TYR A CA  1 
ATOM   675  C  C   . TYR A 1 88  ? 2.394   8.866   -13.204 1.00 39.34 ? 88  TYR A C   1 
ATOM   676  O  O   . TYR A 1 88  ? 1.798   7.956   -12.613 1.00 44.21 ? 88  TYR A O   1 
ATOM   677  C  CB  . TYR A 1 88  ? 3.000   10.870  -11.898 1.00 36.91 ? 88  TYR A CB  1 
ATOM   678  C  CG  . TYR A 1 88  ? 2.678   12.295  -11.514 1.00 41.66 ? 88  TYR A CG  1 
ATOM   679  C  CD1 . TYR A 1 88  ? 3.192   13.354  -12.270 1.00 43.29 ? 88  TYR A CD1 1 
ATOM   680  C  CD2 . TYR A 1 88  ? 1.840   12.592  -10.439 1.00 43.26 ? 88  TYR A CD2 1 
ATOM   681  C  CE1 . TYR A 1 88  ? 2.902   14.675  -11.948 1.00 45.16 ? 88  TYR A CE1 1 
ATOM   682  C  CE2 . TYR A 1 88  ? 1.547   13.913  -10.094 1.00 45.49 ? 88  TYR A CE2 1 
ATOM   683  C  CZ  . TYR A 1 88  ? 2.082   14.948  -10.855 1.00 47.78 ? 88  TYR A CZ  1 
ATOM   684  O  OH  . TYR A 1 88  ? 1.830   16.261  -10.565 1.00 53.41 ? 88  TYR A OH  1 
ATOM   685  N  N   . LEU A 1 89  ? 3.369   8.725   -14.061 1.00 36.60 ? 89  LEU A N   1 
ATOM   686  C  CA  . LEU A 1 89  ? 3.908   7.405   -14.434 1.00 37.20 ? 89  LEU A CA  1 
ATOM   687  C  C   . LEU A 1 89  ? 5.415   7.559   -14.114 1.00 39.13 ? 89  LEU A C   1 
ATOM   688  O  O   . LEU A 1 89  ? 5.923   8.655   -14.405 1.00 39.44 ? 89  LEU A O   1 
ATOM   689  C  CB  . LEU A 1 89  ? 3.696   7.166   -15.935 1.00 37.99 ? 89  LEU A CB  1 
ATOM   690  C  CG  . LEU A 1 89  ? 4.589   6.055   -16.521 1.00 41.77 ? 89  LEU A CG  1 
ATOM   691  C  CD1 . LEU A 1 89  ? 4.261   4.723   -15.838 1.00 39.95 ? 89  LEU A CD1 1 
ATOM   692  C  CD2 . LEU A 1 89  ? 4.287   5.941   -18.021 1.00 40.40 ? 89  LEU A CD2 1 
ATOM   693  N  N   . SER A 1 90  ? 5.946   6.535   -13.519 1.00 37.73 ? 90  SER A N   1 
ATOM   694  C  CA  . SER A 1 90  ? 7.383   6.526   -13.154 1.00 38.80 ? 90  SER A CA  1 
ATOM   695  C  C   . SER A 1 90  ? 7.884   5.140   -13.600 1.00 37.87 ? 90  SER A C   1 
ATOM   696  O  O   . SER A 1 90  ? 7.091   4.201   -13.601 1.00 38.89 ? 90  SER A O   1 
ATOM   697  C  CB  . SER A 1 90  ? 7.675   6.769   -11.707 1.00 39.66 ? 90  SER A CB  1 
ATOM   698  O  OG  . SER A 1 90  ? 7.251   8.059   -11.280 1.00 45.29 ? 90  SER A OG  1 
ATOM   699  N  N   . LYS A 1 91  ? 9.146   5.122   -13.912 1.00 40.32 ? 91  LYS A N   1 
ATOM   700  C  CA  . LYS A 1 91  ? 9.837   3.941   -14.428 1.00 39.71 ? 91  LYS A CA  1 
ATOM   701  C  C   . LYS A 1 91  ? 10.467  3.126   -13.327 1.00 35.72 ? 91  LYS A C   1 
ATOM   702  O  O   . LYS A 1 91  ? 10.765  1.928   -13.548 1.00 32.25 ? 91  LYS A O   1 
ATOM   703  C  CB  . LYS A 1 91  ? 10.827  4.323   -15.531 1.00 45.99 ? 91  LYS A CB  1 
ATOM   704  C  CG  . LYS A 1 91  ? 10.118  4.619   -16.864 1.00 56.51 ? 91  LYS A CG  1 
ATOM   705  C  CD  . LYS A 1 91  ? 9.974   6.109   -17.139 1.00 65.52 ? 91  LYS A CD  1 
ATOM   706  C  CE  . LYS A 1 91  ? 8.548   6.630   -16.971 1.00 67.24 ? 91  LYS A CE  1 
ATOM   707  N  NZ  . LYS A 1 91  ? 8.500   8.111   -17.209 1.00 66.36 ? 91  LYS A NZ  1 
ATOM   708  N  N   . SER A 1 92  ? 10.627  3.731   -12.157 1.00 27.27 ? 92  SER A N   1 
ATOM   709  C  CA  . SER A 1 92  ? 11.180  2.941   -11.015 1.00 31.74 ? 92  SER A CA  1 
ATOM   710  C  C   . SER A 1 92  ? 10.712  3.641   -9.731  1.00 30.30 ? 92  SER A C   1 
ATOM   711  O  O   . SER A 1 92  ? 10.231  4.794   -9.832  1.00 29.54 ? 92  SER A O   1 
ATOM   712  C  CB  . SER A 1 92  ? 12.727  3.019   -11.046 1.00 30.09 ? 92  SER A CB  1 
ATOM   713  O  OG  . SER A 1 92  ? 13.029  4.417   -10.883 1.00 32.86 ? 92  SER A OG  1 
ATOM   714  N  N   . LEU A 1 93  ? 10.926  2.934   -8.639  1.00 29.63 ? 93  LEU A N   1 
ATOM   715  C  CA  . LEU A 1 93  ? 10.546  3.509   -7.323  1.00 37.10 ? 93  LEU A CA  1 
ATOM   716  C  C   . LEU A 1 93  ? 11.350  4.789   -7.097  1.00 37.80 ? 93  LEU A C   1 
ATOM   717  O  O   . LEU A 1 93  ? 10.805  5.829   -6.704  1.00 42.33 ? 93  LEU A O   1 
ATOM   718  C  CB  . LEU A 1 93  ? 10.662  2.475   -6.217  1.00 32.19 ? 93  LEU A CB  1 
ATOM   719  C  CG  . LEU A 1 93  ? 10.278  2.968   -4.815  1.00 35.40 ? 93  LEU A CG  1 
ATOM   720  C  CD1 . LEU A 1 93  ? 8.808   3.360   -4.755  1.00 34.64 ? 93  LEU A CD1 1 
ATOM   721  C  CD2 . LEU A 1 93  ? 10.580  1.887   -3.794  1.00 33.93 ? 93  LEU A CD2 1 
ATOM   722  N  N   . ASP A 1 94  ? 12.634  4.662   -7.371  1.00 39.44 ? 94  ASP A N   1 
ATOM   723  C  CA  . ASP A 1 94  ? 13.559  5.802   -7.268  1.00 44.11 ? 94  ASP A CA  1 
ATOM   724  C  C   . ASP A 1 94  ? 13.015  7.013   -8.009  1.00 43.36 ? 94  ASP A C   1 
ATOM   725  O  O   . ASP A 1 94  ? 12.939  8.103   -7.409  1.00 44.76 ? 94  ASP A O   1 
ATOM   726  C  CB  . ASP A 1 94  ? 14.957  5.359   -7.710  1.00 47.24 ? 94  ASP A CB  1 
ATOM   727  C  CG  . ASP A 1 94  ? 15.339  4.142   -6.864  1.00 49.55 ? 94  ASP A CG  1 
ATOM   728  O  OD1 . ASP A 1 94  ? 14.920  3.062   -7.302  1.00 56.36 ? 94  ASP A OD1 1 
ATOM   729  O  OD2 . ASP A 1 94  ? 15.900  4.297   -5.786  1.00 53.14 ? 94  ASP A OD2 1 
ATOM   730  N  N   . ASP A 1 95  ? 12.626  6.803   -9.250  1.00 41.56 ? 95  ASP A N   1 
ATOM   731  C  CA  . ASP A 1 95  ? 12.074  7.888   -10.091 1.00 43.08 ? 95  ASP A CA  1 
ATOM   732  C  C   . ASP A 1 95  ? 10.871  8.507   -9.393  1.00 42.79 ? 95  ASP A C   1 
ATOM   733  O  O   . ASP A 1 95  ? 10.724  9.740   -9.347  1.00 42.30 ? 95  ASP A O   1 
ATOM   734  C  CB  . ASP A 1 95  ? 11.797  7.362   -11.499 1.00 51.19 ? 95  ASP A CB  1 
ATOM   735  C  CG  . ASP A 1 95  ? 13.024  7.390   -12.397 1.00 56.46 ? 95  ASP A CG  1 
ATOM   736  O  OD1 . ASP A 1 95  ? 14.028  8.062   -12.098 1.00 57.39 ? 95  ASP A OD1 1 
ATOM   737  O  OD2 . ASP A 1 95  ? 12.961  6.717   -13.451 1.00 60.23 ? 95  ASP A OD2 1 
ATOM   738  N  N   . ALA A 1 96  ? 10.024  7.618   -8.867  1.00 39.57 ? 96  ALA A N   1 
ATOM   739  C  CA  . ALA A 1 96  ? 8.802   8.072   -8.171  1.00 36.96 ? 96  ALA A CA  1 
ATOM   740  C  C   . ALA A 1 96  ? 9.241   8.884   -6.947  1.00 34.26 ? 96  ALA A C   1 
ATOM   741  O  O   . ALA A 1 96  ? 8.660   9.930   -6.649  1.00 33.47 ? 96  ALA A O   1 
ATOM   742  C  CB  . ALA A 1 96  ? 7.976   6.877   -7.703  1.00 36.64 ? 96  ALA A CB  1 
ATOM   743  N  N   . LEU A 1 97  ? 10.227  8.339   -6.258  1.00 31.72 ? 97  LEU A N   1 
ATOM   744  C  CA  . LEU A 1 97  ? 10.726  9.033   -5.050  1.00 37.59 ? 97  LEU A CA  1 
ATOM   745  C  C   . LEU A 1 97  ? 11.205  10.418  -5.398  1.00 41.46 ? 97  LEU A C   1 
ATOM   746  O  O   . LEU A 1 97  ? 10.730  11.434  -4.810  1.00 44.12 ? 97  LEU A O   1 
ATOM   747  C  CB  . LEU A 1 97  ? 11.516  8.101   -4.182  1.00 36.13 ? 97  LEU A CB  1 
ATOM   748  C  CG  . LEU A 1 97  ? 10.773  6.877   -3.636  1.00 40.87 ? 97  LEU A CG  1 
ATOM   749  C  CD1 . LEU A 1 97  ? 11.607  6.093   -2.634  1.00 38.97 ? 97  LEU A CD1 1 
ATOM   750  C  CD2 . LEU A 1 97  ? 9.461   7.317   -2.995  1.00 37.22 ? 97  LEU A CD2 1 
ATOM   751  N  N   . ALA A 1 98  ? 12.051  10.533  -6.401  1.00 42.90 ? 98  ALA A N   1 
ATOM   752  C  CA  . ALA A 1 98  ? 12.567  11.831  -6.883  1.00 44.47 ? 98  ALA A CA  1 
ATOM   753  C  C   . ALA A 1 98  ? 11.413  12.766  -7.246  1.00 47.22 ? 98  ALA A C   1 
ATOM   754  O  O   . ALA A 1 98  ? 11.385  13.971  -6.895  1.00 50.90 ? 98  ALA A O   1 
ATOM   755  C  CB  . ALA A 1 98  ? 13.457  11.582  -8.103  1.00 41.53 ? 98  ALA A CB  1 
ATOM   756  N  N   . LEU A 1 99  ? 10.471  12.204  -7.991  1.00 46.38 ? 99  LEU A N   1 
ATOM   757  C  CA  . LEU A 1 99  ? 9.306   12.983  -8.455  1.00 45.44 ? 99  LEU A CA  1 
ATOM   758  C  C   . LEU A 1 99  ? 8.689   13.712  -7.263  1.00 44.91 ? 99  LEU A C   1 
ATOM   759  O  O   . LEU A 1 99  ? 8.418   14.924  -7.282  1.00 43.68 ? 99  LEU A O   1 
ATOM   760  C  CB  . LEU A 1 99  ? 8.358   12.001  -9.175  1.00 44.58 ? 99  LEU A CB  1 
ATOM   761  C  CG  . LEU A 1 99  ? 7.051   12.609  -9.647  1.00 46.51 ? 99  LEU A CG  1 
ATOM   762  C  CD1 . LEU A 1 99  ? 7.302   13.488  -10.866 1.00 48.58 ? 99  LEU A CD1 1 
ATOM   763  C  CD2 . LEU A 1 99  ? 6.023   11.546  -9.980  1.00 46.98 ? 99  LEU A CD2 1 
ATOM   764  N  N   . LEU A 1 100 ? 8.426   12.916  -6.237  1.00 45.09 ? 100 LEU A N   1 
ATOM   765  C  CA  . LEU A 1 100 ? 7.772   13.377  -5.020  1.00 48.15 ? 100 LEU A CA  1 
ATOM   766  C  C   . LEU A 1 100 ? 8.512   14.570  -4.430  1.00 53.70 ? 100 LEU A C   1 
ATOM   767  O  O   . LEU A 1 100 ? 7.849   15.549  -4.057  1.00 56.23 ? 100 LEU A O   1 
ATOM   768  C  CB  . LEU A 1 100 ? 7.562   12.193  -4.082  1.00 45.15 ? 100 LEU A CB  1 
ATOM   769  C  CG  . LEU A 1 100 ? 6.341   11.327  -4.383  1.00 46.63 ? 100 LEU A CG  1 
ATOM   770  C  CD1 . LEU A 1 100 ? 6.216   10.163  -3.424  1.00 46.63 ? 100 LEU A CD1 1 
ATOM   771  C  CD2 . LEU A 1 100 ? 5.110   12.223  -4.301  1.00 43.30 ? 100 LEU A CD2 1 
ATOM   772  N  N   . ASP A 1 101 ? 9.825   14.450  -4.366  1.00 55.15 ? 101 ASP A N   1 
ATOM   773  C  CA  . ASP A 1 101 ? 10.669  15.508  -3.810  1.00 63.43 ? 101 ASP A CA  1 
ATOM   774  C  C   . ASP A 1 101 ? 10.615  16.738  -4.710  1.00 67.21 ? 101 ASP A C   1 
ATOM   775  O  O   . ASP A 1 101 ? 11.001  17.836  -4.261  1.00 69.21 ? 101 ASP A O   1 
ATOM   776  C  CB  . ASP A 1 101 ? 12.066  15.031  -3.455  1.00 66.16 ? 101 ASP A CB  1 
ATOM   777  C  CG  . ASP A 1 101 ? 12.067  14.008  -2.323  1.00 70.94 ? 101 ASP A CG  1 
ATOM   778  O  OD1 . ASP A 1 101 ? 11.142  14.114  -1.479  1.00 73.78 ? 101 ASP A OD1 1 
ATOM   779  O  OD2 . ASP A 1 101 ? 12.938  13.127  -2.257  1.00 72.10 ? 101 ASP A OD2 1 
ATOM   780  N  N   . SER A 1 102 ? 10.132  16.543  -5.927  1.00 69.06 ? 102 SER A N   1 
ATOM   781  C  CA  . SER A 1 102 ? 10.052  17.693  -6.871  1.00 71.45 ? 102 SER A CA  1 
ATOM   782  C  C   . SER A 1 102 ? 9.245   18.785  -6.194  1.00 75.17 ? 102 SER A C   1 
ATOM   783  O  O   . SER A 1 102 ? 8.469   18.519  -5.257  1.00 76.42 ? 102 SER A O   1 
ATOM   784  C  CB  . SER A 1 102 ? 9.695   17.310  -8.254  1.00 71.21 ? 102 SER A CB  1 
ATOM   785  O  OG  . SER A 1 102 ? 8.431   17.703  -8.721  1.00 72.27 ? 102 SER A OG  1 
ATOM   786  N  N   . PRO A 1 103 ? 9.479   20.019  -6.613  1.00 78.70 ? 103 PRO A N   1 
ATOM   787  C  CA  . PRO A 1 103 ? 8.862   21.210  -6.029  1.00 79.16 ? 103 PRO A CA  1 
ATOM   788  C  C   . PRO A 1 103 ? 7.348   21.175  -6.058  1.00 80.37 ? 103 PRO A C   1 
ATOM   789  O  O   . PRO A 1 103 ? 6.685   21.314  -5.010  1.00 81.50 ? 103 PRO A O   1 
ATOM   790  C  CB  . PRO A 1 103 ? 9.427   22.369  -6.835  1.00 78.15 ? 103 PRO A CB  1 
ATOM   791  C  CG  . PRO A 1 103 ? 10.715  21.837  -7.419  1.00 78.94 ? 103 PRO A CG  1 
ATOM   792  C  CD  . PRO A 1 103 ? 10.425  20.372  -7.706  1.00 79.24 ? 103 PRO A CD  1 
ATOM   793  N  N   . GLU A 1 104 ? 6.821   21.009  -7.255  1.00 80.72 ? 104 GLU A N   1 
ATOM   794  C  CA  . GLU A 1 104 ? 5.376   20.944  -7.501  1.00 82.36 ? 104 GLU A CA  1 
ATOM   795  C  C   . GLU A 1 104 ? 4.689   19.989  -6.536  1.00 82.83 ? 104 GLU A C   1 
ATOM   796  O  O   . GLU A 1 104 ? 3.624   20.320  -5.975  1.00 85.68 ? 104 GLU A O   1 
ATOM   797  N  N   . LEU A 1 105 ? 5.291   18.817  -6.351  1.00 79.00 ? 105 LEU A N   1 
ATOM   798  C  CA  . LEU A 1 105 ? 4.748   17.763  -5.505  1.00 71.40 ? 105 LEU A CA  1 
ATOM   799  C  C   . LEU A 1 105 ? 5.085   17.972  -4.040  1.00 69.57 ? 105 LEU A C   1 
ATOM   800  O  O   . LEU A 1 105 ? 4.205   17.909  -3.168  1.00 70.31 ? 105 LEU A O   1 
ATOM   801  C  CB  . LEU A 1 105 ? 5.219   16.402  -6.043  1.00 68.47 ? 105 LEU A CB  1 
ATOM   802  C  CG  . LEU A 1 105 ? 4.646   15.968  -7.379  1.00 65.15 ? 105 LEU A CG  1 
ATOM   803  C  CD1 . LEU A 1 105 ? 4.553   14.464  -7.498  1.00 64.39 ? 105 LEU A CD1 1 
ATOM   804  C  CD2 . LEU A 1 105 ? 3.272   16.596  -7.547  1.00 65.07 ? 105 LEU A CD2 1 
ATOM   805  N  N   . LYS A 1 106 ? 6.366   18.165  -3.810  1.00 68.68 ? 106 LYS A N   1 
ATOM   806  C  CA  . LYS A 1 106 ? 6.918   18.311  -2.469  1.00 68.27 ? 106 LYS A CA  1 
ATOM   807  C  C   . LYS A 1 106 ? 5.972   19.061  -1.554  1.00 68.60 ? 106 LYS A C   1 
ATOM   808  O  O   . LYS A 1 106 ? 5.708   18.588  -0.428  1.00 72.58 ? 106 LYS A O   1 
ATOM   809  C  CB  . LYS A 1 106 ? 8.309   18.891  -2.399  1.00 67.32 ? 106 LYS A CB  1 
ATOM   810  N  N   . SER A 1 107 ? 5.467   20.182  -2.038  1.00 64.76 ? 107 SER A N   1 
ATOM   811  C  CA  . SER A 1 107 ? 4.583   21.027  -1.227  1.00 63.86 ? 107 SER A CA  1 
ATOM   812  C  C   . SER A 1 107 ? 3.138   20.566  -1.200  1.00 61.52 ? 107 SER A C   1 
ATOM   813  O  O   . SER A 1 107 ? 2.356   21.023  -0.321  1.00 58.66 ? 107 SER A O   1 
ATOM   814  C  CB  . SER A 1 107 ? 4.674   22.476  -1.721  1.00 65.98 ? 107 SER A CB  1 
ATOM   815  O  OG  . SER A 1 107 ? 3.847   22.635  -2.875  1.00 70.22 ? 107 SER A OG  1 
ATOM   816  N  N   . LYS A 1 108 ? 2.769   19.705  -2.135  1.00 56.67 ? 108 LYS A N   1 
ATOM   817  C  CA  . LYS A 1 108 ? 1.394   19.225  -2.250  1.00 52.46 ? 108 LYS A CA  1 
ATOM   818  C  C   . LYS A 1 108 ? 1.134   17.933  -1.508  1.00 48.78 ? 108 LYS A C   1 
ATOM   819  O  O   . LYS A 1 108 ? -0.037  17.600  -1.211  1.00 44.36 ? 108 LYS A O   1 
ATOM   820  C  CB  . LYS A 1 108 ? 0.993   19.053  -3.727  1.00 54.88 ? 108 LYS A CB  1 
ATOM   821  N  N   . VAL A 1 109 ? 2.210   17.234  -1.173  1.00 46.16 ? 109 VAL A N   1 
ATOM   822  C  CA  . VAL A 1 109 ? 2.095   15.901  -0.587  1.00 45.28 ? 109 VAL A CA  1 
ATOM   823  C  C   . VAL A 1 109 ? 2.451   15.757  0.862   1.00 43.33 ? 109 VAL A C   1 
ATOM   824  O  O   . VAL A 1 109 ? 3.538   16.171  1.288   1.00 47.45 ? 109 VAL A O   1 
ATOM   825  C  CB  . VAL A 1 109 ? 2.899   14.907  -1.488  1.00 46.02 ? 109 VAL A CB  1 
ATOM   826  C  CG1 . VAL A 1 109 ? 2.942   13.514  -0.860  1.00 47.02 ? 109 VAL A CG1 1 
ATOM   827  C  CG2 . VAL A 1 109 ? 2.270   14.865  -2.875  1.00 46.87 ? 109 VAL A CG2 1 
ATOM   828  N  N   . ASP A 1 110 ? 1.602   15.032  1.571   1.00 39.47 ? 110 ASP A N   1 
ATOM   829  C  CA  . ASP A 1 110 ? 1.827   14.729  3.002   1.00 35.19 ? 110 ASP A CA  1 
ATOM   830  C  C   . ASP A 1 110 ? 2.566   13.398  3.108   1.00 38.92 ? 110 ASP A C   1 
ATOM   831  O  O   . ASP A 1 110 ? 3.810   13.374  3.179   1.00 42.88 ? 110 ASP A O   1 
ATOM   832  C  CB  . ASP A 1 110 ? 0.498   14.828  3.756   1.00 33.75 ? 110 ASP A CB  1 
ATOM   833  C  CG  . ASP A 1 110 ? 0.631   14.548  5.243   1.00 33.58 ? 110 ASP A CG  1 
ATOM   834  O  OD1 . ASP A 1 110 ? 1.755   14.557  5.768   1.00 31.14 ? 110 ASP A OD1 1 
ATOM   835  O  OD2 . ASP A 1 110 ? -0.406  14.284  5.883   1.00 34.15 ? 110 ASP A OD2 1 
ATOM   836  N  N   . MET A 1 111 ? 1.825   12.293  3.098   1.00 34.54 ? 111 MET A N   1 
ATOM   837  C  CA  . MET A 1 111 ? 2.372   10.957  3.284   1.00 28.71 ? 111 MET A CA  1 
ATOM   838  C  C   . MET A 1 111 ? 2.383   10.160  1.975   1.00 30.89 ? 111 MET A C   1 
ATOM   839  O  O   . MET A 1 111 ? 1.456   10.258  1.164   1.00 32.23 ? 111 MET A O   1 
ATOM   840  C  CB  . MET A 1 111 ? 1.607   10.177  4.329   1.00 34.69 ? 111 MET A CB  1 
ATOM   841  C  CG  . MET A 1 111 ? 1.208   10.899  5.581   1.00 42.03 ? 111 MET A CG  1 
ATOM   842  S  SD  . MET A 1 111 ? 0.303   9.739   6.665   1.00 49.48 ? 111 MET A SD  1 
ATOM   843  C  CE  . MET A 1 111 ? -1.333  10.461  6.585   1.00 47.72 ? 111 MET A CE  1 
ATOM   844  N  N   . VAL A 1 112 ? 3.395   9.313   1.848   1.00 30.02 ? 112 VAL A N   1 
ATOM   845  C  CA  . VAL A 1 112 ? 3.582   8.389   0.728   1.00 28.32 ? 112 VAL A CA  1 
ATOM   846  C  C   . VAL A 1 112 ? 3.188   6.978   1.184   1.00 31.54 ? 112 VAL A C   1 
ATOM   847  O  O   . VAL A 1 112 ? 3.705   6.485   2.200   1.00 29.81 ? 112 VAL A O   1 
ATOM   848  C  CB  . VAL A 1 112 ? 5.018   8.410   0.169   1.00 28.39 ? 112 VAL A CB  1 
ATOM   849  C  CG1 . VAL A 1 112 ? 5.162   7.513   -1.064  1.00 28.86 ? 112 VAL A CG1 1 
ATOM   850  C  CG2 . VAL A 1 112 ? 5.429   9.840   -0.217  1.00 26.39 ? 112 VAL A CG2 1 
ATOM   851  N  N   . TRP A 1 113 ? 2.296   6.404   0.388   1.00 29.25 ? 113 TRP A N   1 
ATOM   852  C  CA  . TRP A 1 113 ? 1.793   5.044   0.668   1.00 26.53 ? 113 TRP A CA  1 
ATOM   853  C  C   . TRP A 1 113 ? 2.124   4.143   -0.529  1.00 27.64 ? 113 TRP A C   1 
ATOM   854  O  O   . TRP A 1 113 ? 1.869   4.535   -1.696  1.00 24.87 ? 113 TRP A O   1 
ATOM   855  C  CB  . TRP A 1 113 ? 0.275   5.094   0.882   1.00 24.81 ? 113 TRP A CB  1 
ATOM   856  C  CG  . TRP A 1 113 ? -0.108  5.665   2.205   1.00 29.95 ? 113 TRP A CG  1 
ATOM   857  C  CD1 . TRP A 1 113 ? -0.420  6.951   2.531   1.00 28.96 ? 113 TRP A CD1 1 
ATOM   858  C  CD2 . TRP A 1 113 ? -0.201  4.899   3.424   1.00 30.79 ? 113 TRP A CD2 1 
ATOM   859  N  NE1 . TRP A 1 113 ? -0.743  7.030   3.874   1.00 27.77 ? 113 TRP A NE1 1 
ATOM   860  C  CE2 . TRP A 1 113 ? -0.616  5.804   4.441   1.00 30.16 ? 113 TRP A CE2 1 
ATOM   861  C  CE3 . TRP A 1 113 ? 0.018   3.554   3.723   1.00 24.97 ? 113 TRP A CE3 1 
ATOM   862  C  CZ2 . TRP A 1 113 ? -0.809  5.389   5.751   1.00 27.49 ? 113 TRP A CZ2 1 
ATOM   863  C  CZ3 . TRP A 1 113 ? -0.188  3.149   5.026   1.00 27.69 ? 113 TRP A CZ3 1 
ATOM   864  C  CH2 . TRP A 1 113 ? -0.580  4.052   6.023   1.00 27.46 ? 113 TRP A CH2 1 
ATOM   865  N  N   . ILE A 1 114 ? 2.653   2.987   -0.168  1.00 20.68 ? 114 ILE A N   1 
ATOM   866  C  CA  . ILE A 1 114 ? 3.007   1.958   -1.145  1.00 20.78 ? 114 ILE A CA  1 
ATOM   867  C  C   . ILE A 1 114 ? 1.844   0.948   -1.088  1.00 19.68 ? 114 ILE A C   1 
ATOM   868  O  O   . ILE A 1 114 ? 1.623   0.435   0.004   1.00 24.39 ? 114 ILE A O   1 
ATOM   869  C  CB  . ILE A 1 114 ? 4.327   1.204   -0.787  1.00 22.84 ? 114 ILE A CB  1 
ATOM   870  C  CG1 . ILE A 1 114 ? 5.498   2.206   -0.712  1.00 26.34 ? 114 ILE A CG1 1 
ATOM   871  C  CG2 . ILE A 1 114 ? 4.616   0.077   -1.852  1.00 21.10 ? 114 ILE A CG2 1 
ATOM   872  C  CD1 . ILE A 1 114 ? 5.730   2.937   -2.063  1.00 30.38 ? 114 ILE A CD1 1 
ATOM   873  N  N   . VAL A 1 115 ? 1.191   0.776   -2.198  1.00 22.12 ? 115 VAL A N   1 
ATOM   874  C  CA  . VAL A 1 115 ? 0.042   -0.120  -2.276  1.00 25.09 ? 115 VAL A CA  1 
ATOM   875  C  C   . VAL A 1 115 ? 0.255   -1.365  -3.116  1.00 26.76 ? 115 VAL A C   1 
ATOM   876  O  O   . VAL A 1 115 ? -0.778  -2.034  -3.419  1.00 22.78 ? 115 VAL A O   1 
ATOM   877  C  CB  . VAL A 1 115 ? -1.268  0.654   -2.502  1.00 23.15 ? 115 VAL A CB  1 
ATOM   878  C  CG1 . VAL A 1 115 ? -1.470  1.767   -1.463  1.00 21.45 ? 115 VAL A CG1 1 
ATOM   879  C  CG2 . VAL A 1 115 ? -1.288  1.229   -3.917  1.00 24.34 ? 115 VAL A CG2 1 
ATOM   880  N  N   . GLY A 1 116 ? 1.502   -1.733  -3.402  1.00 22.84 ? 116 GLY A N   1 
ATOM   881  C  CA  . GLY A 1 116 ? 1.787   -3.015  -4.088  1.00 22.08 ? 116 GLY A CA  1 
ATOM   882  C  C   . GLY A 1 116 ? 1.777   -2.913  -5.590  1.00 24.27 ? 116 GLY A C   1 
ATOM   883  O  O   . GLY A 1 116 ? 1.592   -1.815  -6.178  1.00 19.45 ? 116 GLY A O   1 
ATOM   884  N  N   . GLY A 1 117 ? 1.946   -4.050  -6.268  1.00 25.21 ? 117 GLY A N   1 
ATOM   885  C  CA  . GLY A 1 117 ? 2.080   -5.405  -5.833  1.00 16.52 ? 117 GLY A CA  1 
ATOM   886  C  C   . GLY A 1 117 ? 3.479   -5.796  -5.364  1.00 23.67 ? 117 GLY A C   1 
ATOM   887  O  O   . GLY A 1 117 ? 4.319   -5.023  -4.854  1.00 21.01 ? 117 GLY A O   1 
ATOM   888  N  N   . THR A 1 118 ? 3.741   -7.086  -5.483  1.00 23.94 ? 118 THR A N   1 
ATOM   889  C  CA  . THR A 1 118 ? 4.918   -7.786  -5.040  1.00 27.46 ? 118 THR A CA  1 
ATOM   890  C  C   . THR A 1 118 ? 6.216   -7.023  -5.239  1.00 28.14 ? 118 THR A C   1 
ATOM   891  O  O   . THR A 1 118 ? 6.888   -6.675  -4.240  1.00 28.34 ? 118 THR A O   1 
ATOM   892  C  CB  . THR A 1 118 ? 5.028   -9.267  -5.607  1.00 25.57 ? 118 THR A CB  1 
ATOM   893  O  OG1 . THR A 1 118 ? 3.881   -9.990  -5.048  1.00 29.43 ? 118 THR A OG1 1 
ATOM   894  C  CG2 . THR A 1 118 ? 6.323   -9.941  -5.089  1.00 26.34 ? 118 THR A CG2 1 
ATOM   895  N  N   . ALA A 1 119 ? 6.550   -6.816  -6.506  1.00 23.62 ? 119 ALA A N   1 
ATOM   896  C  CA  . ALA A 1 119 ? 7.801   -6.125  -6.872  1.00 26.90 ? 119 ALA A CA  1 
ATOM   897  C  C   . ALA A 1 119 ? 7.874   -4.743  -6.249  1.00 23.16 ? 119 ALA A C   1 
ATOM   898  O  O   . ALA A 1 119 ? 8.968   -4.260  -5.951  1.00 29.01 ? 119 ALA A O   1 
ATOM   899  C  CB  . ALA A 1 119 ? 7.865   -5.991  -8.410  1.00 28.26 ? 119 ALA A CB  1 
ATOM   900  N  N   . VAL A 1 120 ? 6.734   -4.078  -6.140  1.00 24.23 ? 120 VAL A N   1 
ATOM   901  C  CA  . VAL A 1 120 ? 6.685   -2.727  -5.554  1.00 22.75 ? 120 VAL A CA  1 
ATOM   902  C  C   . VAL A 1 120 ? 6.981   -2.734  -4.053  1.00 26.59 ? 120 VAL A C   1 
ATOM   903  O  O   . VAL A 1 120 ? 7.776   -1.920  -3.529  1.00 27.36 ? 120 VAL A O   1 
ATOM   904  C  CB  . VAL A 1 120 ? 5.346   -2.061  -5.900  1.00 24.57 ? 120 VAL A CB  1 
ATOM   905  C  CG1 . VAL A 1 120 ? 5.393   -0.595  -5.355  1.00 16.52 ? 120 VAL A CG1 1 
ATOM   906  C  CG2 . VAL A 1 120 ? 5.164   -2.057  -7.440  1.00 18.51 ? 120 VAL A CG2 1 
ATOM   907  N  N   . TYR A 1 121 ? 6.349   -3.669  -3.364  1.00 22.99 ? 121 TYR A N   1 
ATOM   908  C  CA  . TYR A 1 121 ? 6.532   -3.811  -1.921  1.00 26.58 ? 121 TYR A CA  1 
ATOM   909  C  C   . TYR A 1 121 ? 8.014   -4.077  -1.644  1.00 28.03 ? 121 TYR A C   1 
ATOM   910  O  O   . TYR A 1 121 ? 8.607   -3.478  -0.740  1.00 27.03 ? 121 TYR A O   1 
ATOM   911  C  CB  . TYR A 1 121 ? 5.703   -5.027  -1.415  1.00 24.54 ? 121 TYR A CB  1 
ATOM   912  C  CG  . TYR A 1 121 ? 4.233   -4.730  -1.264  1.00 24.38 ? 121 TYR A CG  1 
ATOM   913  C  CD1 . TYR A 1 121 ? 3.764   -3.622  -0.558  1.00 21.29 ? 121 TYR A CD1 1 
ATOM   914  C  CD2 . TYR A 1 121 ? 3.278   -5.605  -1.811  1.00 22.82 ? 121 TYR A CD2 1 
ATOM   915  C  CE1 . TYR A 1 121 ? 2.422   -3.386  -0.385  1.00 20.39 ? 121 TYR A CE1 1 
ATOM   916  C  CE2 . TYR A 1 121 ? 1.924   -5.359  -1.667  1.00 17.90 ? 121 TYR A CE2 1 
ATOM   917  C  CZ  . TYR A 1 121 ? 1.492   -4.243  -0.956  1.00 20.82 ? 121 TYR A CZ  1 
ATOM   918  O  OH  . TYR A 1 121 ? 0.144   -4.069  -0.809  1.00 24.59 ? 121 TYR A OH  1 
ATOM   919  N  N   . LYS A 1 122 ? 8.541   -5.026  -2.417  1.00 28.19 ? 122 LYS A N   1 
ATOM   920  C  CA  . LYS A 1 122 ? 9.924   -5.459  -2.232  1.00 32.87 ? 122 LYS A CA  1 
ATOM   921  C  C   . LYS A 1 122 ? 10.922  -4.316  -2.326  1.00 33.38 ? 122 LYS A C   1 
ATOM   922  O  O   . LYS A 1 122 ? 11.808  -4.147  -1.466  1.00 33.63 ? 122 LYS A O   1 
ATOM   923  C  CB  . LYS A 1 122 ? 10.354  -6.568  -3.170  1.00 37.38 ? 122 LYS A CB  1 
ATOM   924  C  CG  . LYS A 1 122 ? 11.814  -7.016  -2.886  1.00 42.97 ? 122 LYS A CG  1 
ATOM   925  C  CD  . LYS A 1 122 ? 12.054  -8.369  -3.549  1.00 53.97 ? 122 LYS A CD  1 
ATOM   926  C  CE  . LYS A 1 122 ? 13.484  -8.851  -3.427  1.00 61.57 ? 122 LYS A CE  1 
ATOM   927  N  NZ  . LYS A 1 122 ? 14.341  -8.247  -4.507  1.00 65.96 ? 122 LYS A NZ  1 
ATOM   928  N  N   . ALA A 1 123 ? 10.784  -3.576  -3.405  1.00 32.06 ? 123 ALA A N   1 
ATOM   929  C  CA  . ALA A 1 123 ? 11.641  -2.419  -3.695  1.00 30.81 ? 123 ALA A CA  1 
ATOM   930  C  C   . ALA A 1 123 ? 11.589  -1.412  -2.555  1.00 30.91 ? 123 ALA A C   1 
ATOM   931  O  O   . ALA A 1 123 ? 12.650  -0.950  -2.093  1.00 32.09 ? 123 ALA A O   1 
ATOM   932  C  CB  . ALA A 1 123 ? 11.256  -1.838  -5.049  1.00 31.03 ? 123 ALA A CB  1 
ATOM   933  N  N   . ALA A 1 124 ? 10.388  -1.110  -2.078  1.00 30.15 ? 124 ALA A N   1 
ATOM   934  C  CA  . ALA A 1 124 ? 10.220  -0.115  -1.003  1.00 30.15 ? 124 ALA A CA  1 
ATOM   935  C  C   . ALA A 1 124 ? 10.859  -0.613  0.288   1.00 31.55 ? 124 ALA A C   1 
ATOM   936  O  O   . ALA A 1 124 ? 11.426  0.203   1.046   1.00 32.14 ? 124 ALA A O   1 
ATOM   937  C  CB  . ALA A 1 124 ? 8.787   0.308   -0.781  1.00 19.64 ? 124 ALA A CB  1 
ATOM   938  N  N   . MET A 1 125 ? 10.750  -1.911  0.512   1.00 32.56 ? 125 MET A N   1 
ATOM   939  C  CA  . MET A 1 125 ? 11.296  -2.513  1.727   1.00 38.04 ? 125 MET A CA  1 
ATOM   940  C  C   . MET A 1 125 ? 12.810  -2.485  1.785   1.00 37.78 ? 125 MET A C   1 
ATOM   941  O  O   . MET A 1 125 ? 13.373  -2.422  2.901   1.00 39.32 ? 125 MET A O   1 
ATOM   942  C  CB  . MET A 1 125 ? 10.702  -3.862  2.093   1.00 36.74 ? 125 MET A CB  1 
ATOM   943  C  CG  . MET A 1 125 ? 9.205   -3.693  2.359   1.00 47.10 ? 125 MET A CG  1 
ATOM   944  S  SD  . MET A 1 125 ? 8.558   -5.108  3.262   1.00 56.82 ? 125 MET A SD  1 
ATOM   945  C  CE  . MET A 1 125 ? 8.677   -6.376  1.976   1.00 52.75 ? 125 MET A CE  1 
ATOM   946  N  N   . GLU A 1 126 ? 13.466  -2.533  0.651   1.00 37.33 ? 126 GLU A N   1 
ATOM   947  C  CA  . GLU A 1 126 ? 14.907  -2.513  0.562   1.00 43.75 ? 126 GLU A CA  1 
ATOM   948  C  C   . GLU A 1 126 ? 15.512  -1.134  0.730   1.00 43.37 ? 126 GLU A C   1 
ATOM   949  O  O   . GLU A 1 126 ? 16.710  -1.041  1.046   1.00 44.48 ? 126 GLU A O   1 
ATOM   950  C  CB  . GLU A 1 126 ? 15.429  -3.110  -0.727  1.00 47.00 ? 126 GLU A CB  1 
ATOM   951  C  CG  . GLU A 1 126 ? 14.998  -4.571  -0.976  1.00 52.49 ? 126 GLU A CG  1 
ATOM   952  C  CD  . GLU A 1 126 ? 15.318  -4.996  -2.399  1.00 57.11 ? 126 GLU A CD  1 
ATOM   953  O  OE1 . GLU A 1 126 ? 15.558  -4.179  -3.331  1.00 59.86 ? 126 GLU A OE1 1 
ATOM   954  O  OE2 . GLU A 1 126 ? 15.312  -6.232  -2.493  1.00 57.59 ? 126 GLU A OE2 1 
ATOM   955  N  N   . LYS A 1 127 ? 14.750  -0.094  0.501   1.00 44.40 ? 127 LYS A N   1 
ATOM   956  C  CA  . LYS A 1 127 ? 15.265  1.278   0.669   1.00 45.61 ? 127 LYS A CA  1 
ATOM   957  C  C   . LYS A 1 127 ? 15.620  1.475   2.150   1.00 47.11 ? 127 LYS A C   1 
ATOM   958  O  O   . LYS A 1 127 ? 14.844  1.130   3.061   1.00 44.74 ? 127 LYS A O   1 
ATOM   959  C  CB  . LYS A 1 127 ? 14.259  2.332   0.251   1.00 48.72 ? 127 LYS A CB  1 
ATOM   960  C  CG  . LYS A 1 127 ? 14.071  2.447   -1.254  1.00 52.63 ? 127 LYS A CG  1 
ATOM   961  C  CD  . LYS A 1 127 ? 15.405  2.493   -1.981  1.00 57.54 ? 127 LYS A CD  1 
ATOM   962  C  CE  . LYS A 1 127 ? 15.245  2.943   -3.419  1.00 61.86 ? 127 LYS A CE  1 
ATOM   963  N  NZ  . LYS A 1 127 ? 14.831  4.374   -3.482  1.00 64.74 ? 127 LYS A NZ  1 
ATOM   964  N  N   . PRO A 1 128 ? 16.829  1.985   2.335   1.00 45.11 ? 128 PRO A N   1 
ATOM   965  C  CA  . PRO A 1 128 ? 17.342  2.266   3.692   1.00 44.63 ? 128 PRO A CA  1 
ATOM   966  C  C   . PRO A 1 128 ? 16.707  3.562   4.176   1.00 46.04 ? 128 PRO A C   1 
ATOM   967  O  O   . PRO A 1 128 ? 17.360  4.610   4.332   1.00 44.98 ? 128 PRO A O   1 
ATOM   968  C  CB  . PRO A 1 128 ? 18.840  2.386   3.461   1.00 42.92 ? 128 PRO A CB  1 
ATOM   969  C  CG  . PRO A 1 128 ? 18.936  3.010   2.096   1.00 43.57 ? 128 PRO A CG  1 
ATOM   970  C  CD  . PRO A 1 128 ? 17.797  2.376   1.311   1.00 45.89 ? 128 PRO A CD  1 
ATOM   971  N  N   . ILE A 1 129 ? 15.384  3.464   4.379   1.00 44.50 ? 129 ILE A N   1 
ATOM   972  C  CA  . ILE A 1 129 ? 14.608  4.616   4.860   1.00 41.12 ? 129 ILE A CA  1 
ATOM   973  C  C   . ILE A 1 129 ? 13.582  4.147   5.894   1.00 37.93 ? 129 ILE A C   1 
ATOM   974  O  O   . ILE A 1 129 ? 13.132  2.996   5.867   1.00 37.71 ? 129 ILE A O   1 
ATOM   975  C  CB  . ILE A 1 129 ? 13.998  5.473   3.727   1.00 43.35 ? 129 ILE A CB  1 
ATOM   976  C  CG1 . ILE A 1 129 ? 12.453  5.458   3.775   1.00 44.38 ? 129 ILE A CG1 1 
ATOM   977  C  CG2 . ILE A 1 129 ? 14.488  5.193   2.286   1.00 47.15 ? 129 ILE A CG2 1 
ATOM   978  C  CD1 . ILE A 1 129 ? 11.851  6.887   3.672   1.00 45.85 ? 129 ILE A CD1 1 
ATOM   979  N  N   . ASN A 1 130 ? 13.276  5.069   6.774   1.00 34.88 ? 130 ASN A N   1 
ATOM   980  C  CA  . ASN A 1 130 ? 12.242  4.874   7.814   1.00 36.14 ? 130 ASN A CA  1 
ATOM   981  C  C   . ASN A 1 130 ? 10.971  4.454   7.072   1.00 35.97 ? 130 ASN A C   1 
ATOM   982  O  O   . ASN A 1 130 ? 10.565  5.042   6.042   1.00 32.06 ? 130 ASN A O   1 
ATOM   983  C  CB  . ASN A 1 130 ? 12.189  6.086   8.729   1.00 42.47 ? 130 ASN A CB  1 
ATOM   984  C  CG  . ASN A 1 130 ? 13.361  6.088   9.720   1.00 48.68 ? 130 ASN A CG  1 
ATOM   985  O  OD1 . ASN A 1 130 ? 14.533  5.911   9.340   1.00 52.48 ? 130 ASN A OD1 1 
ATOM   986  N  ND2 . ASN A 1 130 ? 13.073  6.213   11.006  1.00 51.42 ? 130 ASN A ND2 1 
ATOM   987  N  N   . HIS A 1 131 ? 10.413  3.369   7.583   1.00 31.20 ? 131 HIS A N   1 
ATOM   988  C  CA  . HIS A 1 131 ? 9.250   2.742   6.877   1.00 29.87 ? 131 HIS A CA  1 
ATOM   989  C  C   . HIS A 1 131 ? 8.360   2.047   7.895   1.00 28.26 ? 131 HIS A C   1 
ATOM   990  O  O   . HIS A 1 131 ? 8.852   1.306   8.769   1.00 24.31 ? 131 HIS A O   1 
ATOM   991  C  CB  . HIS A 1 131 ? 9.878   1.669   5.938   1.00 30.23 ? 131 HIS A CB  1 
ATOM   992  C  CG  . HIS A 1 131 ? 9.022   1.144   4.856   1.00 34.44 ? 131 HIS A CG  1 
ATOM   993  N  ND1 . HIS A 1 131 ? 9.547   0.660   3.659   1.00 33.86 ? 131 HIS A ND1 1 
ATOM   994  C  CD2 . HIS A 1 131 ? 7.683   0.944   4.777   1.00 33.04 ? 131 HIS A CD2 1 
ATOM   995  C  CE1 . HIS A 1 131 ? 8.559   0.252   2.887   1.00 32.06 ? 131 HIS A CE1 1 
ATOM   996  N  NE2 . HIS A 1 131 ? 7.437   0.386   3.526   1.00 33.19 ? 131 HIS A NE2 1 
ATOM   997  N  N   . ARG A 1 132 ? 7.072   2.296   7.753   1.00 28.08 ? 132 ARG A N   1 
ATOM   998  C  CA  . ARG A 1 132 ? 6.022   1.668   8.562   1.00 33.86 ? 132 ARG A CA  1 
ATOM   999  C  C   . ARG A 1 132 ? 5.169   0.797   7.604   1.00 30.93 ? 132 ARG A C   1 
ATOM   1000 O  O   . ARG A 1 132 ? 4.721   1.240   6.537   1.00 29.00 ? 132 ARG A O   1 
ATOM   1001 C  CB  . ARG A 1 132 ? 5.114   2.671   9.274   1.00 40.30 ? 132 ARG A CB  1 
ATOM   1002 C  CG  . ARG A 1 132 ? 5.708   3.200   10.569  1.00 51.66 ? 132 ARG A CG  1 
ATOM   1003 C  CD  . ARG A 1 132 ? 4.710   3.795   11.490  1.00 58.56 ? 132 ARG A CD  1 
ATOM   1004 N  NE  . ARG A 1 132 ? 4.573   5.229   11.335  1.00 67.45 ? 132 ARG A NE  1 
ATOM   1005 C  CZ  . ARG A 1 132 ? 5.243   6.176   11.986  1.00 67.43 ? 132 ARG A CZ  1 
ATOM   1006 N  NH1 . ARG A 1 132 ? 6.164   5.928   12.900  1.00 65.44 ? 132 ARG A NH1 1 
ATOM   1007 N  NH2 . ARG A 1 132 ? 4.972   7.458   11.690  1.00 69.85 ? 132 ARG A NH2 1 
ATOM   1008 N  N   . LEU A 1 133 ? 5.013   -0.429  8.043   1.00 25.05 ? 133 LEU A N   1 
ATOM   1009 C  CA  . LEU A 1 133 ? 4.282   -1.434  7.266   1.00 21.59 ? 133 LEU A CA  1 
ATOM   1010 C  C   . LEU A 1 133 ? 3.038   -1.816  8.059   1.00 21.81 ? 133 LEU A C   1 
ATOM   1011 O  O   . LEU A 1 133 ? 3.158   -2.351  9.179   1.00 25.78 ? 133 LEU A O   1 
ATOM   1012 C  CB  . LEU A 1 133 ? 5.244   -2.585  6.985   1.00 22.67 ? 133 LEU A CB  1 
ATOM   1013 C  CG  . LEU A 1 133 ? 4.608   -3.865  6.445   1.00 28.05 ? 133 LEU A CG  1 
ATOM   1014 C  CD1 . LEU A 1 133 ? 3.995   -3.596  5.063   1.00 25.85 ? 133 LEU A CD1 1 
ATOM   1015 C  CD2 . LEU A 1 133 ? 5.664   -4.960  6.356   1.00 28.06 ? 133 LEU A CD2 1 
ATOM   1016 N  N   . PHE A 1 134 ? 1.918   -1.553  7.444   1.00 18.48 ? 134 PHE A N   1 
ATOM   1017 C  CA  . PHE A 1 134 ? 0.581   -1.833  7.996   1.00 19.51 ? 134 PHE A CA  1 
ATOM   1018 C  C   . PHE A 1 134 ? 0.077   -3.091  7.250   1.00 24.92 ? 134 PHE A C   1 
ATOM   1019 O  O   . PHE A 1 134 ? -0.230  -3.037  6.047   1.00 20.84 ? 134 PHE A O   1 
ATOM   1020 C  CB  . PHE A 1 134 ? -0.376  -0.658  7.709   1.00 20.87 ? 134 PHE A CB  1 
ATOM   1021 C  CG  . PHE A 1 134 ? 0.007   0.581   8.494   1.00 28.82 ? 134 PHE A CG  1 
ATOM   1022 C  CD1 . PHE A 1 134 ? 1.080   1.356   8.067   1.00 29.13 ? 134 PHE A CD1 1 
ATOM   1023 C  CD2 . PHE A 1 134 ? -0.689  0.923   9.652   1.00 28.40 ? 134 PHE A CD2 1 
ATOM   1024 C  CE1 . PHE A 1 134 ? 1.461   2.496   8.758   1.00 32.73 ? 134 PHE A CE1 1 
ATOM   1025 C  CE2 . PHE A 1 134 ? -0.310  2.053   10.375  1.00 32.79 ? 134 PHE A CE2 1 
ATOM   1026 C  CZ  . PHE A 1 134 ? 0.764   2.844   9.920   1.00 33.23 ? 134 PHE A CZ  1 
ATOM   1027 N  N   . VAL A 1 135 ? -0.031  -4.126  8.047   1.00 22.28 ? 135 VAL A N   1 
ATOM   1028 C  CA  . VAL A 1 135 ? -0.467  -5.430  7.608   1.00 23.32 ? 135 VAL A CA  1 
ATOM   1029 C  C   . VAL A 1 135 ? -1.785  -5.872  8.235   1.00 27.54 ? 135 VAL A C   1 
ATOM   1030 O  O   . VAL A 1 135 ? -1.893  -5.931  9.482   1.00 30.35 ? 135 VAL A O   1 
ATOM   1031 C  CB  . VAL A 1 135 ? 0.641   -6.470  8.017   1.00 25.30 ? 135 VAL A CB  1 
ATOM   1032 C  CG1 . VAL A 1 135 ? 0.275   -7.824  7.429   1.00 27.17 ? 135 VAL A CG1 1 
ATOM   1033 C  CG2 . VAL A 1 135 ? 2.043   -6.038  7.618   1.00 22.46 ? 135 VAL A CG2 1 
ATOM   1034 N  N   . THR A 1 136 ? -2.702  -6.312  7.373   1.00 22.40 ? 136 THR A N   1 
ATOM   1035 C  CA  . THR A 1 136 ? -3.923  -6.981  7.917   1.00 25.13 ? 136 THR A CA  1 
ATOM   1036 C  C   . THR A 1 136 ? -3.711  -8.488  7.687   1.00 26.83 ? 136 THR A C   1 
ATOM   1037 O  O   . THR A 1 136 ? -3.569  -8.879  6.504   1.00 23.28 ? 136 THR A O   1 
ATOM   1038 C  CB  . THR A 1 136 ? -5.205  -6.490  7.171   1.00 28.07 ? 136 THR A CB  1 
ATOM   1039 O  OG1 . THR A 1 136 ? -5.198  -5.024  7.223   1.00 27.22 ? 136 THR A OG1 1 
ATOM   1040 C  CG2 . THR A 1 136 ? -6.488  -7.138  7.711   1.00 25.83 ? 136 THR A CG2 1 
ATOM   1041 N  N   . ARG A 1 137 ? -3.592  -9.230  8.765   1.00 26.39 ? 137 ARG A N   1 
ATOM   1042 C  CA  . ARG A 1 137 ? -3.385  -10.684 8.690   1.00 27.48 ? 137 ARG A CA  1 
ATOM   1043 C  C   . ARG A 1 137 ? -4.746  -11.391 8.730   1.00 27.44 ? 137 ARG A C   1 
ATOM   1044 O  O   . ARG A 1 137 ? -5.365  -11.462 9.821   1.00 28.95 ? 137 ARG A O   1 
ATOM   1045 C  CB  . ARG A 1 137 ? -2.587  -11.293 9.851   1.00 30.52 ? 137 ARG A CB  1 
ATOM   1046 C  CG  . ARG A 1 137 ? -1.187  -10.809 10.033  1.00 38.41 ? 137 ARG A CG  1 
ATOM   1047 C  CD  . ARG A 1 137 ? -0.165  -11.857 9.674   1.00 39.14 ? 137 ARG A CD  1 
ATOM   1048 N  NE  . ARG A 1 137 ? 1.177   -11.295 9.814   1.00 41.39 ? 137 ARG A NE  1 
ATOM   1049 C  CZ  . ARG A 1 137 ? 2.201   -11.544 9.005   1.00 43.88 ? 137 ARG A CZ  1 
ATOM   1050 N  NH1 . ARG A 1 137 ? 2.069   -12.449 8.033   1.00 44.47 ? 137 ARG A NH1 1 
ATOM   1051 N  NH2 . ARG A 1 137 ? 3.383   -10.918 9.125   1.00 44.36 ? 137 ARG A NH2 1 
ATOM   1052 N  N   . ILE A 1 138 ? -5.098  -11.950 7.583   1.00 25.67 ? 138 ILE A N   1 
ATOM   1053 C  CA  . ILE A 1 138 ? -6.386  -12.701 7.498   1.00 25.94 ? 138 ILE A CA  1 
ATOM   1054 C  C   . ILE A 1 138 ? -6.044  -14.149 7.854   1.00 28.39 ? 138 ILE A C   1 
ATOM   1055 O  O   . ILE A 1 138 ? -5.213  -14.805 7.188   1.00 29.29 ? 138 ILE A O   1 
ATOM   1056 C  CB  . ILE A 1 138 ? -7.019  -12.496 6.094   1.00 25.80 ? 138 ILE A CB  1 
ATOM   1057 C  CG1 . ILE A 1 138 ? -7.443  -11.006 5.973   1.00 24.91 ? 138 ILE A CG1 1 
ATOM   1058 C  CG2 . ILE A 1 138 ? -8.204  -13.456 5.835   1.00 22.03 ? 138 ILE A CG2 1 
ATOM   1059 C  CD1 . ILE A 1 138 ? -7.698  -10.520 4.551   1.00 29.10 ? 138 ILE A CD1 1 
ATOM   1060 N  N   . LEU A 1 139 ? -6.606  -14.554 8.959   1.00 27.61 ? 139 LEU A N   1 
ATOM   1061 C  CA  . LEU A 1 139 ? -6.336  -15.833 9.601   1.00 29.34 ? 139 LEU A CA  1 
ATOM   1062 C  C   . LEU A 1 139 ? -6.968  -17.031 8.933   1.00 28.35 ? 139 LEU A C   1 
ATOM   1063 O  O   . LEU A 1 139 ? -7.528  -17.904 9.643   1.00 31.65 ? 139 LEU A O   1 
ATOM   1064 C  CB  . LEU A 1 139 ? -6.687  -15.670 11.097  1.00 25.61 ? 139 LEU A CB  1 
ATOM   1065 C  CG  . LEU A 1 139 ? -6.069  -14.424 11.756  1.00 26.21 ? 139 LEU A CG  1 
ATOM   1066 C  CD1 . LEU A 1 139 ? -6.545  -14.379 13.216  1.00 26.47 ? 139 LEU A CD1 1 
ATOM   1067 C  CD2 . LEU A 1 139 ? -4.546  -14.599 11.703  1.00 20.50 ? 139 LEU A CD2 1 
ATOM   1068 N  N   . HIS A 1 140 ? -6.809  -17.132 7.649   1.00 26.35 ? 140 HIS A N   1 
ATOM   1069 C  CA  . HIS A 1 140 ? -7.367  -18.239 6.841   1.00 31.34 ? 140 HIS A CA  1 
ATOM   1070 C  C   . HIS A 1 140 ? -6.528  -18.279 5.566   1.00 35.50 ? 140 HIS A C   1 
ATOM   1071 O  O   . HIS A 1 140 ? -5.793  -17.298 5.298   1.00 38.62 ? 140 HIS A O   1 
ATOM   1072 C  CB  . HIS A 1 140 ? -8.857  -17.963 6.461   1.00 31.91 ? 140 HIS A CB  1 
ATOM   1073 C  CG  . HIS A 1 140 ? -9.690  -17.706 7.685   1.00 43.23 ? 140 HIS A CG  1 
ATOM   1074 N  ND1 . HIS A 1 140 ? -10.603 -18.602 8.212   1.00 46.14 ? 140 HIS A ND1 1 
ATOM   1075 C  CD2 . HIS A 1 140 ? -9.678  -16.643 8.538   1.00 44.73 ? 140 HIS A CD2 1 
ATOM   1076 C  CE1 . HIS A 1 140 ? -11.109 -18.090 9.333   1.00 46.13 ? 140 HIS A CE1 1 
ATOM   1077 N  NE2 . HIS A 1 140 ? -10.571 -16.911 9.549   1.00 45.79 ? 140 HIS A NE2 1 
ATOM   1078 N  N   . GLU A 1 141 ? -6.631  -19.369 4.856   1.00 36.80 ? 141 GLU A N   1 
ATOM   1079 C  CA  . GLU A 1 141 ? -5.871  -19.534 3.593   1.00 41.80 ? 141 GLU A CA  1 
ATOM   1080 C  C   . GLU A 1 141 ? -6.853  -19.516 2.424   1.00 38.32 ? 141 GLU A C   1 
ATOM   1081 O  O   . GLU A 1 141 ? -7.977  -20.023 2.565   1.00 38.91 ? 141 GLU A O   1 
ATOM   1082 C  CB  . GLU A 1 141 ? -5.188  -20.887 3.534   1.00 47.03 ? 141 GLU A CB  1 
ATOM   1083 C  CG  . GLU A 1 141 ? -4.019  -21.070 4.518   1.00 59.48 ? 141 GLU A CG  1 
ATOM   1084 C  CD  . GLU A 1 141 ? -3.962  -22.493 5.040   1.00 66.04 ? 141 GLU A CD  1 
ATOM   1085 O  OE1 . GLU A 1 141 ? -5.117  -22.976 5.115   1.00 70.30 ? 141 GLU A OE1 1 
ATOM   1086 O  OE2 . GLU A 1 141 ? -2.908  -23.075 5.321   1.00 69.34 ? 141 GLU A OE2 1 
ATOM   1087 N  N   . PHE A 1 142 ? -6.408  -18.896 1.365   1.00 35.81 ? 142 PHE A N   1 
ATOM   1088 C  CA  . PHE A 1 142 ? -7.204  -18.792 0.116   1.00 33.94 ? 142 PHE A CA  1 
ATOM   1089 C  C   . PHE A 1 142 ? -6.188  -19.037 -1.017  1.00 38.79 ? 142 PHE A C   1 
ATOM   1090 O  O   . PHE A 1 142 ? -5.041  -18.533 -0.876  1.00 45.24 ? 142 PHE A O   1 
ATOM   1091 C  CB  . PHE A 1 142 ? -7.862  -17.436 -0.055  1.00 29.01 ? 142 PHE A CB  1 
ATOM   1092 C  CG  . PHE A 1 142 ? -8.842  -17.018 0.967   1.00 31.84 ? 142 PHE A CG  1 
ATOM   1093 C  CD1 . PHE A 1 142 ? -8.423  -16.437 2.163   1.00 33.20 ? 142 PHE A CD1 1 
ATOM   1094 C  CD2 . PHE A 1 142 ? -10.209 -17.192 0.743   1.00 34.69 ? 142 PHE A CD2 1 
ATOM   1095 C  CE1 . PHE A 1 142 ? -9.349  -16.015 3.123   1.00 30.31 ? 142 PHE A CE1 1 
ATOM   1096 C  CE2 . PHE A 1 142 ? -11.161 -16.782 1.675   1.00 33.11 ? 142 PHE A CE2 1 
ATOM   1097 C  CZ  . PHE A 1 142 ? -10.713 -16.199 2.867   1.00 34.98 ? 142 PHE A CZ  1 
ATOM   1098 N  N   . GLU A 1 143 ? -6.644  -19.712 -2.050  1.00 36.52 ? 143 GLU A N   1 
ATOM   1099 C  CA  . GLU A 1 143 ? -5.744  -19.926 -3.202  1.00 41.18 ? 143 GLU A CA  1 
ATOM   1100 C  C   . GLU A 1 143 ? -5.365  -18.557 -3.763  1.00 33.67 ? 143 GLU A C   1 
ATOM   1101 O  O   . GLU A 1 143 ? -6.218  -17.684 -3.993  1.00 32.15 ? 143 GLU A O   1 
ATOM   1102 C  CB  . GLU A 1 143 ? -6.293  -20.845 -4.248  1.00 51.18 ? 143 GLU A CB  1 
ATOM   1103 C  CG  . GLU A 1 143 ? -7.467  -20.405 -5.097  1.00 68.83 ? 143 GLU A CG  1 
ATOM   1104 C  CD  . GLU A 1 143 ? -7.865  -21.303 -6.239  1.00 79.12 ? 143 GLU A CD  1 
ATOM   1105 O  OE1 . GLU A 1 143 ? -7.055  -22.255 -6.385  1.00 84.47 ? 143 GLU A OE1 1 
ATOM   1106 O  OE2 . GLU A 1 143 ? -8.887  -21.119 -6.958  1.00 82.98 ? 143 GLU A OE2 1 
ATOM   1107 N  N   . SER A 1 144 ? -4.078  -18.376 -3.883  1.00 28.96 ? 144 SER A N   1 
ATOM   1108 C  CA  . SER A 1 144 ? -3.438  -17.156 -4.359  1.00 29.90 ? 144 SER A CA  1 
ATOM   1109 C  C   . SER A 1 144 ? -2.395  -17.520 -5.425  1.00 32.27 ? 144 SER A C   1 
ATOM   1110 O  O   . SER A 1 144 ? -1.776  -18.591 -5.362  1.00 31.24 ? 144 SER A O   1 
ATOM   1111 C  CB  . SER A 1 144 ? -2.735  -16.422 -3.204  1.00 24.56 ? 144 SER A CB  1 
ATOM   1112 O  OG  . SER A 1 144 ? -3.613  -16.420 -2.078  1.00 28.12 ? 144 SER A OG  1 
ATOM   1113 N  N   . ASP A 1 145 ? -2.164  -16.564 -6.298  1.00 29.43 ? 145 ASP A N   1 
ATOM   1114 C  CA  . ASP A 1 145 ? -1.141  -16.703 -7.335  1.00 31.74 ? 145 ASP A CA  1 
ATOM   1115 C  C   . ASP A 1 145 ? -0.114  -15.574 -7.162  1.00 31.06 ? 145 ASP A C   1 
ATOM   1116 O  O   . ASP A 1 145 ? 0.863   -15.550 -7.926  1.00 33.12 ? 145 ASP A O   1 
ATOM   1117 C  CB  . ASP A 1 145 ? -1.795  -16.713 -8.725  1.00 33.12 ? 145 ASP A CB  1 
ATOM   1118 C  CG  . ASP A 1 145 ? -2.645  -15.486 -8.980  1.00 38.15 ? 145 ASP A CG  1 
ATOM   1119 O  OD1 . ASP A 1 145 ? -2.405  -14.390 -8.411  1.00 38.27 ? 145 ASP A OD1 1 
ATOM   1120 O  OD2 . ASP A 1 145 ? -3.609  -15.663 -9.762  1.00 40.58 ? 145 ASP A OD2 1 
ATOM   1121 N  N   . THR A 1 146 ? -0.375  -14.692 -6.216  1.00 30.59 ? 146 THR A N   1 
ATOM   1122 C  CA  . THR A 1 146 ? 0.571   -13.543 -5.989  1.00 28.41 ? 146 THR A CA  1 
ATOM   1123 C  C   . THR A 1 146 ? 0.830   -13.449 -4.498  1.00 25.79 ? 146 THR A C   1 
ATOM   1124 O  O   . THR A 1 146 ? -0.157  -13.601 -3.746  1.00 22.86 ? 146 THR A O   1 
ATOM   1125 C  CB  . THR A 1 146 ? -0.170  -12.253 -6.533  1.00 33.27 ? 146 THR A CB  1 
ATOM   1126 O  OG1 . THR A 1 146 ? -0.531  -12.650 -7.894  1.00 33.19 ? 146 THR A OG1 1 
ATOM   1127 C  CG2 . THR A 1 146 ? 0.609   -10.953 -6.427  1.00 29.41 ? 146 THR A CG2 1 
ATOM   1128 N  N   . PHE A 1 147 ? 2.080   -13.196 -4.118  1.00 25.21 ? 147 PHE A N   1 
ATOM   1129 C  CA  . PHE A 1 147 ? 2.463   -13.189 -2.705  1.00 24.04 ? 147 PHE A CA  1 
ATOM   1130 C  C   . PHE A 1 147 ? 3.250   -11.985 -2.243  1.00 25.22 ? 147 PHE A C   1 
ATOM   1131 O  O   . PHE A 1 147 ? 3.968   -11.329 -3.007  1.00 28.49 ? 147 PHE A O   1 
ATOM   1132 C  CB  . PHE A 1 147 ? 3.232   -14.471 -2.299  1.00 26.25 ? 147 PHE A CB  1 
ATOM   1133 C  CG  . PHE A 1 147 ? 2.504   -15.717 -2.698  1.00 29.57 ? 147 PHE A CG  1 
ATOM   1134 C  CD1 . PHE A 1 147 ? 2.478   -16.091 -4.045  1.00 30.90 ? 147 PHE A CD1 1 
ATOM   1135 C  CD2 . PHE A 1 147 ? 1.797   -16.460 -1.767  1.00 29.78 ? 147 PHE A CD2 1 
ATOM   1136 C  CE1 . PHE A 1 147 ? 1.826   -17.245 -4.432  1.00 31.87 ? 147 PHE A CE1 1 
ATOM   1137 C  CE2 . PHE A 1 147 ? 1.089   -17.606 -2.161  1.00 30.06 ? 147 PHE A CE2 1 
ATOM   1138 C  CZ  . PHE A 1 147 ? 1.135   -18.018 -3.495  1.00 28.74 ? 147 PHE A CZ  1 
ATOM   1139 N  N   . PHE A 1 148 ? 3.129   -11.812 -0.912  1.00 23.88 ? 148 PHE A N   1 
ATOM   1140 C  CA  . PHE A 1 148 ? 3.876   -10.732 -0.229  1.00 23.64 ? 148 PHE A CA  1 
ATOM   1141 C  C   . PHE A 1 148 ? 5.328   -11.226 -0.092  1.00 24.89 ? 148 PHE A C   1 
ATOM   1142 O  O   . PHE A 1 148 ? 5.567   -12.371 0.356   1.00 25.60 ? 148 PHE A O   1 
ATOM   1143 C  CB  . PHE A 1 148 ? 3.282   -10.413 1.153   1.00 21.89 ? 148 PHE A CB  1 
ATOM   1144 C  CG  . PHE A 1 148 ? 3.808   -9.134  1.734   1.00 22.90 ? 148 PHE A CG  1 
ATOM   1145 C  CD1 . PHE A 1 148 ? 3.465   -7.913  1.138   1.00 25.53 ? 148 PHE A CD1 1 
ATOM   1146 C  CD2 . PHE A 1 148 ? 4.621   -9.136  2.850   1.00 23.28 ? 148 PHE A CD2 1 
ATOM   1147 C  CE1 . PHE A 1 148 ? 3.934   -6.704  1.642   1.00 27.83 ? 148 PHE A CE1 1 
ATOM   1148 C  CE2 . PHE A 1 148 ? 5.140   -7.923  3.355   1.00 23.11 ? 148 PHE A CE2 1 
ATOM   1149 C  CZ  . PHE A 1 148 ? 4.777   -6.712  2.781   1.00 22.80 ? 148 PHE A CZ  1 
ATOM   1150 N  N   . PRO A 1 149 ? 6.243   -10.340 -0.412  1.00 25.84 ? 149 PRO A N   1 
ATOM   1151 C  CA  . PRO A 1 149 ? 7.686   -10.702 -0.248  1.00 27.12 ? 149 PRO A CA  1 
ATOM   1152 C  C   . PRO A 1 149 ? 7.937   -10.975 1.237   1.00 32.41 ? 149 PRO A C   1 
ATOM   1153 O  O   . PRO A 1 149 ? 7.127   -10.589 2.122   1.00 32.06 ? 149 PRO A O   1 
ATOM   1154 C  CB  . PRO A 1 149 ? 8.409   -9.485  -0.784  1.00 26.32 ? 149 PRO A CB  1 
ATOM   1155 C  CG  . PRO A 1 149 ? 7.421   -8.354  -0.781  1.00 27.34 ? 149 PRO A CG  1 
ATOM   1156 C  CD  . PRO A 1 149 ? 6.038   -8.966  -0.859  1.00 21.67 ? 149 PRO A CD  1 
ATOM   1157 N  N   . GLU A 1 150 ? 9.058   -11.600 1.526   1.00 34.40 ? 150 GLU A N   1 
ATOM   1158 C  CA  . GLU A 1 150 ? 9.495   -11.896 2.905   1.00 37.86 ? 150 GLU A CA  1 
ATOM   1159 C  C   . GLU A 1 150 ? 9.997   -10.628 3.603   1.00 35.01 ? 150 GLU A C   1 
ATOM   1160 O  O   . GLU A 1 150 ? 10.746  -9.844  3.022   1.00 32.64 ? 150 GLU A O   1 
ATOM   1161 C  CB  . GLU A 1 150 ? 10.693  -12.870 2.857   1.00 38.77 ? 150 GLU A CB  1 
ATOM   1162 C  CG  . GLU A 1 150 ? 10.314  -14.345 2.770   1.00 48.98 ? 150 GLU A CG  1 
ATOM   1163 C  CD  . GLU A 1 150 ? 11.340  -15.302 3.306   1.00 54.99 ? 150 GLU A CD  1 
ATOM   1164 O  OE1 . GLU A 1 150 ? 12.361  -14.975 3.949   1.00 54.50 ? 150 GLU A OE1 1 
ATOM   1165 O  OE2 . GLU A 1 150 ? 11.037  -16.497 3.047   1.00 62.33 ? 150 GLU A OE2 1 
ATOM   1166 N  N   . ILE A 1 151 ? 9.559   -10.426 4.830   1.00 35.79 ? 151 ILE A N   1 
ATOM   1167 C  CA  . ILE A 1 151 ? 9.983   -9.234  5.602   1.00 38.25 ? 151 ILE A CA  1 
ATOM   1168 C  C   . ILE A 1 151 ? 11.127  -9.622  6.534   1.00 38.70 ? 151 ILE A C   1 
ATOM   1169 O  O   . ILE A 1 151 ? 11.087  -10.684 7.198   1.00 38.74 ? 151 ILE A O   1 
ATOM   1170 C  CB  . ILE A 1 151 ? 8.766   -8.537  6.232   1.00 40.43 ? 151 ILE A CB  1 
ATOM   1171 C  CG1 . ILE A 1 151 ? 8.789   -8.538  7.779   1.00 44.95 ? 151 ILE A CG1 1 
ATOM   1172 C  CG2 . ILE A 1 151 ? 7.366   -9.003  5.727   1.00 40.16 ? 151 ILE A CG2 1 
ATOM   1173 C  CD1 . ILE A 1 151 ? 7.585   -7.717  8.376   1.00 48.38 ? 151 ILE A CD1 1 
ATOM   1174 N  N   . ASP A 1 152 ? 12.153  -8.778  6.583   1.00 35.79 ? 152 ASP A N   1 
ATOM   1175 C  CA  . ASP A 1 152 ? 13.295  -8.964  7.476   1.00 33.74 ? 152 ASP A CA  1 
ATOM   1176 C  C   . ASP A 1 152 ? 12.872  -8.575  8.914   1.00 29.29 ? 152 ASP A C   1 
ATOM   1177 O  O   . ASP A 1 152 ? 12.834  -7.397  9.240   1.00 31.65 ? 152 ASP A O   1 
ATOM   1178 C  CB  . ASP A 1 152 ? 14.566  -8.249  7.060   1.00 36.38 ? 152 ASP A CB  1 
ATOM   1179 C  CG  . ASP A 1 152 ? 15.754  -8.700  7.920   1.00 41.44 ? 152 ASP A CG  1 
ATOM   1180 O  OD1 . ASP A 1 152 ? 15.581  -9.131  9.075   1.00 38.87 ? 152 ASP A OD1 1 
ATOM   1181 O  OD2 . ASP A 1 152 ? 16.885  -8.644  7.384   1.00 43.85 ? 152 ASP A OD2 1 
ATOM   1182 N  N   . TYR A 1 153 ? 12.548  -9.596  9.669   1.00 28.43 ? 153 TYR A N   1 
ATOM   1183 C  CA  . TYR A 1 153 ? 12.104  -9.461  11.038  1.00 30.92 ? 153 TYR A CA  1 
ATOM   1184 C  C   . TYR A 1 153 ? 13.144  -8.811  11.918  1.00 35.02 ? 153 TYR A C   1 
ATOM   1185 O  O   . TYR A 1 153 ? 12.771  -8.341  13.024  1.00 40.62 ? 153 TYR A O   1 
ATOM   1186 C  CB  . TYR A 1 153 ? 11.494  -10.706 11.632  1.00 30.00 ? 153 TYR A CB  1 
ATOM   1187 C  CG  . TYR A 1 153 ? 10.139  -11.112 11.099  1.00 31.42 ? 153 TYR A CG  1 
ATOM   1188 C  CD1 . TYR A 1 153 ? 9.228   -10.200 10.536  1.00 27.68 ? 153 TYR A CD1 1 
ATOM   1189 C  CD2 . TYR A 1 153 ? 9.753   -12.452 11.225  1.00 27.14 ? 153 TYR A CD2 1 
ATOM   1190 C  CE1 . TYR A 1 153 ? 7.975   -10.626 10.099  1.00 27.37 ? 153 TYR A CE1 1 
ATOM   1191 C  CE2 . TYR A 1 153 ? 8.493   -12.875 10.837  1.00 26.79 ? 153 TYR A CE2 1 
ATOM   1192 C  CZ  . TYR A 1 153 ? 7.627   -11.969 10.234  1.00 27.83 ? 153 TYR A CZ  1 
ATOM   1193 O  OH  . TYR A 1 153 ? 6.435   -12.483 9.832   1.00 32.14 ? 153 TYR A OH  1 
ATOM   1194 N  N   . LYS A 1 154 ? 14.371  -8.748  11.445  1.00 36.55 ? 154 LYS A N   1 
ATOM   1195 C  CA  . LYS A 1 154 ? 15.444  -8.059  12.200  1.00 39.12 ? 154 LYS A CA  1 
ATOM   1196 C  C   . LYS A 1 154 ? 15.411  -6.557  11.999  1.00 37.88 ? 154 LYS A C   1 
ATOM   1197 O  O   . LYS A 1 154 ? 15.906  -5.827  12.856  1.00 39.32 ? 154 LYS A O   1 
ATOM   1198 C  CB  . LYS A 1 154 ? 16.826  -8.590  11.854  1.00 38.97 ? 154 LYS A CB  1 
ATOM   1199 C  CG  . LYS A 1 154 ? 16.937  -10.088 12.229  1.00 41.29 ? 154 LYS A CG  1 
ATOM   1200 C  CD  . LYS A 1 154 ? 18.204  -10.691 11.660  1.00 42.89 ? 154 LYS A CD  1 
ATOM   1201 C  CE  . LYS A 1 154 ? 18.510  -10.176 10.264  1.00 45.59 ? 154 LYS A CE  1 
ATOM   1202 N  NZ  . LYS A 1 154 ? 17.923  -11.060 9.235   1.00 45.52 ? 154 LYS A NZ  1 
ATOM   1203 N  N   . ASP A 1 155 ? 14.881  -6.103  10.890  1.00 38.64 ? 155 ASP A N   1 
ATOM   1204 C  CA  . ASP A 1 155 ? 14.747  -4.703  10.539  1.00 40.04 ? 155 ASP A CA  1 
ATOM   1205 C  C   . ASP A 1 155 ? 13.374  -4.141  10.952  1.00 42.18 ? 155 ASP A C   1 
ATOM   1206 O  O   . ASP A 1 155 ? 13.289  -3.018  11.449  1.00 39.61 ? 155 ASP A O   1 
ATOM   1207 C  CB  . ASP A 1 155 ? 14.894  -4.563  9.005   1.00 42.45 ? 155 ASP A CB  1 
ATOM   1208 C  CG  . ASP A 1 155 ? 16.361  -4.616  8.648   1.00 46.88 ? 155 ASP A CG  1 
ATOM   1209 O  OD1 . ASP A 1 155 ? 17.117  -4.603  9.644   1.00 52.56 ? 155 ASP A OD1 1 
ATOM   1210 O  OD2 . ASP A 1 155 ? 16.722  -4.640  7.479   1.00 50.60 ? 155 ASP A OD2 1 
ATOM   1211 N  N   . PHE A 1 156 ? 12.361  -4.918  10.576  1.00 36.56 ? 156 PHE A N   1 
ATOM   1212 C  CA  . PHE A 1 156 ? 10.963  -4.495  10.820  1.00 31.09 ? 156 PHE A CA  1 
ATOM   1213 C  C   . PHE A 1 156 ? 10.513  -5.075  12.149  1.00 33.75 ? 156 PHE A C   1 
ATOM   1214 O  O   . PHE A 1 156 ? 10.213  -6.296  12.226  1.00 36.86 ? 156 PHE A O   1 
ATOM   1215 C  CB  . PHE A 1 156 ? 10.089  -4.952  9.627   1.00 29.90 ? 156 PHE A CB  1 
ATOM   1216 C  CG  . PHE A 1 156 ? 10.232  -4.131  8.372   1.00 29.77 ? 156 PHE A CG  1 
ATOM   1217 C  CD1 . PHE A 1 156 ? 11.259  -4.402  7.450   1.00 27.44 ? 156 PHE A CD1 1 
ATOM   1218 C  CD2 . PHE A 1 156 ? 9.387   -3.054  8.136   1.00 27.78 ? 156 PHE A CD2 1 
ATOM   1219 C  CE1 . PHE A 1 156 ? 11.418  -3.648  6.298   1.00 26.97 ? 156 PHE A CE1 1 
ATOM   1220 C  CE2 . PHE A 1 156 ? 9.537   -2.279  6.988   1.00 28.49 ? 156 PHE A CE2 1 
ATOM   1221 C  CZ  . PHE A 1 156 ? 10.527  -2.569  6.064   1.00 26.27 ? 156 PHE A CZ  1 
ATOM   1222 N  N   . LYS A 1 157 ? 10.427  -4.242  13.153  1.00 33.96 ? 157 LYS A N   1 
ATOM   1223 C  CA  . LYS A 1 157 ? 9.947   -4.647  14.491  1.00 37.28 ? 157 LYS A CA  1 
ATOM   1224 C  C   . LYS A 1 157 ? 8.428   -4.411  14.586  1.00 34.71 ? 157 LYS A C   1 
ATOM   1225 O  O   . LYS A 1 157 ? 7.940   -3.313  14.321  1.00 32.78 ? 157 LYS A O   1 
ATOM   1226 C  CB  . LYS A 1 157 ? 10.570  -3.769  15.588  1.00 41.63 ? 157 LYS A CB  1 
ATOM   1227 C  CG  . LYS A 1 157 ? 12.080  -3.622  15.473  1.00 52.02 ? 157 LYS A CG  1 
ATOM   1228 C  CD  . LYS A 1 157 ? 12.766  -4.959  15.194  1.00 57.86 ? 157 LYS A CD  1 
ATOM   1229 C  CE  . LYS A 1 157 ? 14.277  -4.781  15.178  1.00 64.13 ? 157 LYS A CE  1 
ATOM   1230 N  NZ  . LYS A 1 157 ? 14.930  -5.879  15.943  1.00 68.13 ? 157 LYS A NZ  1 
ATOM   1231 N  N   . LEU A 1 158 ? 7.750   -5.445  14.987  1.00 37.10 ? 158 LEU A N   1 
ATOM   1232 C  CA  . LEU A 1 158 ? 6.280   -5.419  15.182  1.00 38.00 ? 158 LEU A CA  1 
ATOM   1233 C  C   . LEU A 1 158 ? 6.013   -4.506  16.381  1.00 38.80 ? 158 LEU A C   1 
ATOM   1234 O  O   . LEU A 1 158 ? 6.636   -4.778  17.417  1.00 42.13 ? 158 LEU A O   1 
ATOM   1235 C  CB  . LEU A 1 158 ? 5.909   -6.879  15.520  1.00 36.25 ? 158 LEU A CB  1 
ATOM   1236 C  CG  . LEU A 1 158 ? 4.463   -7.102  15.993  1.00 37.14 ? 158 LEU A CG  1 
ATOM   1237 C  CD1 . LEU A 1 158 ? 3.491   -6.551  14.956  1.00 27.43 ? 158 LEU A CD1 1 
ATOM   1238 C  CD2 . LEU A 1 158 ? 4.293   -8.638  16.101  1.00 36.41 ? 158 LEU A CD2 1 
ATOM   1239 N  N   . LEU A 1 159 ? 5.172   -3.519  16.211  1.00 38.92 ? 159 LEU A N   1 
ATOM   1240 C  CA  . LEU A 1 159 ? 4.804   -2.650  17.356  1.00 41.34 ? 159 LEU A CA  1 
ATOM   1241 C  C   . LEU A 1 159 ? 3.736   -3.421  18.134  1.00 44.50 ? 159 LEU A C   1 
ATOM   1242 O  O   . LEU A 1 159 ? 3.046   -4.251  17.523  1.00 48.43 ? 159 LEU A O   1 
ATOM   1243 C  CB  . LEU A 1 159 ? 4.340   -1.311  16.826  1.00 40.09 ? 159 LEU A CB  1 
ATOM   1244 C  CG  . LEU A 1 159 ? 5.303   -0.650  15.856  1.00 45.06 ? 159 LEU A CG  1 
ATOM   1245 C  CD1 . LEU A 1 159 ? 4.751   0.682   15.377  1.00 45.35 ? 159 LEU A CD1 1 
ATOM   1246 C  CD2 . LEU A 1 159 ? 6.641   -0.470  16.573  1.00 46.19 ? 159 LEU A CD2 1 
ATOM   1247 N  N   . THR A 1 160 ? 3.656   -3.164  19.418  1.00 48.95 ? 160 THR A N   1 
ATOM   1248 C  CA  . THR A 1 160 ? 2.669   -3.900  20.252  1.00 50.24 ? 160 THR A CA  1 
ATOM   1249 C  C   . THR A 1 160 ? 1.409   -3.076  20.381  1.00 52.19 ? 160 THR A C   1 
ATOM   1250 O  O   . THR A 1 160 ? 0.365   -3.572  20.849  1.00 59.73 ? 160 THR A O   1 
ATOM   1251 C  CB  . THR A 1 160 ? 3.343   -4.256  21.631  1.00 52.65 ? 160 THR A CB  1 
ATOM   1252 O  OG1 . THR A 1 160 ? 3.439   -2.951  22.309  1.00 58.85 ? 160 THR A OG1 1 
ATOM   1253 C  CG2 . THR A 1 160 ? 4.738   -4.882  21.465  1.00 51.42 ? 160 THR A CG2 1 
ATOM   1254 N  N   . GLU A 1 161 ? 1.483   -1.842  19.927  1.00 49.85 ? 161 GLU A N   1 
ATOM   1255 C  CA  . GLU A 1 161 ? 0.391   -0.897  19.932  1.00 51.48 ? 161 GLU A CA  1 
ATOM   1256 C  C   . GLU A 1 161 ? 0.676   0.257   18.965  1.00 49.12 ? 161 GLU A C   1 
ATOM   1257 O  O   . GLU A 1 161 ? 1.819   0.679   18.759  1.00 48.79 ? 161 GLU A O   1 
ATOM   1258 C  CB  . GLU A 1 161 ? 0.191   -0.194  21.295  1.00 58.95 ? 161 GLU A CB  1 
ATOM   1259 C  CG  . GLU A 1 161 ? -0.472  1.186   21.167  1.00 69.29 ? 161 GLU A CG  1 
ATOM   1260 C  CD  . GLU A 1 161 ? -0.451  2.074   22.368  1.00 75.83 ? 161 GLU A CD  1 
ATOM   1261 O  OE1 . GLU A 1 161 ? -0.297  1.423   23.432  1.00 80.21 ? 161 GLU A OE1 1 
ATOM   1262 O  OE2 . GLU A 1 161 ? -0.584  3.323   22.318  1.00 77.43 ? 161 GLU A OE2 1 
ATOM   1263 N  N   . TYR A 1 162 ? -0.418  0.768   18.426  1.00 45.89 ? 162 TYR A N   1 
ATOM   1264 C  CA  . TYR A 1 162 ? -0.345  1.922   17.532  1.00 45.41 ? 162 TYR A CA  1 
ATOM   1265 C  C   . TYR A 1 162 ? -1.675  2.682   17.607  1.00 49.41 ? 162 TYR A C   1 
ATOM   1266 O  O   . TYR A 1 162 ? -2.735  2.069   17.533  1.00 48.95 ? 162 TYR A O   1 
ATOM   1267 C  CB  . TYR A 1 162 ? -0.020  1.540   16.104  1.00 43.47 ? 162 TYR A CB  1 
ATOM   1268 C  CG  . TYR A 1 162 ? 0.426   2.663   15.210  1.00 35.54 ? 162 TYR A CG  1 
ATOM   1269 C  CD1 . TYR A 1 162 ? 1.759   3.084   15.216  1.00 38.22 ? 162 TYR A CD1 1 
ATOM   1270 C  CD2 . TYR A 1 162 ? -0.451  3.270   14.337  1.00 34.87 ? 162 TYR A CD2 1 
ATOM   1271 C  CE1 . TYR A 1 162 ? 2.209   4.087   14.358  1.00 34.73 ? 162 TYR A CE1 1 
ATOM   1272 C  CE2 . TYR A 1 162 ? -0.029  4.289   13.481  1.00 37.12 ? 162 TYR A CE2 1 
ATOM   1273 C  CZ  . TYR A 1 162 ? 1.310   4.682   13.496  1.00 37.11 ? 162 TYR A CZ  1 
ATOM   1274 O  OH  . TYR A 1 162 ? 1.696   5.681   12.627  1.00 41.43 ? 162 TYR A OH  1 
ATOM   1275 N  N   . PRO A 1 163 ? -1.514  3.987   17.735  1.00 51.96 ? 163 PRO A N   1 
ATOM   1276 C  CA  . PRO A 1 163 ? -2.613  4.928   17.794  1.00 51.91 ? 163 PRO A CA  1 
ATOM   1277 C  C   . PRO A 1 163 ? -3.601  4.821   16.646  1.00 50.83 ? 163 PRO A C   1 
ATOM   1278 O  O   . PRO A 1 163 ? -3.370  5.258   15.497  1.00 52.70 ? 163 PRO A O   1 
ATOM   1279 C  CB  . PRO A 1 163 ? -1.934  6.309   17.803  1.00 54.32 ? 163 PRO A CB  1 
ATOM   1280 C  CG  . PRO A 1 163 ? -0.531  6.057   17.304  1.00 54.96 ? 163 PRO A CG  1 
ATOM   1281 C  CD  . PRO A 1 163 ? -0.186  4.667   17.829  1.00 52.55 ? 163 PRO A CD  1 
ATOM   1282 N  N   . GLY A 1 164 ? -4.784  4.320   17.001  1.00 52.01 ? 164 GLY A N   1 
ATOM   1283 C  CA  . GLY A 1 164 ? -5.897  4.208   16.069  1.00 54.36 ? 164 GLY A CA  1 
ATOM   1284 C  C   . GLY A 1 164 ? -5.968  2.894   15.337  1.00 58.17 ? 164 GLY A C   1 
ATOM   1285 O  O   . GLY A 1 164 ? -6.760  2.754   14.364  1.00 63.27 ? 164 GLY A O   1 
ATOM   1286 N  N   . VAL A 1 165 ? -5.164  1.932   15.758  1.00 53.15 ? 165 VAL A N   1 
ATOM   1287 C  CA  . VAL A 1 165 ? -5.192  0.585   15.152  1.00 45.53 ? 165 VAL A CA  1 
ATOM   1288 C  C   . VAL A 1 165 ? -5.630  -0.373  16.252  1.00 45.09 ? 165 VAL A C   1 
ATOM   1289 O  O   . VAL A 1 165 ? -4.941  -0.483  17.271  1.00 48.98 ? 165 VAL A O   1 
ATOM   1290 C  CB  . VAL A 1 165 ? -3.838  0.242   14.520  1.00 43.38 ? 165 VAL A CB  1 
ATOM   1291 C  CG1 . VAL A 1 165 ? -3.775  -1.242  14.164  1.00 39.39 ? 165 VAL A CG1 1 
ATOM   1292 C  CG2 . VAL A 1 165 ? -3.577  1.111   13.305  1.00 40.19 ? 165 VAL A CG2 1 
ATOM   1293 N  N   . PRO A 1 166 ? -6.797  -0.955  16.046  1.00 45.57 ? 166 PRO A N   1 
ATOM   1294 C  CA  . PRO A 1 166 ? -7.374  -1.867  17.061  1.00 42.64 ? 166 PRO A CA  1 
ATOM   1295 C  C   . PRO A 1 166 ? -6.399  -3.005  17.264  1.00 45.73 ? 166 PRO A C   1 
ATOM   1296 O  O   . PRO A 1 166 ? -5.733  -3.429  16.308  1.00 45.89 ? 166 PRO A O   1 
ATOM   1297 C  CB  . PRO A 1 166 ? -8.700  -2.258  16.495  1.00 42.21 ? 166 PRO A CB  1 
ATOM   1298 C  CG  . PRO A 1 166 ? -8.639  -1.956  15.031  1.00 43.26 ? 166 PRO A CG  1 
ATOM   1299 C  CD  . PRO A 1 166 ? -7.663  -0.811  14.869  1.00 43.43 ? 166 PRO A CD  1 
ATOM   1300 N  N   . ALA A 1 167 ? -6.345  -3.488  18.485  1.00 51.60 ? 167 ALA A N   1 
ATOM   1301 C  CA  . ALA A 1 167 ? -5.424  -4.551  18.896  1.00 52.17 ? 167 ALA A CA  1 
ATOM   1302 C  C   . ALA A 1 167 ? -6.002  -5.945  18.736  1.00 50.23 ? 167 ALA A C   1 
ATOM   1303 O  O   . ALA A 1 167 ? -5.283  -6.911  18.387  1.00 49.39 ? 167 ALA A O   1 
ATOM   1304 C  CB  . ALA A 1 167 ? -5.104  -4.305  20.399  1.00 56.13 ? 167 ALA A CB  1 
ATOM   1305 N  N   . ASP A 1 168 ? -7.268  -6.052  19.081  1.00 47.60 ? 168 ASP A N   1 
ATOM   1306 C  CA  . ASP A 1 168 ? -7.985  -7.322  19.096  1.00 50.42 ? 168 ASP A CA  1 
ATOM   1307 C  C   . ASP A 1 168 ? -8.072  -7.941  17.687  1.00 45.92 ? 168 ASP A C   1 
ATOM   1308 O  O   . ASP A 1 168 ? -7.909  -7.285  16.654  1.00 44.41 ? 168 ASP A O   1 
ATOM   1309 C  CB  . ASP A 1 168 ? -9.415  -7.106  19.624  1.00 60.66 ? 168 ASP A CB  1 
ATOM   1310 C  CG  . ASP A 1 168 ? -9.563  -6.406  20.936  1.00 69.91 ? 168 ASP A CG  1 
ATOM   1311 O  OD1 . ASP A 1 168 ? -8.612  -6.118  21.685  1.00 73.75 ? 168 ASP A OD1 1 
ATOM   1312 O  OD2 . ASP A 1 168 ? -10.756 -6.125  21.262  1.00 75.99 ? 168 ASP A OD2 1 
ATOM   1313 N  N   . ILE A 1 169 ? -8.445  -9.216  17.744  1.00 39.31 ? 169 ILE A N   1 
ATOM   1314 C  CA  . ILE A 1 169 ? -8.776  -9.973  16.536  1.00 39.85 ? 169 ILE A CA  1 
ATOM   1315 C  C   . ILE A 1 169 ? -10.187 -9.474  16.121  1.00 42.48 ? 169 ILE A C   1 
ATOM   1316 O  O   . ILE A 1 169 ? -11.105 -9.337  16.954  1.00 46.52 ? 169 ILE A O   1 
ATOM   1317 C  CB  . ILE A 1 169 ? -8.776  -11.498 16.782  1.00 41.90 ? 169 ILE A CB  1 
ATOM   1318 C  CG1 . ILE A 1 169 ? -7.318  -12.019 16.927  1.00 41.52 ? 169 ILE A CG1 1 
ATOM   1319 C  CG2 . ILE A 1 169 ? -9.516  -12.293 15.662  1.00 42.25 ? 169 ILE A CG2 1 
ATOM   1320 C  CD1 . ILE A 1 169 ? -7.274  -13.588 16.945  1.00 41.57 ? 169 ILE A CD1 1 
ATOM   1321 N  N   . GLN A 1 170 ? -10.254 -9.138  14.866  1.00 40.35 ? 170 GLN A N   1 
ATOM   1322 C  CA  . GLN A 1 170 ? -11.462 -8.637  14.196  1.00 37.98 ? 170 GLN A CA  1 
ATOM   1323 C  C   . GLN A 1 170 ? -12.091 -9.852  13.484  1.00 35.39 ? 170 GLN A C   1 
ATOM   1324 O  O   . GLN A 1 170 ? -11.388 -10.831 13.183  1.00 34.59 ? 170 GLN A O   1 
ATOM   1325 C  CB  . GLN A 1 170 ? -11.101 -7.578  13.133  1.00 39.98 ? 170 GLN A CB  1 
ATOM   1326 C  CG  . GLN A 1 170 ? -10.199 -6.480  13.687  1.00 44.76 ? 170 GLN A CG  1 
ATOM   1327 C  CD  . GLN A 1 170 ? -10.846 -5.752  14.842  1.00 49.24 ? 170 GLN A CD  1 
ATOM   1328 O  OE1 . GLN A 1 170 ? -11.742 -4.933  14.651  1.00 52.91 ? 170 GLN A OE1 1 
ATOM   1329 N  NE2 . GLN A 1 170 ? -10.401 -6.068  16.052  1.00 51.32 ? 170 GLN A NE2 1 
ATOM   1330 N  N   . GLU A 1 171 ? -13.377 -9.757  13.275  1.00 33.77 ? 171 GLU A N   1 
ATOM   1331 C  CA  . GLU A 1 171 ? -14.152 -10.776 12.563  1.00 34.92 ? 171 GLU A CA  1 
ATOM   1332 C  C   . GLU A 1 171 ? -15.195 -10.041 11.692  1.00 33.43 ? 171 GLU A C   1 
ATOM   1333 O  O   . GLU A 1 171 ? -15.755 -9.010  12.107  1.00 32.57 ? 171 GLU A O   1 
ATOM   1334 C  CB  . GLU A 1 171 ? -14.970 -11.711 13.432  1.00 39.73 ? 171 GLU A CB  1 
ATOM   1335 C  CG  . GLU A 1 171 ? -15.658 -12.876 12.683  1.00 50.52 ? 171 GLU A CG  1 
ATOM   1336 C  CD  . GLU A 1 171 ? -16.503 -13.754 13.562  1.00 57.81 ? 171 GLU A CD  1 
ATOM   1337 O  OE1 . GLU A 1 171 ? -16.874 -13.464 14.726  1.00 62.97 ? 171 GLU A OE1 1 
ATOM   1338 O  OE2 . GLU A 1 171 ? -16.820 -14.825 13.002  1.00 64.09 ? 171 GLU A OE2 1 
ATOM   1339 N  N   . GLU A 1 172 ? -15.440 -10.660 10.572  1.00 27.67 ? 172 GLU A N   1 
ATOM   1340 C  CA  . GLU A 1 172 ? -16.415 -10.075 9.611   1.00 30.00 ? 172 GLU A CA  1 
ATOM   1341 C  C   . GLU A 1 172 ? -16.661 -11.157 8.576   1.00 27.24 ? 172 GLU A C   1 
ATOM   1342 O  O   . GLU A 1 172 ? -15.701 -11.863 8.208   1.00 27.30 ? 172 GLU A O   1 
ATOM   1343 C  CB  . GLU A 1 172 ? -15.719 -8.874  8.958   1.00 35.57 ? 172 GLU A CB  1 
ATOM   1344 C  CG  . GLU A 1 172 ? -16.386 -8.256  7.750   1.00 44.14 ? 172 GLU A CG  1 
ATOM   1345 C  CD  . GLU A 1 172 ? -15.894 -6.877  7.381   1.00 50.88 ? 172 GLU A CD  1 
ATOM   1346 O  OE1 . GLU A 1 172 ? -14.842 -6.380  7.834   1.00 50.88 ? 172 GLU A OE1 1 
ATOM   1347 O  OE2 . GLU A 1 172 ? -16.702 -6.332  6.574   1.00 56.88 ? 172 GLU A OE2 1 
ATOM   1348 N  N   . ASP A 1 173 ? -17.904 -11.358 8.241   1.00 24.52 ? 173 ASP A N   1 
ATOM   1349 C  CA  . ASP A 1 173 ? -18.302 -12.403 7.289   1.00 26.24 ? 173 ASP A CA  1 
ATOM   1350 C  C   . ASP A 1 173 ? -17.740 -13.750 7.744   1.00 23.08 ? 173 ASP A C   1 
ATOM   1351 O  O   . ASP A 1 173 ? -17.335 -14.498 6.831   1.00 23.95 ? 173 ASP A O   1 
ATOM   1352 C  CB  . ASP A 1 173 ? -17.811 -12.086 5.865   1.00 31.78 ? 173 ASP A CB  1 
ATOM   1353 C  CG  . ASP A 1 173 ? -18.414 -10.810 5.315   1.00 40.17 ? 173 ASP A CG  1 
ATOM   1354 O  OD1 . ASP A 1 173 ? -19.607 -10.751 5.016   1.00 38.92 ? 173 ASP A OD1 1 
ATOM   1355 O  OD2 . ASP A 1 173 ? -17.627 -9.837  5.207   1.00 48.64 ? 173 ASP A OD2 1 
ATOM   1356 N  N   . GLY A 1 174 ? -17.711 -13.999 9.012   1.00 23.53 ? 174 GLY A N   1 
ATOM   1357 C  CA  . GLY A 1 174 ? -17.227 -15.295 9.540   1.00 23.62 ? 174 GLY A CA  1 
ATOM   1358 C  C   . GLY A 1 174 ? -15.730 -15.476 9.393   1.00 28.63 ? 174 GLY A C   1 
ATOM   1359 O  O   . GLY A 1 174 ? -15.198 -16.574 9.718   1.00 29.68 ? 174 GLY A O   1 
ATOM   1360 N  N   . ILE A 1 175 ? -15.028 -14.441 9.014   1.00 28.45 ? 175 ILE A N   1 
ATOM   1361 C  CA  . ILE A 1 175 ? -13.557 -14.459 8.830   1.00 29.38 ? 175 ILE A CA  1 
ATOM   1362 C  C   . ILE A 1 175 ? -12.922 -13.589 9.930   1.00 27.65 ? 175 ILE A C   1 
ATOM   1363 O  O   . ILE A 1 175 ? -13.423 -12.500 10.204  1.00 28.94 ? 175 ILE A O   1 
ATOM   1364 C  CB  . ILE A 1 175 ? -13.272 -13.796 7.409   1.00 31.44 ? 175 ILE A CB  1 
ATOM   1365 C  CG1 . ILE A 1 175 ? -13.830 -14.748 6.317   1.00 38.17 ? 175 ILE A CG1 1 
ATOM   1366 C  CG2 . ILE A 1 175 ? -11.792 -13.522 7.135   1.00 35.47 ? 175 ILE A CG2 1 
ATOM   1367 C  CD1 . ILE A 1 175 ? -13.080 -16.140 6.439   1.00 41.32 ? 175 ILE A CD1 1 
ATOM   1368 N  N   . GLN A 1 176 ? -11.794 -14.057 10.466  1.00 23.43 ? 176 GLN A N   1 
ATOM   1369 C  CA  . GLN A 1 176 ? -11.064 -13.281 11.478  1.00 22.47 ? 176 GLN A CA  1 
ATOM   1370 C  C   . GLN A 1 176 ? -9.781  -12.716 10.868  1.00 23.85 ? 176 GLN A C   1 
ATOM   1371 O  O   . GLN A 1 176 ? -9.178  -13.322 9.977   1.00 26.18 ? 176 GLN A O   1 
ATOM   1372 C  CB  . GLN A 1 176 ? -10.691 -14.091 12.704  1.00 21.63 ? 176 GLN A CB  1 
ATOM   1373 C  CG  . GLN A 1 176 ? -11.828 -14.730 13.434  1.00 24.65 ? 176 GLN A CG  1 
ATOM   1374 C  CD  . GLN A 1 176 ? -11.368 -15.587 14.599  1.00 27.98 ? 176 GLN A CD  1 
ATOM   1375 O  OE1 . GLN A 1 176 ? -10.830 -16.676 14.436  1.00 31.69 ? 176 GLN A OE1 1 
ATOM   1376 N  NE2 . GLN A 1 176 ? -11.598 -15.062 15.777  1.00 27.73 ? 176 GLN A NE2 1 
ATOM   1377 N  N   . TYR A 1 177 ? -9.378  -11.577 11.390  1.00 23.42 ? 177 TYR A N   1 
ATOM   1378 C  CA  . TYR A 1 177 ? -8.074  -11.010 10.915  1.00 26.70 ? 177 TYR A CA  1 
ATOM   1379 C  C   . TYR A 1 177 ? -7.552  -10.126 12.030  1.00 26.70 ? 177 TYR A C   1 
ATOM   1380 O  O   . TYR A 1 177 ? -8.322  -9.862  12.979  1.00 26.20 ? 177 TYR A O   1 
ATOM   1381 C  CB  . TYR A 1 177 ? -8.245  -10.310 9.582   1.00 25.00 ? 177 TYR A CB  1 
ATOM   1382 C  CG  . TYR A 1 177 ? -9.302  -9.247  9.601   1.00 28.22 ? 177 TYR A CG  1 
ATOM   1383 C  CD1 . TYR A 1 177 ? -9.009  -7.923  9.983   1.00 28.46 ? 177 TYR A CD1 1 
ATOM   1384 C  CD2 . TYR A 1 177 ? -10.624 -9.585  9.316   1.00 32.00 ? 177 TYR A CD2 1 
ATOM   1385 C  CE1 . TYR A 1 177 ? -9.986  -6.938  10.001  1.00 33.51 ? 177 TYR A CE1 1 
ATOM   1386 C  CE2 . TYR A 1 177 ? -11.621 -8.596  9.312   1.00 37.67 ? 177 TYR A CE2 1 
ATOM   1387 C  CZ  . TYR A 1 177 ? -11.294 -7.280  9.651   1.00 39.61 ? 177 TYR A CZ  1 
ATOM   1388 O  OH  . TYR A 1 177 ? -12.324 -6.367  9.663   1.00 41.89 ? 177 TYR A OH  1 
ATOM   1389 N  N   . LYS A 1 178 ? -6.289  -9.756  11.919  1.00 31.19 ? 178 LYS A N   1 
ATOM   1390 C  CA  . LYS A 1 178 ? -5.666  -8.827  12.859  1.00 36.51 ? 178 LYS A CA  1 
ATOM   1391 C  C   . LYS A 1 178 ? -4.803  -7.813  12.109  1.00 30.69 ? 178 LYS A C   1 
ATOM   1392 O  O   . LYS A 1 178 ? -4.172  -8.109  11.084  1.00 28.55 ? 178 LYS A O   1 
ATOM   1393 C  CB  . LYS A 1 178 ? -4.906  -9.418  14.025  1.00 45.50 ? 178 LYS A CB  1 
ATOM   1394 C  CG  . LYS A 1 178 ? -4.023  -10.600 13.711  1.00 59.01 ? 178 LYS A CG  1 
ATOM   1395 C  CD  . LYS A 1 178 ? -2.816  -10.789 14.632  1.00 66.76 ? 178 LYS A CD  1 
ATOM   1396 C  CE  . LYS A 1 178 ? -2.054  -12.071 14.236  1.00 71.84 ? 178 LYS A CE  1 
ATOM   1397 N  NZ  . LYS A 1 178 ? -0.579  -11.856 14.195  1.00 73.88 ? 178 LYS A NZ  1 
ATOM   1398 N  N   . PHE A 1 179 ? -4.812  -6.621  12.691  1.00 28.22 ? 179 PHE A N   1 
ATOM   1399 C  CA  . PHE A 1 179 ? -3.972  -5.512  12.181  1.00 29.40 ? 179 PHE A CA  1 
ATOM   1400 C  C   . PHE A 1 179 ? -2.644  -5.562  12.972  1.00 31.03 ? 179 PHE A C   1 
ATOM   1401 O  O   . PHE A 1 179 ? -2.625  -5.859  14.166  1.00 35.54 ? 179 PHE A O   1 
ATOM   1402 C  CB  . PHE A 1 179 ? -4.611  -4.152  12.326  1.00 30.98 ? 179 PHE A CB  1 
ATOM   1403 C  CG  . PHE A 1 179 ? -5.911  -3.959  11.614  1.00 29.70 ? 179 PHE A CG  1 
ATOM   1404 C  CD1 . PHE A 1 179 ? -5.924  -3.856  10.221  1.00 30.81 ? 179 PHE A CD1 1 
ATOM   1405 C  CD2 . PHE A 1 179 ? -7.103  -3.920  12.331  1.00 29.35 ? 179 PHE A CD2 1 
ATOM   1406 C  CE1 . PHE A 1 179 ? -7.125  -3.684  9.537   1.00 30.86 ? 179 PHE A CE1 1 
ATOM   1407 C  CE2 . PHE A 1 179 ? -8.322  -3.709  11.649  1.00 33.50 ? 179 PHE A CE2 1 
ATOM   1408 C  CZ  . PHE A 1 179 ? -8.311  -3.589  10.243  1.00 29.97 ? 179 PHE A CZ  1 
ATOM   1409 N  N   . GLU A 1 180 ? -1.599  -5.298  12.252  1.00 29.98 ? 180 GLU A N   1 
ATOM   1410 C  CA  . GLU A 1 180 ? -0.238  -5.283  12.800  1.00 26.98 ? 180 GLU A CA  1 
ATOM   1411 C  C   . GLU A 1 180 ? 0.483   -4.174  12.030  1.00 26.24 ? 180 GLU A C   1 
ATOM   1412 O  O   . GLU A 1 180 ? 0.160   -3.919  10.850  1.00 29.14 ? 180 GLU A O   1 
ATOM   1413 C  CB  . GLU A 1 180 ? 0.526   -6.581  12.522  1.00 26.53 ? 180 GLU A CB  1 
ATOM   1414 C  CG  . GLU A 1 180 ? -0.136  -7.861  13.042  1.00 28.76 ? 180 GLU A CG  1 
ATOM   1415 C  CD  . GLU A 1 180 ? 0.671   -9.112  12.831  1.00 36.20 ? 180 GLU A CD  1 
ATOM   1416 O  OE1 . GLU A 1 180 ? 1.450   -9.293  11.855  1.00 36.43 ? 180 GLU A OE1 1 
ATOM   1417 O  OE2 . GLU A 1 180 ? 0.524   -9.914  13.778  1.00 43.20 ? 180 GLU A OE2 1 
ATOM   1418 N  N   . VAL A 1 181 ? 1.333   -3.526  12.781  1.00 24.30 ? 181 VAL A N   1 
ATOM   1419 C  CA  . VAL A 1 181 ? 2.190   -2.455  12.310  1.00 26.49 ? 181 VAL A CA  1 
ATOM   1420 C  C   . VAL A 1 181 ? 3.640   -2.882  12.649  1.00 28.40 ? 181 VAL A C   1 
ATOM   1421 O  O   . VAL A 1 181 ? 3.927   -3.261  13.786  1.00 29.72 ? 181 VAL A O   1 
ATOM   1422 C  CB  . VAL A 1 181 ? 1.843   -1.095  12.965  1.00 26.65 ? 181 VAL A CB  1 
ATOM   1423 C  CG1 . VAL A 1 181 ? 2.537   0.033   12.191  1.00 24.50 ? 181 VAL A CG1 1 
ATOM   1424 C  CG2 . VAL A 1 181 ? 0.349   -0.856  13.027  1.00 22.58 ? 181 VAL A CG2 1 
ATOM   1425 N  N   . TYR A 1 182 ? 4.436   -2.845  11.608  1.00 24.66 ? 182 TYR A N   1 
ATOM   1426 C  CA  . TYR A 1 182 ? 5.855   -3.105  11.676  1.00 25.73 ? 182 TYR A CA  1 
ATOM   1427 C  C   . TYR A 1 182 ? 6.567   -1.781  11.311  1.00 30.27 ? 182 TYR A C   1 
ATOM   1428 O  O   . TYR A 1 182 ? 6.046   -1.011  10.489  1.00 26.54 ? 182 TYR A O   1 
ATOM   1429 C  CB  . TYR A 1 182 ? 6.304   -4.213  10.736  1.00 27.97 ? 182 TYR A CB  1 
ATOM   1430 C  CG  . TYR A 1 182 ? 5.708   -5.561  11.039  1.00 28.39 ? 182 TYR A CG  1 
ATOM   1431 C  CD1 . TYR A 1 182 ? 4.404   -5.863  10.633  1.00 24.74 ? 182 TYR A CD1 1 
ATOM   1432 C  CD2 . TYR A 1 182 ? 6.458   -6.547  11.701  1.00 27.07 ? 182 TYR A CD2 1 
ATOM   1433 C  CE1 . TYR A 1 182 ? 3.863   -7.119  10.843  1.00 27.16 ? 182 TYR A CE1 1 
ATOM   1434 C  CE2 . TYR A 1 182 ? 5.915   -7.808  11.929  1.00 28.92 ? 182 TYR A CE2 1 
ATOM   1435 C  CZ  . TYR A 1 182 ? 4.616   -8.089  11.516  1.00 29.29 ? 182 TYR A CZ  1 
ATOM   1436 O  OH  . TYR A 1 182 ? 4.090   -9.315  11.764  1.00 30.69 ? 182 TYR A OH  1 
ATOM   1437 N  N   . GLN A 1 183 ? 7.707   -1.623  11.981  1.00 33.07 ? 183 GLN A N   1 
ATOM   1438 C  CA  . GLN A 1 183 ? 8.491   -0.388  11.851  1.00 35.13 ? 183 GLN A CA  1 
ATOM   1439 C  C   . GLN A 1 183 ? 9.987   -0.655  11.690  1.00 33.61 ? 183 GLN A C   1 
ATOM   1440 O  O   . GLN A 1 183 ? 10.588  -1.415  12.451  1.00 33.33 ? 183 GLN A O   1 
ATOM   1441 C  CB  . GLN A 1 183 ? 8.288   0.512   13.072  1.00 38.30 ? 183 GLN A CB  1 
ATOM   1442 C  CG  . GLN A 1 183 ? 9.092   1.834   12.960  1.00 46.71 ? 183 GLN A CG  1 
ATOM   1443 C  CD  . GLN A 1 183 ? 8.395   2.852   13.855  1.00 51.03 ? 183 GLN A CD  1 
ATOM   1444 O  OE1 . GLN A 1 183 ? 7.310   3.299   13.531  1.00 56.21 ? 183 GLN A OE1 1 
ATOM   1445 N  NE2 . GLN A 1 183 ? 8.962   3.099   15.030  1.00 56.40 ? 183 GLN A NE2 1 
ATOM   1446 N  N   . LYS A 1 184 ? 10.526  0.033   10.706  1.00 36.40 ? 184 LYS A N   1 
ATOM   1447 C  CA  . LYS A 1 184 ? 11.963  -0.023  10.397  1.00 39.71 ? 184 LYS A CA  1 
ATOM   1448 C  C   . LYS A 1 184 ? 12.532  1.393   10.595  1.00 39.83 ? 184 LYS A C   1 
ATOM   1449 O  O   . LYS A 1 184 ? 12.033  2.374   10.023  1.00 34.84 ? 184 LYS A O   1 
ATOM   1450 C  CB  . LYS A 1 184 ? 12.194  -0.464  8.954   1.00 39.65 ? 184 LYS A CB  1 
ATOM   1451 C  CG  . LYS A 1 184 ? 13.619  -0.150  8.455   1.00 34.16 ? 184 LYS A CG  1 
ATOM   1452 C  CD  . LYS A 1 184 ? 13.921  -0.972  7.250   1.00 37.28 ? 184 LYS A CD  1 
ATOM   1453 C  CE  . LYS A 1 184 ? 14.683  -0.269  6.148   1.00 38.43 ? 184 LYS A CE  1 
ATOM   1454 N  NZ  . LYS A 1 184 ? 14.933  -1.293  5.070   1.00 35.88 ? 184 LYS A NZ  1 
ATOM   1455 N  N   . SER A 1 185 ? 13.519  1.435   11.447  1.00 44.43 ? 185 SER A N   1 
ATOM   1456 C  CA  . SER A 1 185 ? 14.220  2.681   11.802  1.00 50.15 ? 185 SER A CA  1 
ATOM   1457 C  C   . SER A 1 185 ? 15.587  2.714   11.143  1.00 52.37 ? 185 SER A C   1 
ATOM   1458 O  O   . SER A 1 185 ? 16.442  1.856   11.398  1.00 54.62 ? 185 SER A O   1 
ATOM   1459 C  CB  . SER A 1 185 ? 14.286  2.880   13.295  1.00 50.60 ? 185 SER A CB  1 
ATOM   1460 O  OG  . SER A 1 185 ? 13.025  3.370   13.759  1.00 56.93 ? 185 SER A OG  1 
ATOM   1461 N  N   . VAL A 1 186 ? 15.745  3.715   10.304  1.00 59.00 ? 186 VAL A N   1 
ATOM   1462 C  CA  . VAL A 1 186 ? 17.002  3.945   9.570   1.00 63.30 ? 186 VAL A CA  1 
ATOM   1463 C  C   . VAL A 1 186 ? 17.684  5.208   10.140  1.00 65.29 ? 186 VAL A C   1 
ATOM   1464 O  O   . VAL A 1 186 ? 18.463  4.968   11.111  1.00 67.20 ? 186 VAL A O   1 
ATOM   1465 C  CB  . VAL A 1 186 ? 16.736  4.039   8.061   1.00 65.29 ? 186 VAL A CB  1 
ATOM   1466 C  CG1 . VAL A 1 186 ? 17.984  3.701   7.245   1.00 66.68 ? 186 VAL A CG1 1 
ATOM   1467 C  CG2 . VAL A 1 186 ? 15.562  3.175   7.621   1.00 67.64 ? 186 VAL A CG2 1 
HETATM 1468 CA CA  . CA  B 2 .   ? 5.660   -6.382  -18.452 0.50 24.98 ? 200 CA  A CA  1 
HETATM 1469 P  PA  . TAP C 3 .   ? 1.965   -5.183  -9.808  1.00 26.86 ? 191 TAP A PA  1 
HETATM 1470 O  O1A . TAP C 3 .   ? 3.072   -4.937  -8.870  1.00 26.12 ? 191 TAP A O1A 1 
HETATM 1471 O  O2A . TAP C 3 .   ? 0.706   -4.423  -9.397  1.00 26.44 ? 191 TAP A O2A 1 
HETATM 1472 O  O5B . TAP C 3 .   ? 2.299   -4.899  -11.376 1.00 30.36 ? 191 TAP A O5B 1 
HETATM 1473 C  C5B . TAP C 3 .   ? 3.483   -5.455  -12.007 1.00 27.37 ? 191 TAP A C5B 1 
HETATM 1474 C  C4B . TAP C 3 .   ? 3.955   -4.497  -13.089 1.00 28.47 ? 191 TAP A C4B 1 
HETATM 1475 O  O4B . TAP C 3 .   ? 4.083   -3.437  -12.598 1.00 29.58 ? 191 TAP A O4B 1 
HETATM 1476 C  C3B . TAP C 3 .   ? 5.345   -4.935  -13.659 1.00 27.77 ? 191 TAP A C3B 1 
HETATM 1477 O  O3B . TAP C 3 .   ? 5.038   -5.790  -14.830 1.00 29.70 ? 191 TAP A O3B 1 
HETATM 1478 C  C2B . TAP C 3 .   ? 5.797   -3.526  -14.119 1.00 28.15 ? 191 TAP A C2B 1 
HETATM 1479 O  O2B . TAP C 3 .   ? 5.105   -3.065  -15.232 1.00 29.88 ? 191 TAP A O2B 1 
HETATM 1480 C  C1B . TAP C 3 .   ? 5.278   -2.711  -12.972 1.00 27.07 ? 191 TAP A C1B 1 
HETATM 1481 N  N9A . TAP C 3 .   ? 6.232   -2.638  -11.849 1.00 28.23 ? 191 TAP A N9A 1 
HETATM 1482 C  C8A . TAP C 3 .   ? 6.137   -3.392  -10.739 1.00 28.07 ? 191 TAP A C8A 1 
HETATM 1483 N  N7A . TAP C 3 .   ? 7.125   -3.102  -9.914  1.00 29.89 ? 191 TAP A N7A 1 
HETATM 1484 C  C5A . TAP C 3 .   ? 7.862   -2.094  -10.659 1.00 25.39 ? 191 TAP A C5A 1 
HETATM 1485 C  C6A . TAP C 3 .   ? 9.141   -1.238  -10.410 1.00 27.29 ? 191 TAP A C6A 1 
HETATM 1486 N  N6A . TAP C 3 .   ? 9.867   -1.328  -9.265  1.00 31.21 ? 191 TAP A N6A 1 
HETATM 1487 N  N1A . TAP C 3 .   ? 9.562   -0.374  -11.354 1.00 28.01 ? 191 TAP A N1A 1 
HETATM 1488 C  C2A . TAP C 3 .   ? 8.783   -0.334  -12.454 1.00 26.21 ? 191 TAP A C2A 1 
HETATM 1489 N  N3A . TAP C 3 .   ? 7.654   -0.981  -12.767 1.00 29.39 ? 191 TAP A N3A 1 
HETATM 1490 C  C4A . TAP C 3 .   ? 7.262   -1.863  -11.813 1.00 27.97 ? 191 TAP A C4A 1 
HETATM 1491 O  O3  . TAP C 3 .   ? 1.528   -6.678  -9.882  1.00 26.28 ? 191 TAP A O3  1 
HETATM 1492 P  PN  . TAP C 3 .   ? 1.319   -7.929  -8.944  1.00 27.15 ? 191 TAP A PN  1 
HETATM 1493 O  O1N . TAP C 3 .   ? 2.396   -8.222  -8.037  1.00 28.96 ? 191 TAP A O1N 1 
HETATM 1494 O  O2N . TAP C 3 .   ? 0.899   -9.102  -9.685  1.00 28.37 ? 191 TAP A O2N 1 
HETATM 1495 O  O5D . TAP C 3 .   ? 0.036   -7.414  -8.066  1.00 25.29 ? 191 TAP A O5D 1 
HETATM 1496 C  C5D . TAP C 3 .   ? -1.290  -7.284  -8.670  1.00 24.96 ? 191 TAP A C5D 1 
HETATM 1497 C  C4D . TAP C 3 .   ? -2.064  -8.505  -8.137  1.00 24.89 ? 191 TAP A C4D 1 
HETATM 1498 O  O4D . TAP C 3 .   ? -1.888  -8.435  -6.695  1.00 25.03 ? 191 TAP A O4D 1 
HETATM 1499 C  C3D . TAP C 3 .   ? -3.663  -8.409  -8.303  1.00 23.55 ? 191 TAP A C3D 1 
HETATM 1500 O  O3D . TAP C 3 .   ? -4.195  -9.741  -7.969  1.00 17.10 ? 191 TAP A O3D 1 
HETATM 1501 C  C2D . TAP C 3 .   ? -3.980  -7.422  -7.149  1.00 25.03 ? 191 TAP A C2D 1 
HETATM 1502 O  O2D . TAP C 3 .   ? -5.336  -7.649  -6.720  1.00 28.17 ? 191 TAP A O2D 1 
HETATM 1503 C  C1D . TAP C 3 .   ? -3.066  -7.905  -6.053  1.00 22.66 ? 191 TAP A C1D 1 
HETATM 1504 N  N1N . TAP C 3 .   ? -2.881  -6.855  -4.961  1.00 24.10 ? 191 TAP A N1N 1 
HETATM 1505 C  C2N . TAP C 3 .   ? -3.296  -7.019  -3.637  1.00 22.55 ? 191 TAP A C2N 1 
HETATM 1506 C  C3N . TAP C 3 .   ? -3.071  -6.088  -2.701  1.00 23.29 ? 191 TAP A C3N 1 
HETATM 1507 C  C7N . TAP C 3 .   ? -3.511  -6.410  -1.338  1.00 28.22 ? 191 TAP A C7N 1 
HETATM 1508 S  S7N . TAP C 3 .   ? -3.731  -5.184  -0.298  1.00 39.36 ? 191 TAP A S7N 1 
HETATM 1509 N  N7N . TAP C 3 .   ? -3.680  -7.642  -0.906  1.00 23.29 ? 191 TAP A N7N 1 
HETATM 1510 C  C4N . TAP C 3 .   ? -2.314  -4.759  -2.982  1.00 21.55 ? 191 TAP A C4N 1 
HETATM 1511 C  C5N . TAP C 3 .   ? -1.900  -4.713  -4.439  1.00 20.97 ? 191 TAP A C5N 1 
HETATM 1512 C  C6N . TAP C 3 .   ? -2.155  -5.692  -5.309  1.00 23.59 ? 191 TAP A C6N 1 
HETATM 1513 P  P2B . TAP C 3 .   ? 5.667   -3.247  -16.707 1.00 33.26 ? 191 TAP A P2B 1 
HETATM 1514 O  O1X . TAP C 3 .   ? 4.779   -2.456  -17.651 1.00 28.86 ? 191 TAP A O1X 1 
HETATM 1515 O  O2X . TAP C 3 .   ? 7.036   -2.655  -16.562 1.00 32.93 ? 191 TAP A O2X 1 
HETATM 1516 O  O3X . TAP C 3 .   ? 5.673   -4.712  -16.986 1.00 24.99 ? 191 TAP A O3X 1 
HETATM 1517 O  O   . HOH D 4 .   ? 14.532  7.847   6.941   1.00 54.90 ? 202 HOH A O   1 
HETATM 1518 O  O   . HOH D 4 .   ? 5.031   8.711   7.732   1.00 56.82 ? 203 HOH A O   1 
HETATM 1519 O  O   . HOH D 4 .   ? 6.215   6.315   8.240   1.00 48.61 ? 205 HOH A O   1 
HETATM 1520 O  O   . HOH D 4 .   ? -3.487  -12.178 -9.353  1.00 24.75 ? 220 HOH A O   1 
HETATM 1521 O  O   . HOH D 4 .   ? -5.501  -3.115  4.370   1.00 57.22 ? 229 HOH A O   1 
HETATM 1522 O  O   . HOH D 4 .   ? -9.565  -7.017  1.543   1.00 45.86 ? 230 HOH A O   1 
HETATM 1523 O  O   . HOH D 4 .   ? -2.512  -2.633  9.891   1.00 30.39 ? 233 HOH A O   1 
HETATM 1524 O  O   . HOH D 4 .   ? -3.146  8.518   7.335   1.00 35.74 ? 240 HOH A O   1 
HETATM 1525 O  O   . HOH D 4 .   ? -6.253  3.625   -16.879 1.00 39.03 ? 257 HOH A O   1 
HETATM 1526 O  O   . HOH D 4 .   ? -11.709 6.298   -5.712  1.00 68.30 ? 265 HOH A O   1 
HETATM 1527 O  O   . HOH D 4 .   ? 7.831   -6.133  -18.306 1.00 35.23 ? 278 HOH A O   1 
HETATM 1528 O  O   . HOH D 4 .   ? 8.000   3.717   -18.619 1.00 51.04 ? 279 HOH A O   1 
HETATM 1529 O  O   . HOH D 4 .   ? 10.187  7.694   -14.453 1.00 50.46 ? 295 HOH A O   1 
HETATM 1530 O  O   . HOH D 4 .   ? 4.200   -10.710 -8.155  1.00 63.34 ? 318 HOH A O   1 
HETATM 1531 O  O   . HOH D 4 .   ? 12.525  1.190   3.763   1.00 42.23 ? 330 HOH A O   1 
HETATM 1532 O  O   . HOH D 4 .   ? -3.166  -3.386  7.214   1.00 34.41 ? 335 HOH A O   1 
HETATM 1533 O  O   . HOH D 4 .   ? -6.299  -21.364 8.878   1.00 73.68 ? 339 HOH A O   1 
HETATM 1534 O  O   . HOH D 4 .   ? -8.968  -17.418 -4.054  1.00 41.07 ? 342 HOH A O   1 
HETATM 1535 O  O   . HOH D 4 .   ? 3.987   -13.150 -6.254  1.00 44.97 ? 346 HOH A O   1 
HETATM 1536 O  O   . HOH D 4 .   ? 0.735   -3.772  16.127  1.00 45.62 ? 358 HOH A O   1 
HETATM 1537 O  O   . HOH D 4 .   ? -3.014  0.400   19.209  1.00 62.45 ? 365 HOH A O   1 
HETATM 1538 O  O   . HOH D 4 .   ? -6.317  -6.232  15.248  1.00 30.32 ? 367 HOH A O   1 
HETATM 1539 O  O   . HOH D 4 .   ? 15.242  -6.605  3.664   1.00 68.82 ? 383 HOH A O   1 
HETATM 1540 O  O   . HOH D 4 .   ? 4.882   -6.940  -8.775  1.00 21.72 ? 392 HOH A O   1 
HETATM 1541 O  O   . HOH D 4 .   ? 9.284   -4.684  -16.524 1.00 55.28 ? 393 HOH A O   1 
HETATM 1542 O  O   . HOH D 4 .   ? -12.154 -8.723  -1.905  1.00 58.29 ? 424 HOH A O   1 
HETATM 1543 O  O   . HOH D 4 .   ? -12.273 -6.184  0.965   1.00 51.87 ? 427 HOH A O   1 
HETATM 1544 O  O   . HOH D 4 .   ? -5.157  12.389  0.981   1.00 34.56 ? 440 HOH A O   1 
HETATM 1545 O  O   . HOH D 4 .   ? -12.629 -1.838  -14.604 1.00 59.42 ? 463 HOH A O   1 
HETATM 1546 O  O   . HOH D 4 .   ? 12.378  0.472   -8.929  1.00 54.98 ? 493 HOH A O   1 
HETATM 1547 O  O   . HOH D 4 .   ? 12.535  -6.691  4.090   1.00 47.87 ? 551 HOH A O   1 
HETATM 1548 O  O   . HOH D 4 .   ? 17.844  -1.503  4.446   1.00 59.56 ? 584 HOH A O   1 
HETATM 1549 O  O   . HOH D 4 .   ? 14.840  -1.090  11.986  1.00 57.33 ? 585 HOH A O   1 
HETATM 1550 O  O   . HOH D 4 .   ? 5.917   -7.828  -10.817 1.00 56.66 ? 601 HOH A O   1 
HETATM 1551 O  O   . HOH D 4 .   ? 15.233  -1.133  -3.747  1.00 57.94 ? 602 HOH A O   1 
HETATM 1552 O  O   . HOH D 4 .   ? -0.525  -13.879 7.517   1.00 72.75 ? 603 HOH A O   1 
HETATM 1553 O  O   . HOH D 4 .   ? -8.074  -21.306 6.163   1.00 57.60 ? 604 HOH A O   1 
HETATM 1554 O  O   . HOH D 4 .   ? -18.902 -12.237 11.225  1.00 56.50 ? 605 HOH A O   1 
HETATM 1555 O  O   . HOH D 4 .   ? -3.108  -7.594  16.668  1.00 49.11 ? 606 HOH A O   1 
HETATM 1556 O  O   . HOH D 4 .   ? -4.303  -18.584 -10.735 1.00 59.95 ? 607 HOH A O   1 
HETATM 1557 O  O   . HOH D 4 .   ? 14.947  -4.040  5.466   1.00 53.64 ? 608 HOH A O   1 
HETATM 1558 O  O   . HOH D 4 .   ? -14.859 -7.099  14.744  1.00 61.37 ? 609 HOH A O   1 
HETATM 1559 O  O   . HOH D 4 .   ? 11.604  -4.802  -6.756  1.00 62.54 ? 610 HOH A O   1 
HETATM 1560 O  O   . HOH D 4 .   ? -7.269  11.811  -6.650  1.00 65.58 ? 611 HOH A O   1 
HETATM 1561 O  O   . HOH D 4 .   ? 6.956   -11.813 4.997   1.00 56.62 ? 612 HOH A O   1 
HETATM 1562 O  O   . HOH D 4 .   ? -1.300  -11.410 -10.224 1.00 75.85 ? 613 HOH A O   1 
HETATM 1563 O  O   . HOH D 4 .   ? 3.628   11.242  -15.553 1.00 57.60 ? 615 HOH A O   1 
HETATM 1564 O  O   . HOH D 4 .   ? 5.557   9.205   4.156   1.00 49.59 ? 617 HOH A O   1 
HETATM 1565 O  O   . HOH D 4 .   ? 11.983  0.219   14.766  1.00 57.49 ? 619 HOH A O   1 
HETATM 1566 O  O   . HOH D 4 .   ? 5.104   -1.311  20.702  1.00 71.13 ? 620 HOH A O   1 
HETATM 1567 O  O   . HOH D 4 .   ? 13.806  15.722  -6.986  1.00 66.29 ? 621 HOH A O   1 
HETATM 1568 O  O   . HOH D 4 .   ? 5.298   -12.030 7.929   1.00 54.47 ? 622 HOH A O   1 
HETATM 1569 O  O   . HOH D 4 .   ? -2.501  -19.922 -3.011  1.00 72.82 ? 623 HOH A O   1 
HETATM 1570 O  O   . HOH D 4 .   ? 1.197   13.280  7.722   1.00 68.46 ? 625 HOH A O   1 
HETATM 1571 O  O   . HOH D 4 .   ? -10.775 -3.927  -13.370 1.00 54.87 ? 630 HOH A O   1 
HETATM 1572 O  O   . HOH D 4 .   ? 8.213   9.791   -13.024 1.00 64.82 ? 637 HOH A O   1 
HETATM 1573 O  O   . HOH D 4 .   ? 13.973  0.736   -6.329  1.00 54.01 ? 644 HOH A O   1 
HETATM 1574 O  O   . HOH D 4 .   ? 9.989   -8.080  13.734  1.00 52.15 ? 647 HOH A O   1 
HETATM 1575 O  O   . HOH D 4 .   ? -6.424  -5.102  -6.180  1.00 44.32 ? 648 HOH A O   1 
HETATM 1576 O  O   . HOH D 4 .   ? 1.190   13.595  -15.765 1.00 76.10 ? 652 HOH A O   1 
HETATM 1577 O  O   . HOH D 4 .   ? -3.810  17.729  8.571   1.00 74.75 ? 653 HOH A O   1 
HETATM 1578 O  O   . HOH D 4 .   ? -16.302 1.285   -10.631 1.00 65.00 ? 655 HOH A O   1 
HETATM 1579 O  O   . HOH D 4 .   ? -7.997  -3.749  0.385   1.00 58.94 ? 677 HOH A O   1 
HETATM 1580 O  O   . HOH D 4 .   ? 8.175   -6.636  -15.603 1.00 66.11 ? 731 HOH A O   1 
HETATM 1581 O  O   . HOH D 4 .   ? -4.769  10.701  -16.908 1.00 69.16 ? 732 HOH A O   1 
HETATM 1582 O  O   . HOH D 4 .   ? 15.876  6.541   11.933  1.00 64.33 ? 734 HOH A O   1 
HETATM 1583 O  O   . HOH D 4 .   ? -19.115 -5.544  7.770   1.00 68.98 ? 736 HOH A O   1 
HETATM 1584 O  O   . HOH D 4 .   ? -8.952  -5.257  -6.803  1.00 62.78 ? 737 HOH A O   1 
HETATM 1585 O  O   . HOH D 4 .   ? 19.768  -4.338  11.538  1.00 76.45 ? 743 HOH A O   1 
HETATM 1586 O  O   . HOH D 4 .   ? 2.729   -9.476  -11.641 1.00 71.55 ? 746 HOH A O   1 
HETATM 1587 O  O   . HOH D 4 .   ? 6.403   -14.888 1.571   1.00 66.10 ? 749 HOH A O   1 
HETATM 1588 O  O   . HOH D 4 .   ? -11.607 3.515   -21.146 1.00 71.88 ? 750 HOH A O   1 
HETATM 1589 O  O   . HOH D 4 .   ? 14.396  -8.234  -0.008  1.00 69.04 ? 758 HOH A O   1 
# 
